data_6OJA
#
_entry.id   6OJA
#
_cell.length_a   79.580
_cell.length_b   87.650
_cell.length_c   91.626
_cell.angle_alpha   114.700
_cell.angle_beta   104.410
_cell.angle_gamma   105.240
#
_symmetry.space_group_name_H-M   'P 1'
#
loop_
_entity.id
_entity.type
_entity.pdbx_description
1 polymer Lipoprotein
2 non-polymer METHIONINE
3 water water
#
_entity_poly.entity_id   1
_entity_poly.type   'polypeptide(L)'
_entity_poly.pdbx_seq_one_letter_code
;KHMKEIVFGTTVGDFGDMVKEQIQAELEKKGYTVKLVEFTDYVRPNLALAEGELDINVFQHKPYLDDFKKEHNLDITEVF
QVPTAPLGLYPGKLKSLEEVKDGSTVSAPNDPSNFARVLVMLDELGWIKLKDGINPLTASKADIAENLKNIKIVELEAAQ
LPRSRADVDFAVVNGNYAISSGMKLTEALFQEPSFAYVNWSAVKTADKDSQWLKDVTEAYNSDAFKAYAHKRFEGYKSPA
AWNEGAAK
;
_entity_poly.pdbx_strand_id   A,B,C,D,E,F
#
# COMPACT_ATOMS: atom_id res chain seq x y z
N LYS A 4 10.42 -8.64 -6.92
CA LYS A 4 9.53 -7.92 -7.81
C LYS A 4 8.15 -8.57 -7.77
N GLU A 5 7.14 -7.73 -7.64
CA GLU A 5 5.76 -8.18 -7.67
C GLU A 5 5.21 -8.00 -9.08
N ILE A 6 4.70 -9.08 -9.65
CA ILE A 6 4.08 -9.04 -10.98
C ILE A 6 2.59 -9.01 -10.78
N VAL A 7 1.95 -7.98 -11.34
CA VAL A 7 0.51 -7.77 -11.20
C VAL A 7 -0.14 -8.23 -12.51
N PHE A 8 -0.89 -9.31 -12.39
CA PHE A 8 -1.71 -9.88 -13.48
C PHE A 8 -3.11 -9.28 -13.43
N GLY A 9 -3.66 -9.02 -14.63
CA GLY A 9 -5.08 -8.80 -14.78
C GLY A 9 -5.69 -9.81 -15.74
N THR A 10 -6.79 -10.43 -15.34
CA THR A 10 -7.48 -11.41 -16.17
C THR A 10 -8.97 -11.14 -16.07
N THR A 11 -9.75 -11.75 -16.99
CA THR A 11 -11.16 -11.89 -16.70
C THR A 11 -11.40 -12.91 -15.58
N VAL A 12 -12.58 -12.84 -14.96
CA VAL A 12 -12.91 -13.82 -13.90
C VAL A 12 -12.91 -15.22 -14.49
N GLY A 13 -12.67 -16.20 -13.64
CA GLY A 13 -12.80 -17.60 -14.03
C GLY A 13 -11.49 -18.17 -14.55
N ASP A 14 -11.54 -18.77 -15.74
CA ASP A 14 -10.49 -19.69 -16.16
C ASP A 14 -9.11 -19.05 -16.19
N PHE A 15 -8.98 -17.86 -16.79
CA PHE A 15 -7.64 -17.28 -16.91
C PHE A 15 -7.05 -16.89 -15.56
N GLY A 16 -7.90 -16.52 -14.60
CA GLY A 16 -7.42 -16.25 -13.25
C GLY A 16 -7.04 -17.52 -12.52
N ASP A 17 -7.79 -18.60 -12.75
CA ASP A 17 -7.46 -19.88 -12.14
C ASP A 17 -6.10 -20.38 -12.61
N MET A 18 -5.76 -20.15 -13.89
CA MET A 18 -4.44 -20.52 -14.36
C MET A 18 -3.37 -19.86 -13.52
N VAL A 19 -3.55 -18.58 -13.20
CA VAL A 19 -2.56 -17.88 -12.39
C VAL A 19 -2.51 -18.50 -10.99
N LYS A 20 -3.66 -18.60 -10.34
CA LYS A 20 -3.67 -19.02 -8.94
C LYS A 20 -3.28 -20.48 -8.77
N GLU A 21 -3.65 -21.34 -9.72
CA GLU A 21 -3.44 -22.79 -9.53
C GLU A 21 -2.11 -23.30 -10.05
N GLN A 22 -1.41 -22.55 -10.90
CA GLN A 22 -0.21 -23.06 -11.52
C GLN A 22 0.89 -21.99 -11.70
N ILE A 23 0.57 -20.89 -12.37
CA ILE A 23 1.60 -19.91 -12.71
C ILE A 23 2.21 -19.26 -11.47
N GLN A 24 1.39 -18.87 -10.50
CA GLN A 24 1.88 -18.15 -9.35
C GLN A 24 2.98 -18.94 -8.63
N ALA A 25 2.77 -20.23 -8.40
CA ALA A 25 3.78 -21.01 -7.70
C ALA A 25 5.05 -21.12 -8.51
N GLU A 26 4.94 -21.28 -9.84
CA GLU A 26 6.14 -21.32 -10.68
C GLU A 26 6.94 -20.04 -10.54
N LEU A 27 6.25 -18.89 -10.51
CA LEU A 27 6.97 -17.64 -10.40
C LEU A 27 7.51 -17.42 -9.00
N GLU A 28 6.80 -17.90 -7.97
CA GLU A 28 7.30 -17.72 -6.61
C GLU A 28 8.59 -18.50 -6.40
N LYS A 29 8.76 -19.61 -7.12
CA LYS A 29 10.00 -20.38 -7.03
C LYS A 29 11.19 -19.56 -7.54
N LYS A 30 10.96 -18.62 -8.43
CA LYS A 30 12.00 -17.76 -8.95
C LYS A 30 12.15 -16.46 -8.17
N GLY A 31 11.39 -16.30 -7.07
CA GLY A 31 11.56 -15.17 -6.19
C GLY A 31 10.56 -14.05 -6.37
N TYR A 32 9.66 -14.18 -7.34
CA TYR A 32 8.64 -13.17 -7.54
C TYR A 32 7.50 -13.33 -6.55
N THR A 33 6.79 -12.24 -6.28
CA THR A 33 5.44 -12.34 -5.78
C THR A 33 4.48 -11.95 -6.90
N VAL A 34 3.24 -12.36 -6.71
CA VAL A 34 2.22 -12.27 -7.75
C VAL A 34 0.97 -11.68 -7.12
N LYS A 35 0.34 -10.75 -7.83
CA LYS A 35 -0.94 -10.20 -7.47
C LYS A 35 -1.85 -10.42 -8.66
N LEU A 36 -3.10 -10.81 -8.42
CA LEU A 36 -4.08 -11.02 -9.48
C LEU A 36 -5.25 -10.06 -9.28
N VAL A 37 -5.62 -9.37 -10.35
CA VAL A 37 -6.79 -8.52 -10.40
C VAL A 37 -7.70 -9.11 -11.47
N GLU A 38 -8.94 -9.39 -11.11
CA GLU A 38 -9.89 -9.98 -12.07
C GLU A 38 -10.92 -8.94 -12.47
N PHE A 39 -11.28 -8.97 -13.74
CA PHE A 39 -12.20 -8.01 -14.36
C PHE A 39 -13.41 -8.75 -14.89
N THR A 40 -14.57 -8.10 -14.84
CA THR A 40 -15.75 -8.74 -15.39
C THR A 40 -16.00 -8.33 -16.83
N ASP A 41 -15.29 -7.33 -17.32
CA ASP A 41 -15.53 -6.73 -18.61
C ASP A 41 -14.29 -6.82 -19.50
N TYR A 42 -14.44 -6.40 -20.75
CA TYR A 42 -13.35 -6.42 -21.71
C TYR A 42 -12.69 -5.06 -21.96
N VAL A 43 -13.22 -3.98 -21.40
CA VAL A 43 -12.70 -2.65 -21.72
C VAL A 43 -11.64 -2.21 -20.73
N ARG A 44 -11.84 -2.46 -19.45
CA ARG A 44 -10.91 -1.95 -18.45
C ARG A 44 -9.52 -2.60 -18.50
N PRO A 45 -9.36 -3.90 -18.76
CA PRO A 45 -8.02 -4.48 -18.56
C PRO A 45 -6.89 -3.83 -19.35
N ASN A 46 -7.10 -3.49 -20.62
CA ASN A 46 -6.02 -2.87 -21.37
C ASN A 46 -5.75 -1.45 -20.91
N LEU A 47 -6.76 -0.77 -20.36
CA LEU A 47 -6.57 0.60 -19.87
C LEU A 47 -5.79 0.54 -18.57
N ALA A 48 -6.10 -0.44 -17.71
CA ALA A 48 -5.35 -0.65 -16.47
C ALA A 48 -3.91 -1.01 -16.76
N LEU A 49 -3.68 -1.83 -17.77
CA LEU A 49 -2.33 -2.19 -18.19
C LEU A 49 -1.56 -0.95 -18.67
N ALA A 50 -2.17 -0.16 -19.57
CA ALA A 50 -1.47 0.98 -20.15
C ALA A 50 -1.17 2.04 -19.09
N GLU A 51 -2.00 2.14 -18.07
CA GLU A 51 -1.79 3.10 -16.98
C GLU A 51 -0.86 2.57 -15.89
N GLY A 52 -0.35 1.35 -16.01
CA GLY A 52 0.58 0.83 -15.02
C GLY A 52 -0.06 0.21 -13.79
N GLU A 53 -1.38 0.01 -13.80
CA GLU A 53 -2.02 -0.68 -12.70
C GLU A 53 -1.84 -2.17 -12.81
N LEU A 54 -1.46 -2.66 -13.98
CA LEU A 54 -1.13 -4.06 -14.21
C LEU A 54 0.19 -4.11 -14.95
N ASP A 55 0.95 -5.18 -14.73
CA ASP A 55 2.12 -5.47 -15.55
C ASP A 55 1.78 -6.31 -16.77
N ILE A 56 0.76 -7.16 -16.69
CA ILE A 56 0.41 -8.06 -17.77
C ILE A 56 -1.06 -8.37 -17.65
N ASN A 57 -1.74 -8.54 -18.79
CA ASN A 57 -3.10 -9.04 -18.73
C ASN A 57 -3.25 -10.24 -19.66
N VAL A 58 -4.21 -11.08 -19.32
CA VAL A 58 -4.52 -12.28 -20.08
C VAL A 58 -6.03 -12.37 -20.19
N PHE A 59 -6.59 -11.95 -21.33
CA PHE A 59 -8.04 -11.97 -21.45
C PHE A 59 -8.55 -11.82 -22.87
N GLN A 60 -7.70 -11.58 -23.86
CA GLN A 60 -8.19 -11.14 -25.16
C GLN A 60 -7.50 -11.88 -26.29
N HIS A 61 -8.14 -11.86 -27.47
CA HIS A 61 -7.47 -12.33 -28.68
C HIS A 61 -6.82 -11.15 -29.42
N LYS A 62 -6.02 -11.50 -30.42
CA LYS A 62 -5.23 -10.48 -31.08
C LYS A 62 -6.08 -9.54 -31.93
N PRO A 63 -7.10 -10.01 -32.66
CA PRO A 63 -7.96 -9.03 -33.35
C PRO A 63 -8.54 -8.01 -32.39
N TYR A 64 -8.98 -8.43 -31.21
CA TYR A 64 -9.48 -7.47 -30.24
C TYR A 64 -8.39 -6.49 -29.83
N LEU A 65 -7.20 -7.01 -29.49
CA LEU A 65 -6.09 -6.18 -29.04
C LEU A 65 -5.66 -5.20 -30.12
N ASP A 66 -5.49 -5.68 -31.36
CA ASP A 66 -5.07 -4.78 -32.43
C ASP A 66 -6.03 -3.61 -32.59
N ASP A 67 -7.33 -3.89 -32.54
CA ASP A 67 -8.33 -2.85 -32.70
C ASP A 67 -8.35 -1.93 -31.49
N PHE A 68 -8.30 -2.51 -30.30
CA PHE A 68 -8.42 -1.73 -29.08
C PHE A 68 -7.23 -0.79 -28.90
N LYS A 69 -6.00 -1.30 -29.10
CA LYS A 69 -4.83 -0.47 -28.85
C LYS A 69 -4.73 0.65 -29.88
N LYS A 70 -5.21 0.44 -31.09
CA LYS A 70 -5.18 1.49 -32.09
C LYS A 70 -6.25 2.53 -31.80
N GLU A 71 -7.46 2.09 -31.51
CA GLU A 71 -8.55 3.02 -31.23
C GLU A 71 -8.23 3.92 -30.03
N HIS A 72 -7.65 3.34 -28.96
CA HIS A 72 -7.46 4.08 -27.73
C HIS A 72 -6.02 4.54 -27.50
N ASN A 73 -5.15 4.41 -28.51
CA ASN A 73 -3.77 4.90 -28.49
C ASN A 73 -2.98 4.36 -27.29
N LEU A 74 -2.93 3.03 -27.20
CA LEU A 74 -2.23 2.35 -26.12
C LEU A 74 -0.96 1.66 -26.64
N ASP A 75 0.15 1.90 -25.96
CA ASP A 75 1.44 1.36 -26.38
C ASP A 75 1.66 0.02 -25.67
N ILE A 76 0.92 -0.97 -26.16
CA ILE A 76 0.86 -2.31 -25.59
C ILE A 76 0.99 -3.30 -26.74
N THR A 77 1.32 -4.55 -26.40
CA THR A 77 1.62 -5.53 -27.42
C THR A 77 1.40 -6.92 -26.83
N GLU A 78 1.12 -7.87 -27.71
CA GLU A 78 0.93 -9.26 -27.33
C GLU A 78 2.28 -9.92 -27.10
N VAL A 79 2.26 -11.01 -26.32
CA VAL A 79 3.51 -11.69 -25.97
C VAL A 79 3.43 -13.18 -26.28
N PHE A 80 2.54 -13.91 -25.60
CA PHE A 80 2.39 -15.34 -25.83
C PHE A 80 0.91 -15.72 -25.73
N GLN A 81 0.58 -16.85 -26.34
CA GLN A 81 -0.77 -17.34 -26.30
C GLN A 81 -1.00 -18.25 -25.09
N VAL A 82 -2.28 -18.42 -24.75
CA VAL A 82 -2.73 -19.22 -23.62
C VAL A 82 -3.85 -20.13 -24.08
N PRO A 83 -4.02 -21.29 -23.43
CA PRO A 83 -5.21 -22.10 -23.71
C PRO A 83 -6.50 -21.31 -23.53
N THR A 84 -7.42 -21.45 -24.49
CA THR A 84 -8.56 -20.54 -24.65
C THR A 84 -9.86 -21.31 -24.86
N ALA A 85 -10.86 -20.96 -24.05
CA ALA A 85 -12.20 -21.51 -24.25
C ALA A 85 -12.77 -21.02 -25.59
N PRO A 86 -13.23 -21.92 -26.45
CA PRO A 86 -13.70 -21.52 -27.78
C PRO A 86 -15.07 -20.85 -27.74
N LEU A 87 -15.38 -20.23 -28.87
CA LEU A 87 -16.65 -19.57 -29.08
C LEU A 87 -17.68 -20.59 -29.54
N GLY A 88 -18.89 -20.49 -29.00
CA GLY A 88 -19.94 -21.42 -29.40
C GLY A 88 -21.26 -20.68 -29.57
N LEU A 89 -22.13 -21.31 -30.37
CA LEU A 89 -23.53 -20.93 -30.48
C LEU A 89 -24.29 -21.91 -29.61
N TYR A 90 -25.04 -21.39 -28.65
CA TYR A 90 -25.68 -22.18 -27.64
C TYR A 90 -27.19 -22.08 -27.74
N PRO A 91 -27.90 -23.09 -27.27
CA PRO A 91 -29.36 -23.00 -27.25
C PRO A 91 -29.85 -21.86 -26.36
N GLY A 92 -30.85 -21.15 -26.85
CA GLY A 92 -31.60 -20.20 -26.05
C GLY A 92 -33.02 -20.73 -25.92
N LYS A 93 -33.97 -20.01 -26.47
CA LYS A 93 -35.34 -20.50 -26.51
C LYS A 93 -35.48 -21.71 -27.42
N LEU A 94 -34.66 -21.80 -28.47
CA LEU A 94 -34.64 -22.94 -29.36
C LEU A 94 -33.45 -23.82 -29.04
N LYS A 95 -33.60 -25.13 -29.23
CA LYS A 95 -32.67 -26.08 -28.64
C LYS A 95 -31.84 -26.84 -29.66
N SER A 96 -32.06 -26.65 -30.95
CA SER A 96 -31.28 -27.33 -31.96
C SER A 96 -31.20 -26.44 -33.20
N LEU A 97 -30.15 -26.65 -33.98
CA LEU A 97 -29.95 -25.83 -35.17
C LEU A 97 -31.10 -26.00 -36.15
N GLU A 98 -31.66 -27.21 -36.20
CA GLU A 98 -32.70 -27.53 -37.16
C GLU A 98 -33.99 -26.74 -36.88
N GLU A 99 -34.11 -26.18 -35.69
CA GLU A 99 -35.29 -25.41 -35.30
C GLU A 99 -35.24 -23.96 -35.72
N VAL A 100 -34.14 -23.51 -36.33
CA VAL A 100 -34.05 -22.13 -36.75
C VAL A 100 -35.18 -21.84 -37.73
N LYS A 101 -35.77 -20.66 -37.60
CA LYS A 101 -36.84 -20.21 -38.49
C LYS A 101 -36.48 -18.86 -39.08
N ASP A 102 -37.21 -18.50 -40.14
CA ASP A 102 -37.13 -17.13 -40.63
C ASP A 102 -37.37 -16.17 -39.48
N GLY A 103 -36.46 -15.22 -39.30
CA GLY A 103 -36.58 -14.25 -38.24
C GLY A 103 -36.11 -14.68 -36.88
N SER A 104 -35.48 -15.85 -36.76
CA SER A 104 -34.94 -16.28 -35.47
C SER A 104 -33.97 -15.25 -34.93
N THR A 105 -33.92 -15.13 -33.61
CA THR A 105 -33.05 -14.18 -32.94
C THR A 105 -31.78 -14.87 -32.49
N VAL A 106 -30.65 -14.19 -32.70
CA VAL A 106 -29.34 -14.67 -32.26
C VAL A 106 -28.66 -13.52 -31.52
N SER A 107 -28.28 -13.74 -30.26
CA SER A 107 -27.57 -12.69 -29.54
C SER A 107 -26.08 -12.78 -29.86
N ALA A 108 -25.42 -11.63 -29.86
CA ALA A 108 -24.04 -11.52 -30.29
C ALA A 108 -23.35 -10.43 -29.50
N PRO A 109 -22.04 -10.51 -29.31
CA PRO A 109 -21.31 -9.39 -28.70
C PRO A 109 -21.34 -8.16 -29.58
N ASN A 110 -21.29 -7.00 -28.94
CA ASN A 110 -21.50 -5.73 -29.62
C ASN A 110 -20.20 -5.00 -29.93
N ASP A 111 -19.06 -5.61 -29.69
CA ASP A 111 -17.81 -4.99 -30.03
C ASP A 111 -17.33 -5.53 -31.38
N PRO A 112 -16.59 -4.75 -32.16
CA PRO A 112 -16.44 -5.11 -33.59
C PRO A 112 -15.67 -6.40 -33.87
N SER A 113 -14.60 -6.70 -33.14
CA SER A 113 -13.83 -7.90 -33.48
C SER A 113 -14.57 -9.17 -33.08
N ASN A 114 -15.34 -9.15 -31.98
CA ASN A 114 -16.12 -10.32 -31.59
C ASN A 114 -17.41 -10.42 -32.40
N PHE A 115 -17.99 -9.29 -32.81
CA PHE A 115 -19.16 -9.34 -33.67
C PHE A 115 -18.82 -10.01 -35.01
N ALA A 116 -17.66 -9.69 -35.58
CA ALA A 116 -17.23 -10.32 -36.81
C ALA A 116 -17.28 -11.84 -36.73
N ARG A 117 -16.89 -12.38 -35.58
CA ARG A 117 -16.89 -13.84 -35.39
C ARG A 117 -18.27 -14.41 -35.53
N VAL A 118 -19.28 -13.67 -35.08
CA VAL A 118 -20.66 -14.13 -35.17
C VAL A 118 -21.12 -14.17 -36.61
N LEU A 119 -20.80 -13.12 -37.37
CA LEU A 119 -21.17 -13.12 -38.79
C LEU A 119 -20.50 -14.28 -39.52
N VAL A 120 -19.23 -14.56 -39.22
CA VAL A 120 -18.56 -15.68 -39.87
C VAL A 120 -19.23 -17.00 -39.49
N MET A 121 -19.61 -17.15 -38.20
CA MET A 121 -20.31 -18.35 -37.77
C MET A 121 -21.66 -18.51 -38.47
N LEU A 122 -22.44 -17.43 -38.54
CA LEU A 122 -23.74 -17.52 -39.20
C LEU A 122 -23.59 -17.89 -40.67
N ASP A 123 -22.55 -17.41 -41.33
CA ASP A 123 -22.29 -17.79 -42.71
C ASP A 123 -21.93 -19.27 -42.80
N GLU A 124 -21.15 -19.78 -41.84
CA GLU A 124 -20.79 -21.18 -41.84
C GLU A 124 -22.01 -22.08 -41.67
N LEU A 125 -22.98 -21.60 -40.90
CA LEU A 125 -24.22 -22.33 -40.68
C LEU A 125 -25.19 -22.23 -41.86
N GLY A 126 -24.92 -21.35 -42.81
CA GLY A 126 -25.85 -21.12 -43.89
C GLY A 126 -27.04 -20.26 -43.52
N TRP A 127 -26.98 -19.54 -42.40
CA TRP A 127 -28.09 -18.67 -42.00
C TRP A 127 -28.00 -17.28 -42.60
N ILE A 128 -26.79 -16.82 -42.95
CA ILE A 128 -26.58 -15.64 -43.77
C ILE A 128 -25.53 -16.04 -44.80
N LYS A 129 -25.35 -15.16 -45.78
CA LYS A 129 -24.29 -15.29 -46.77
C LYS A 129 -23.47 -14.02 -46.75
N LEU A 130 -22.17 -14.15 -46.48
CA LEU A 130 -21.27 -13.01 -46.56
C LEU A 130 -20.76 -12.84 -47.99
N LYS A 131 -20.41 -11.59 -48.31
CA LYS A 131 -19.79 -11.27 -49.58
C LYS A 131 -18.46 -12.01 -49.73
N ASP A 132 -18.10 -12.24 -50.99
CA ASP A 132 -16.83 -12.89 -51.31
C ASP A 132 -15.66 -11.97 -51.04
N GLY A 133 -14.52 -12.58 -50.70
CA GLY A 133 -13.27 -11.85 -50.63
C GLY A 133 -13.14 -10.83 -49.52
N ILE A 134 -13.92 -10.95 -48.45
CA ILE A 134 -13.82 -9.98 -47.37
C ILE A 134 -12.72 -10.39 -46.39
N ASN A 135 -12.35 -9.46 -45.52
CA ASN A 135 -11.48 -9.76 -44.38
C ASN A 135 -12.33 -10.35 -43.27
N PRO A 136 -12.16 -11.64 -42.93
CA PRO A 136 -13.05 -12.25 -41.93
C PRO A 136 -12.89 -11.61 -40.56
N LEU A 137 -11.72 -11.04 -40.26
CA LEU A 137 -11.49 -10.48 -38.94
C LEU A 137 -12.26 -9.19 -38.73
N THR A 138 -12.71 -8.53 -39.80
CA THR A 138 -13.45 -7.30 -39.66
C THR A 138 -14.84 -7.40 -40.27
N ALA A 139 -15.36 -8.62 -40.43
CA ALA A 139 -16.68 -8.79 -41.01
C ALA A 139 -17.71 -7.96 -40.26
N SER A 140 -18.51 -7.21 -41.03
CA SER A 140 -19.47 -6.28 -40.45
C SER A 140 -20.77 -6.41 -41.23
N LYS A 141 -21.81 -5.71 -40.75
CA LYS A 141 -23.11 -5.81 -41.42
C LYS A 141 -23.02 -5.44 -42.88
N ALA A 142 -22.15 -4.48 -43.24
CA ALA A 142 -21.99 -4.10 -44.63
C ALA A 142 -21.48 -5.25 -45.49
N ASP A 143 -20.84 -6.25 -44.89
CA ASP A 143 -20.33 -7.39 -45.65
C ASP A 143 -21.36 -8.48 -45.88
N ILE A 144 -22.58 -8.33 -45.37
CA ILE A 144 -23.62 -9.34 -45.58
C ILE A 144 -24.18 -9.18 -46.99
N ALA A 145 -24.00 -10.22 -47.80
CA ALA A 145 -24.58 -10.23 -49.14
C ALA A 145 -26.07 -10.50 -49.08
N GLU A 146 -26.47 -11.48 -48.28
CA GLU A 146 -27.88 -11.82 -48.14
C GLU A 146 -28.12 -12.39 -46.74
N ASN A 147 -29.11 -11.84 -46.05
CA ASN A 147 -29.57 -12.40 -44.79
C ASN A 147 -30.59 -13.49 -45.12
N LEU A 148 -30.06 -14.70 -45.37
CA LEU A 148 -30.85 -15.79 -45.97
C LEU A 148 -32.06 -16.14 -45.12
N LYS A 149 -31.89 -16.28 -43.81
CA LYS A 149 -32.97 -16.64 -42.91
C LYS A 149 -33.53 -15.44 -42.16
N ASN A 150 -33.20 -14.23 -42.59
CA ASN A 150 -33.63 -12.99 -41.96
C ASN A 150 -33.41 -13.03 -40.45
N ILE A 151 -32.20 -13.49 -40.09
CA ILE A 151 -31.81 -13.53 -38.70
C ILE A 151 -31.82 -12.14 -38.11
N LYS A 152 -32.39 -12.01 -36.91
CA LYS A 152 -32.33 -10.76 -36.17
C LYS A 152 -31.22 -10.93 -35.15
N ILE A 153 -30.13 -10.21 -35.35
CA ILE A 153 -28.97 -10.27 -34.46
C ILE A 153 -29.17 -9.25 -33.36
N VAL A 154 -29.15 -9.71 -32.12
CA VAL A 154 -29.37 -8.88 -30.95
C VAL A 154 -28.00 -8.62 -30.33
N GLU A 155 -27.51 -7.39 -30.45
CA GLU A 155 -26.15 -7.07 -29.99
C GLU A 155 -26.17 -6.62 -28.54
N LEU A 156 -25.30 -7.22 -27.73
CA LEU A 156 -25.23 -6.99 -26.29
C LEU A 156 -23.78 -6.93 -25.86
N GLU A 157 -23.54 -6.29 -24.71
CA GLU A 157 -22.24 -6.38 -24.08
C GLU A 157 -21.93 -7.85 -23.82
N ALA A 158 -20.68 -8.25 -24.10
CA ALA A 158 -20.35 -9.68 -24.13
C ALA A 158 -20.71 -10.38 -22.82
N ALA A 159 -20.49 -9.74 -21.67
CA ALA A 159 -20.80 -10.37 -20.40
C ALA A 159 -22.28 -10.70 -20.25
N GLN A 160 -23.16 -10.02 -20.98
CA GLN A 160 -24.60 -10.26 -20.87
C GLN A 160 -25.07 -11.44 -21.70
N LEU A 161 -24.19 -12.08 -22.44
CA LEU A 161 -24.69 -13.06 -23.40
C LEU A 161 -25.20 -14.35 -22.74
N PRO A 162 -24.59 -14.89 -21.67
CA PRO A 162 -25.24 -16.03 -21.01
C PRO A 162 -26.67 -15.76 -20.59
N ARG A 163 -26.93 -14.61 -19.95
CA ARG A 163 -28.28 -14.29 -19.50
C ARG A 163 -29.25 -14.15 -20.68
N SER A 164 -28.74 -13.77 -21.85
CA SER A 164 -29.60 -13.49 -22.99
C SER A 164 -30.34 -14.73 -23.49
N ARG A 165 -29.89 -15.93 -23.09
CA ARG A 165 -30.51 -17.16 -23.55
C ARG A 165 -31.99 -17.23 -23.18
N ALA A 166 -32.43 -16.47 -22.19
CA ALA A 166 -33.85 -16.46 -21.87
C ALA A 166 -34.65 -15.63 -22.87
N ASP A 167 -33.98 -14.73 -23.62
CA ASP A 167 -34.66 -13.74 -24.44
C ASP A 167 -34.53 -13.97 -25.94
N VAL A 168 -33.62 -14.82 -26.39
CA VAL A 168 -33.34 -15.02 -27.80
C VAL A 168 -33.38 -16.51 -28.11
N ASP A 169 -33.47 -16.83 -29.40
CA ASP A 169 -33.57 -18.24 -29.79
C ASP A 169 -32.23 -18.96 -29.64
N PHE A 170 -31.12 -18.27 -29.96
CA PHE A 170 -29.77 -18.81 -29.84
C PHE A 170 -28.84 -17.71 -29.36
N ALA A 171 -27.82 -18.10 -28.59
CA ALA A 171 -26.86 -17.11 -28.09
C ALA A 171 -25.46 -17.53 -28.47
N VAL A 172 -24.68 -16.60 -29.04
CA VAL A 172 -23.27 -16.84 -29.32
C VAL A 172 -22.47 -16.23 -28.17
N VAL A 173 -21.82 -17.10 -27.38
CA VAL A 173 -21.25 -16.73 -26.09
C VAL A 173 -19.74 -16.95 -26.11
N ASN A 174 -18.98 -15.94 -25.71
CA ASN A 174 -17.53 -16.07 -25.57
C ASN A 174 -17.21 -17.10 -24.51
N GLY A 175 -16.17 -17.89 -24.75
CA GLY A 175 -15.87 -19.01 -23.88
C GLY A 175 -15.70 -18.62 -22.43
N ASN A 176 -14.99 -17.51 -22.16
CA ASN A 176 -14.73 -17.19 -20.77
C ASN A 176 -16.02 -16.94 -20.02
N TYR A 177 -17.00 -16.31 -20.68
CA TYR A 177 -18.26 -16.03 -20.00
C TYR A 177 -19.14 -17.27 -19.93
N ALA A 178 -19.09 -18.13 -20.95
CA ALA A 178 -19.80 -19.41 -20.89
C ALA A 178 -19.33 -20.21 -19.68
N ILE A 179 -18.01 -20.37 -19.53
CA ILE A 179 -17.47 -21.17 -18.44
C ILE A 179 -17.89 -20.60 -17.08
N SER A 180 -17.76 -19.28 -16.91
CA SER A 180 -18.03 -18.68 -15.62
C SER A 180 -19.51 -18.59 -15.30
N SER A 181 -20.38 -18.78 -16.29
CA SER A 181 -21.80 -18.82 -16.02
C SER A 181 -22.32 -20.24 -15.85
N GLY A 182 -21.43 -21.25 -15.86
CA GLY A 182 -21.83 -22.63 -15.70
C GLY A 182 -22.25 -23.32 -16.98
N MET A 183 -22.09 -22.69 -18.12
CA MET A 183 -22.30 -23.37 -19.39
C MET A 183 -21.10 -24.28 -19.67
N LYS A 184 -21.38 -25.39 -20.34
CA LYS A 184 -20.37 -26.34 -20.73
C LYS A 184 -20.14 -26.23 -22.22
N LEU A 185 -18.87 -26.29 -22.63
CA LEU A 185 -18.53 -26.18 -24.05
C LEU A 185 -19.22 -27.25 -24.88
N THR A 186 -19.44 -28.43 -24.31
CA THR A 186 -20.09 -29.51 -25.05
C THR A 186 -21.57 -29.25 -25.25
N GLU A 187 -22.15 -28.25 -24.58
CA GLU A 187 -23.54 -27.85 -24.81
C GLU A 187 -23.72 -27.02 -26.06
N ALA A 188 -22.63 -26.51 -26.65
CA ALA A 188 -22.77 -25.68 -27.84
C ALA A 188 -23.35 -26.50 -28.99
N LEU A 189 -24.24 -25.89 -29.75
CA LEU A 189 -24.75 -26.49 -30.96
C LEU A 189 -23.74 -26.41 -32.10
N PHE A 190 -22.81 -25.47 -32.03
CA PHE A 190 -21.83 -25.27 -33.08
C PHE A 190 -20.68 -24.48 -32.48
N GLN A 191 -19.45 -24.91 -32.75
CA GLN A 191 -18.26 -24.25 -32.23
C GLN A 191 -17.48 -23.63 -33.36
N GLU A 192 -16.94 -22.43 -33.11
CA GLU A 192 -16.13 -21.74 -34.10
C GLU A 192 -14.97 -22.62 -34.54
N PRO A 193 -14.78 -22.84 -35.85
CA PRO A 193 -13.62 -23.66 -36.28
C PRO A 193 -12.28 -22.97 -36.14
N SER A 194 -12.27 -21.64 -36.25
CA SER A 194 -11.04 -20.85 -36.33
C SER A 194 -10.12 -21.06 -35.14
N PHE A 195 -8.82 -20.89 -35.42
CA PHE A 195 -7.81 -20.76 -34.38
C PHE A 195 -7.21 -19.36 -34.32
N ALA A 196 -7.81 -18.41 -35.01
CA ALA A 196 -7.32 -17.04 -35.04
C ALA A 196 -7.60 -16.28 -33.76
N TYR A 197 -8.43 -16.84 -32.86
CA TYR A 197 -8.86 -16.16 -31.66
C TYR A 197 -8.36 -16.81 -30.38
N VAL A 198 -7.34 -17.67 -30.47
CA VAL A 198 -6.66 -18.13 -29.27
C VAL A 198 -6.04 -16.92 -28.58
N ASN A 199 -6.30 -16.78 -27.28
CA ASN A 199 -5.99 -15.55 -26.59
C ASN A 199 -4.50 -15.36 -26.34
N TRP A 200 -4.13 -14.10 -26.15
CA TRP A 200 -2.76 -13.67 -25.94
C TRP A 200 -2.65 -12.91 -24.63
N SER A 201 -1.49 -13.03 -23.99
CA SER A 201 -1.12 -12.07 -22.97
C SER A 201 -0.70 -10.75 -23.63
N ALA A 202 -0.85 -9.66 -22.89
CA ALA A 202 -0.42 -8.35 -23.35
C ALA A 202 0.33 -7.62 -22.25
N VAL A 203 1.34 -6.83 -22.67
CA VAL A 203 2.14 -5.99 -21.80
C VAL A 203 2.34 -4.62 -22.46
N LYS A 204 2.78 -3.66 -21.65
CA LYS A 204 3.30 -2.40 -22.19
C LYS A 204 4.56 -2.68 -23.00
N THR A 205 4.67 -2.03 -24.17
CA THR A 205 5.78 -2.32 -25.06
C THR A 205 7.12 -2.10 -24.36
N ALA A 206 7.16 -1.16 -23.43
CA ALA A 206 8.40 -0.86 -22.71
C ALA A 206 8.90 -2.03 -21.90
N ASP A 207 8.02 -2.99 -21.61
CA ASP A 207 8.37 -4.13 -20.77
C ASP A 207 8.69 -5.39 -21.57
N LYS A 208 8.70 -5.32 -22.90
CA LYS A 208 8.77 -6.50 -23.74
C LYS A 208 10.05 -7.31 -23.54
N ASP A 209 11.14 -6.64 -23.17
CA ASP A 209 12.43 -7.30 -23.04
C ASP A 209 12.83 -7.56 -21.59
N SER A 210 11.89 -7.41 -20.67
CA SER A 210 12.16 -7.55 -19.24
C SER A 210 12.44 -9.00 -18.85
N GLN A 211 13.26 -9.17 -17.81
CA GLN A 211 13.49 -10.52 -17.30
C GLN A 211 12.23 -11.10 -16.71
N TRP A 212 11.44 -10.29 -15.99
CA TRP A 212 10.24 -10.85 -15.40
C TRP A 212 9.32 -11.41 -16.48
N LEU A 213 9.22 -10.73 -17.62
CA LEU A 213 8.33 -11.23 -18.66
C LEU A 213 8.86 -12.51 -19.28
N LYS A 214 10.20 -12.62 -19.39
CA LYS A 214 10.79 -13.87 -19.84
C LYS A 214 10.41 -15.02 -18.90
N ASP A 215 10.44 -14.76 -17.60
CA ASP A 215 10.09 -15.80 -16.65
C ASP A 215 8.60 -16.13 -16.70
N VAL A 216 7.74 -15.10 -16.93
CA VAL A 216 6.30 -15.38 -17.08
C VAL A 216 6.06 -16.21 -18.33
N THR A 217 6.75 -15.89 -19.42
CA THR A 217 6.58 -16.60 -20.68
C THR A 217 6.99 -18.06 -20.52
N GLU A 218 8.10 -18.28 -19.81
CA GLU A 218 8.55 -19.62 -19.53
C GLU A 218 7.52 -20.39 -18.73
N ALA A 219 6.92 -19.75 -17.72
CA ALA A 219 5.94 -20.42 -16.90
C ALA A 219 4.72 -20.87 -17.70
N TYR A 220 4.30 -20.07 -18.68
CA TYR A 220 3.15 -20.46 -19.49
C TYR A 220 3.50 -21.42 -20.61
N ASN A 221 4.76 -21.83 -20.74
CA ASN A 221 5.14 -22.77 -21.79
C ASN A 221 5.87 -23.98 -21.21
N SER A 222 5.76 -24.18 -19.91
CA SER A 222 6.45 -25.30 -19.28
C SER A 222 5.69 -26.59 -19.47
N ASP A 223 6.41 -27.71 -19.34
CA ASP A 223 5.75 -29.00 -19.43
C ASP A 223 4.69 -29.13 -18.34
N ALA A 224 4.97 -28.60 -17.15
CA ALA A 224 4.01 -28.70 -16.05
C ALA A 224 2.75 -27.92 -16.36
N PHE A 225 2.90 -26.72 -16.90
CA PHE A 225 1.68 -25.96 -17.21
C PHE A 225 0.87 -26.63 -18.30
N LYS A 226 1.55 -27.14 -19.34
CA LYS A 226 0.85 -27.84 -20.41
C LYS A 226 0.10 -29.05 -19.87
N ALA A 227 0.75 -29.82 -18.99
CA ALA A 227 0.07 -30.98 -18.44
C ALA A 227 -1.13 -30.58 -17.61
N TYR A 228 -0.99 -29.52 -16.80
CA TYR A 228 -2.11 -28.99 -16.03
C TYR A 228 -3.22 -28.51 -16.94
N ALA A 229 -2.87 -27.79 -18.00
CA ALA A 229 -3.89 -27.19 -18.85
C ALA A 229 -4.71 -28.25 -19.57
N HIS A 230 -4.05 -29.33 -20.03
CA HIS A 230 -4.76 -30.37 -20.75
C HIS A 230 -5.75 -31.11 -19.86
N LYS A 231 -5.51 -31.16 -18.55
CA LYS A 231 -6.45 -31.79 -17.63
C LYS A 231 -7.53 -30.83 -17.16
N ARG A 232 -7.13 -29.62 -16.74
CA ARG A 232 -8.05 -28.65 -16.16
C ARG A 232 -8.94 -28.00 -17.19
N PHE A 233 -8.45 -27.82 -18.42
CA PHE A 233 -9.17 -27.07 -19.44
C PHE A 233 -9.33 -27.92 -20.69
N GLU A 234 -10.08 -29.01 -20.52
CA GLU A 234 -10.38 -29.88 -21.64
C GLU A 234 -11.25 -29.16 -22.65
N GLY A 235 -10.90 -29.35 -23.91
CA GLY A 235 -11.64 -28.75 -24.98
C GLY A 235 -11.18 -27.36 -25.33
N TYR A 236 -10.17 -26.85 -24.62
CA TYR A 236 -9.66 -25.52 -24.93
C TYR A 236 -8.74 -25.59 -26.14
N LYS A 237 -8.62 -24.47 -26.84
CA LYS A 237 -7.72 -24.38 -27.97
C LYS A 237 -6.35 -23.93 -27.50
N SER A 238 -5.31 -24.65 -27.92
CA SER A 238 -3.94 -24.45 -27.47
C SER A 238 -3.21 -23.38 -28.25
N PRO A 239 -2.24 -22.75 -27.61
CA PRO A 239 -1.31 -21.87 -28.31
C PRO A 239 -0.71 -22.53 -29.55
N ALA A 240 -0.59 -21.75 -30.62
CA ALA A 240 -0.03 -22.31 -31.84
C ALA A 240 1.38 -22.85 -31.61
N ALA A 241 2.16 -22.17 -30.77
CA ALA A 241 3.55 -22.51 -30.54
C ALA A 241 3.70 -23.83 -29.83
N TRP A 242 2.68 -24.29 -29.10
CA TRP A 242 2.76 -25.62 -28.49
C TRP A 242 2.82 -26.70 -29.54
N ASN A 243 2.37 -26.42 -30.76
CA ASN A 243 2.59 -27.29 -31.90
C ASN A 243 1.99 -28.67 -31.65
N GLU A 244 0.86 -28.70 -30.95
CA GLU A 244 0.22 -29.96 -30.59
C GLU A 244 -1.07 -30.09 -31.38
N LYS B 4 -12.17 8.71 2.00
CA LYS B 4 -12.56 8.95 0.60
C LYS B 4 -11.46 9.69 -0.18
N GLU B 5 -10.73 8.96 -1.03
CA GLU B 5 -9.55 9.46 -1.74
C GLU B 5 -9.99 9.92 -3.13
N ILE B 6 -9.91 11.23 -3.38
CA ILE B 6 -10.31 11.78 -4.68
C ILE B 6 -9.07 11.89 -5.55
N VAL B 7 -9.06 11.14 -6.66
CA VAL B 7 -7.93 11.13 -7.59
C VAL B 7 -8.26 12.02 -8.78
N PHE B 8 -7.50 13.10 -8.94
CA PHE B 8 -7.63 14.04 -10.07
C PHE B 8 -6.68 13.64 -11.17
N GLY B 9 -7.12 13.83 -12.42
CA GLY B 9 -6.22 13.78 -13.55
C GLY B 9 -6.26 15.12 -14.27
N THR B 10 -5.11 15.69 -14.63
CA THR B 10 -5.05 16.96 -15.35
C THR B 10 -3.94 16.85 -16.37
N THR B 11 -3.91 17.79 -17.32
CA THR B 11 -2.70 17.98 -18.09
C THR B 11 -1.63 18.62 -17.20
N VAL B 12 -0.40 18.64 -17.71
CA VAL B 12 0.71 19.21 -16.98
C VAL B 12 0.51 20.73 -16.88
N GLY B 13 0.94 21.31 -15.78
CA GLY B 13 0.98 22.76 -15.67
C GLY B 13 -0.23 23.32 -14.95
N ASP B 14 -0.91 24.27 -15.60
CA ASP B 14 -1.85 25.14 -14.89
C ASP B 14 -2.96 24.37 -14.17
N PHE B 15 -3.60 23.40 -14.83
CA PHE B 15 -4.71 22.73 -14.16
C PHE B 15 -4.23 21.88 -12.98
N GLY B 16 -3.02 21.34 -13.06
CA GLY B 16 -2.44 20.61 -11.93
C GLY B 16 -2.11 21.54 -10.78
N ASP B 17 -1.59 22.72 -11.09
CA ASP B 17 -1.30 23.69 -10.04
C ASP B 17 -2.57 24.10 -9.31
N MET B 18 -3.69 24.25 -10.01
CA MET B 18 -4.93 24.57 -9.32
C MET B 18 -5.21 23.55 -8.22
N VAL B 19 -5.04 22.26 -8.53
CA VAL B 19 -5.32 21.20 -7.57
C VAL B 19 -4.36 21.29 -6.39
N LYS B 20 -3.06 21.35 -6.67
CA LYS B 20 -2.05 21.22 -5.61
C LYS B 20 -1.97 22.49 -4.78
N GLU B 21 -2.25 23.65 -5.38
CA GLU B 21 -2.05 24.93 -4.69
C GLU B 21 -3.28 25.37 -3.91
N GLN B 22 -4.48 24.97 -4.32
CA GLN B 22 -5.69 25.54 -3.75
C GLN B 22 -6.72 24.46 -3.43
N ILE B 23 -7.09 23.65 -4.41
CA ILE B 23 -8.21 22.73 -4.22
C ILE B 23 -7.89 21.66 -3.17
N GLN B 24 -6.70 21.07 -3.23
CA GLN B 24 -6.39 19.94 -2.36
C GLN B 24 -6.56 20.31 -0.89
N ALA B 25 -6.08 21.49 -0.50
CA ALA B 25 -6.22 21.90 0.90
C ALA B 25 -7.68 22.10 1.28
N GLU B 26 -8.48 22.67 0.37
CA GLU B 26 -9.90 22.86 0.66
C GLU B 26 -10.55 21.51 0.95
N LEU B 27 -10.20 20.47 0.18
CA LEU B 27 -10.80 19.16 0.37
C LEU B 27 -10.24 18.44 1.59
N GLU B 28 -8.96 18.65 1.90
CA GLU B 28 -8.39 18.01 3.08
C GLU B 28 -9.00 18.58 4.36
N LYS B 29 -9.34 19.87 4.37
CA LYS B 29 -10.04 20.43 5.53
C LYS B 29 -11.30 19.64 5.83
N LYS B 30 -12.00 19.19 4.80
CA LYS B 30 -13.21 18.41 4.95
C LYS B 30 -12.94 16.92 5.15
N GLY B 31 -11.68 16.49 5.21
CA GLY B 31 -11.35 15.14 5.56
C GLY B 31 -11.03 14.20 4.40
N TYR B 32 -11.11 14.68 3.17
CA TYR B 32 -10.72 13.84 2.04
C TYR B 32 -9.21 13.72 1.97
N THR B 33 -8.75 12.68 1.30
CA THR B 33 -7.39 12.66 0.78
C THR B 33 -7.46 12.89 -0.73
N VAL B 34 -6.36 13.36 -1.29
CA VAL B 34 -6.31 13.80 -2.68
C VAL B 34 -5.05 13.28 -3.33
N LYS B 35 -5.18 12.86 -4.58
CA LYS B 35 -4.05 12.45 -5.39
C LYS B 35 -4.21 13.14 -6.74
N LEU B 36 -3.09 13.44 -7.37
CA LEU B 36 -3.08 14.08 -8.68
C LEU B 36 -2.21 13.25 -9.61
N VAL B 37 -2.77 12.90 -10.76
CA VAL B 37 -2.03 12.29 -11.86
C VAL B 37 -2.03 13.30 -13.00
N GLU B 38 -0.85 13.58 -13.55
CA GLU B 38 -0.75 14.50 -14.69
C GLU B 38 -0.45 13.71 -15.96
N PHE B 39 -0.97 14.22 -17.08
CA PHE B 39 -0.85 13.57 -18.38
C PHE B 39 -0.29 14.55 -19.40
N THR B 40 0.57 14.06 -20.29
CA THR B 40 1.13 14.91 -21.34
C THR B 40 0.18 15.11 -22.51
N ASP B 41 -0.77 14.23 -22.71
CA ASP B 41 -1.59 14.23 -23.91
C ASP B 41 -3.06 14.37 -23.57
N TYR B 42 -3.86 14.54 -24.62
CA TYR B 42 -5.28 14.70 -24.47
C TYR B 42 -6.10 13.43 -24.57
N VAL B 43 -5.50 12.30 -24.97
CA VAL B 43 -6.28 11.09 -25.23
C VAL B 43 -6.43 10.24 -23.97
N ARG B 44 -5.37 10.11 -23.20
CA ARG B 44 -5.42 9.21 -22.05
C ARG B 44 -6.36 9.64 -20.92
N PRO B 45 -6.51 10.92 -20.58
CA PRO B 45 -7.23 11.22 -19.32
C PRO B 45 -8.67 10.72 -19.25
N ASN B 46 -9.45 10.84 -20.32
CA ASN B 46 -10.81 10.32 -20.24
C ASN B 46 -10.84 8.80 -20.14
N LEU B 47 -9.85 8.12 -20.71
CA LEU B 47 -9.79 6.67 -20.59
C LEU B 47 -9.45 6.25 -19.16
N ALA B 48 -8.52 6.96 -18.53
CA ALA B 48 -8.16 6.68 -17.15
C ALA B 48 -9.32 6.97 -16.21
N LEU B 49 -10.08 8.03 -16.50
CA LEU B 49 -11.30 8.31 -15.76
C LEU B 49 -12.31 7.19 -15.92
N ALA B 50 -12.58 6.78 -17.16
CA ALA B 50 -13.58 5.74 -17.39
C ALA B 50 -13.18 4.41 -16.75
N GLU B 51 -11.88 4.09 -16.76
CA GLU B 51 -11.41 2.82 -16.19
C GLU B 51 -11.46 2.80 -14.67
N GLY B 52 -11.43 3.97 -14.03
CA GLY B 52 -11.54 4.07 -12.59
C GLY B 52 -10.32 4.61 -11.92
N GLU B 53 -9.18 4.67 -12.61
CA GLU B 53 -7.98 5.22 -11.98
C GLU B 53 -8.23 6.61 -11.45
N LEU B 54 -8.88 7.45 -12.24
CA LEU B 54 -9.25 8.79 -11.84
C LEU B 54 -10.71 8.87 -11.42
N ASP B 55 -10.98 9.73 -10.45
CA ASP B 55 -12.35 10.10 -10.08
C ASP B 55 -12.86 11.32 -10.83
N ILE B 56 -11.96 12.20 -11.23
CA ILE B 56 -12.33 13.42 -11.92
C ILE B 56 -11.14 13.84 -12.77
N ASN B 57 -11.39 14.39 -13.95
CA ASN B 57 -10.29 14.98 -14.69
C ASN B 57 -10.65 16.42 -15.05
N VAL B 58 -9.60 17.21 -15.24
CA VAL B 58 -9.73 18.62 -15.61
C VAL B 58 -8.71 18.93 -16.69
N PHE B 59 -9.15 18.95 -17.95
CA PHE B 59 -8.18 19.19 -19.02
C PHE B 59 -8.80 19.54 -20.37
N GLN B 60 -10.13 19.48 -20.51
CA GLN B 60 -10.72 19.52 -21.86
C GLN B 60 -11.90 20.47 -21.91
N HIS B 61 -12.24 20.88 -23.13
CA HIS B 61 -13.50 21.58 -23.35
C HIS B 61 -14.62 20.62 -23.75
N LYS B 62 -15.86 21.15 -23.77
CA LYS B 62 -17.01 20.27 -23.97
C LYS B 62 -17.10 19.72 -25.38
N PRO B 63 -16.77 20.48 -26.44
CA PRO B 63 -16.75 19.85 -27.77
C PRO B 63 -15.77 18.67 -27.83
N TYR B 64 -14.60 18.79 -27.19
CA TYR B 64 -13.68 17.66 -27.15
C TYR B 64 -14.31 16.48 -26.43
N LEU B 65 -14.93 16.73 -25.27
CA LEU B 65 -15.50 15.66 -24.46
C LEU B 65 -16.65 14.99 -25.17
N ASP B 66 -17.56 15.78 -25.74
CA ASP B 66 -18.70 15.20 -26.44
C ASP B 66 -18.22 14.27 -27.56
N ASP B 67 -17.24 14.72 -28.34
CA ASP B 67 -16.74 13.89 -29.42
C ASP B 67 -16.02 12.68 -28.86
N PHE B 68 -15.20 12.89 -27.84
CA PHE B 68 -14.37 11.79 -27.33
C PHE B 68 -15.22 10.68 -26.72
N LYS B 69 -16.20 11.04 -25.87
CA LYS B 69 -16.93 9.99 -25.19
C LYS B 69 -17.83 9.22 -26.14
N LYS B 70 -18.26 9.86 -27.23
CA LYS B 70 -19.05 9.13 -28.21
C LYS B 70 -18.16 8.17 -29.01
N GLU B 71 -17.03 8.67 -29.48
CA GLU B 71 -16.12 7.86 -30.30
C GLU B 71 -15.57 6.69 -29.52
N HIS B 72 -15.25 6.91 -28.24
CA HIS B 72 -14.60 5.87 -27.41
C HIS B 72 -15.57 5.16 -26.49
N ASN B 73 -16.86 5.48 -26.57
CA ASN B 73 -17.94 4.78 -25.87
C ASN B 73 -17.76 4.83 -24.36
N LEU B 74 -17.63 6.03 -23.82
CA LEU B 74 -17.36 6.23 -22.40
C LEU B 74 -18.53 6.89 -21.72
N ASP B 75 -18.89 6.37 -20.54
CA ASP B 75 -20.02 6.86 -19.77
C ASP B 75 -19.52 7.90 -18.76
N ILE B 76 -19.23 9.09 -19.30
CA ILE B 76 -18.64 10.19 -18.54
C ILE B 76 -19.39 11.46 -18.91
N THR B 77 -19.25 12.49 -18.08
CA THR B 77 -20.05 13.69 -18.24
C THR B 77 -19.34 14.88 -17.61
N GLU B 78 -19.62 16.06 -18.14
CA GLU B 78 -19.02 17.28 -17.61
C GLU B 78 -19.74 17.71 -16.34
N VAL B 79 -19.04 18.50 -15.50
CA VAL B 79 -19.60 18.93 -14.23
C VAL B 79 -19.55 20.45 -14.09
N PHE B 80 -18.36 21.03 -14.04
CA PHE B 80 -18.23 22.47 -13.86
C PHE B 80 -17.08 22.99 -14.69
N GLN B 81 -17.10 24.29 -15.00
CA GLN B 81 -16.03 24.89 -15.76
C GLN B 81 -14.92 25.43 -14.84
N VAL B 82 -13.75 25.62 -15.44
CA VAL B 82 -12.56 26.11 -14.74
C VAL B 82 -11.90 27.22 -15.56
N PRO B 83 -11.19 28.14 -14.93
CA PRO B 83 -10.42 29.14 -15.69
C PRO B 83 -9.49 28.47 -16.69
N THR B 84 -9.52 28.96 -17.92
CA THR B 84 -8.92 28.30 -19.07
C THR B 84 -8.02 29.23 -19.86
N ALA B 85 -6.81 28.78 -20.17
CA ALA B 85 -5.92 29.53 -21.05
C ALA B 85 -6.48 29.52 -22.48
N PRO B 86 -6.65 30.66 -23.11
CA PRO B 86 -7.30 30.70 -24.41
C PRO B 86 -6.37 30.27 -25.54
N LEU B 87 -7.02 30.02 -26.68
CA LEU B 87 -6.33 29.61 -27.89
C LEU B 87 -5.79 30.83 -28.61
N GLY B 88 -4.58 30.71 -29.14
CA GLY B 88 -3.96 31.80 -29.86
C GLY B 88 -3.22 31.32 -31.09
N LEU B 89 -3.15 32.21 -32.07
CA LEU B 89 -2.24 32.08 -33.20
C LEU B 89 -0.99 32.89 -32.87
N TYR B 90 0.16 32.22 -32.84
CA TYR B 90 1.40 32.79 -32.37
C TYR B 90 2.40 32.90 -33.51
N PRO B 91 3.37 33.82 -33.40
CA PRO B 91 4.41 33.92 -34.41
C PRO B 91 5.27 32.67 -34.47
N GLY B 92 5.58 32.26 -35.70
CA GLY B 92 6.58 31.23 -35.94
C GLY B 92 7.74 31.86 -36.67
N LYS B 93 8.04 31.36 -37.88
CA LYS B 93 9.04 32.02 -38.71
C LYS B 93 8.62 33.43 -39.10
N LEU B 94 7.31 33.68 -39.20
CA LEU B 94 6.79 35.01 -39.48
C LEU B 94 6.24 35.63 -38.20
N LYS B 95 6.44 36.94 -38.04
CA LYS B 95 6.22 37.61 -36.77
C LYS B 95 4.98 38.50 -36.71
N SER B 96 4.27 38.70 -37.82
CA SER B 96 3.08 39.53 -37.80
C SER B 96 2.06 39.00 -38.80
N LEU B 97 0.79 39.28 -38.53
CA LEU B 97 -0.26 38.80 -39.41
C LEU B 97 -0.12 39.37 -40.80
N GLU B 98 0.35 40.62 -40.91
CA GLU B 98 0.48 41.28 -42.20
C GLU B 98 1.51 40.61 -43.09
N GLU B 99 2.40 39.81 -42.52
CA GLU B 99 3.42 39.12 -43.30
C GLU B 99 2.92 37.85 -43.96
N VAL B 100 1.67 37.46 -43.73
CA VAL B 100 1.15 36.25 -44.34
C VAL B 100 1.24 36.37 -45.85
N LYS B 101 1.63 35.28 -46.50
CA LYS B 101 1.83 35.20 -47.94
C LYS B 101 1.01 34.04 -48.48
N ASP B 102 0.80 34.05 -49.78
CA ASP B 102 0.28 32.87 -50.44
C ASP B 102 1.17 31.69 -50.08
N GLY B 103 0.55 30.62 -49.61
CA GLY B 103 1.28 29.42 -49.27
C GLY B 103 1.84 29.37 -47.85
N SER B 104 1.61 30.40 -47.04
CA SER B 104 2.12 30.40 -45.67
C SER B 104 1.66 29.15 -44.93
N THR B 105 2.52 28.66 -44.04
CA THR B 105 2.22 27.47 -43.26
C THR B 105 1.71 27.85 -41.89
N VAL B 106 0.68 27.14 -41.44
CA VAL B 106 0.08 27.33 -40.12
C VAL B 106 -0.03 25.95 -39.48
N SER B 107 0.61 25.78 -38.32
CA SER B 107 0.45 24.52 -37.63
C SER B 107 -0.81 24.54 -36.77
N ALA B 108 -1.39 23.36 -36.60
CA ALA B 108 -2.71 23.20 -36.03
C ALA B 108 -2.77 21.84 -35.34
N PRO B 109 -3.56 21.72 -34.29
CA PRO B 109 -3.77 20.41 -33.68
C PRO B 109 -4.54 19.49 -34.61
N ASN B 110 -4.27 18.20 -34.49
CA ASN B 110 -4.75 17.24 -35.46
C ASN B 110 -5.98 16.48 -35.00
N ASP B 111 -6.56 16.83 -33.88
CA ASP B 111 -7.78 16.17 -33.42
C ASP B 111 -8.98 17.02 -33.84
N PRO B 112 -10.16 16.42 -34.08
CA PRO B 112 -11.19 17.15 -34.83
C PRO B 112 -11.76 18.37 -34.13
N SER B 113 -12.02 18.31 -32.81
CA SER B 113 -12.67 19.46 -32.17
C SER B 113 -11.72 20.64 -32.05
N ASN B 114 -10.41 20.40 -31.87
CA ASN B 114 -9.46 21.49 -31.82
C ASN B 114 -9.06 21.97 -33.22
N PHE B 115 -9.05 21.07 -34.21
CA PHE B 115 -8.81 21.49 -35.58
C PHE B 115 -9.89 22.45 -36.07
N ALA B 116 -11.15 22.17 -35.69
CA ALA B 116 -12.25 23.08 -36.06
C ALA B 116 -11.97 24.50 -35.62
N ARG B 117 -11.45 24.68 -34.40
CA ARG B 117 -11.14 26.01 -33.89
C ARG B 117 -10.17 26.75 -34.78
N VAL B 118 -9.20 26.04 -35.35
CA VAL B 118 -8.23 26.66 -36.23
C VAL B 118 -8.90 27.13 -37.51
N LEU B 119 -9.74 26.30 -38.10
CA LEU B 119 -10.44 26.72 -39.31
C LEU B 119 -11.27 27.97 -39.05
N VAL B 120 -11.99 28.00 -37.93
CA VAL B 120 -12.78 29.18 -37.62
C VAL B 120 -11.90 30.41 -37.45
N MET B 121 -10.74 30.27 -36.79
CA MET B 121 -9.81 31.38 -36.63
C MET B 121 -9.27 31.86 -37.98
N LEU B 122 -8.92 30.92 -38.88
CA LEU B 122 -8.40 31.32 -40.18
C LEU B 122 -9.47 32.03 -41.01
N ASP B 123 -10.72 31.61 -40.86
CA ASP B 123 -11.83 32.32 -41.50
C ASP B 123 -12.00 33.73 -40.92
N GLU B 124 -11.88 33.89 -39.59
CA GLU B 124 -11.98 35.20 -38.98
C GLU B 124 -10.88 36.14 -39.47
N LEU B 125 -9.70 35.58 -39.76
CA LEU B 125 -8.57 36.34 -40.27
C LEU B 125 -8.68 36.65 -41.75
N GLY B 126 -9.61 36.02 -42.45
CA GLY B 126 -9.70 36.19 -43.89
C GLY B 126 -8.67 35.40 -44.67
N TRP B 127 -8.03 34.40 -44.06
CA TRP B 127 -7.07 33.58 -44.80
C TRP B 127 -7.73 32.41 -45.52
N ILE B 128 -8.88 31.95 -45.05
CA ILE B 128 -9.69 30.97 -45.74
C ILE B 128 -11.13 31.45 -45.62
N LYS B 129 -12.01 30.82 -46.37
CA LYS B 129 -13.43 31.10 -46.30
C LYS B 129 -14.16 29.79 -46.07
N LEU B 130 -14.88 29.70 -44.95
CA LEU B 130 -15.71 28.54 -44.69
C LEU B 130 -17.06 28.68 -45.39
N LYS B 131 -17.70 27.53 -45.62
CA LYS B 131 -19.02 27.47 -46.23
C LYS B 131 -20.07 28.03 -45.26
N ASP B 132 -21.18 28.47 -45.84
CA ASP B 132 -22.27 29.02 -45.05
C ASP B 132 -23.00 27.94 -44.26
N GLY B 133 -23.53 28.33 -43.10
CA GLY B 133 -24.45 27.48 -42.38
C GLY B 133 -23.85 26.23 -41.78
N ILE B 134 -22.54 26.18 -41.57
CA ILE B 134 -21.93 24.99 -40.97
C ILE B 134 -22.01 25.08 -39.45
N ASN B 135 -21.81 23.95 -38.82
CA ASN B 135 -21.61 23.85 -37.38
C ASN B 135 -20.18 24.23 -37.06
N PRO B 136 -19.95 25.35 -36.39
CA PRO B 136 -18.56 25.77 -36.14
C PRO B 136 -17.79 24.79 -35.29
N LEU B 137 -18.47 24.04 -34.42
CA LEU B 137 -17.80 23.12 -33.52
C LEU B 137 -17.23 21.92 -34.25
N THR B 138 -17.70 21.63 -35.46
CA THR B 138 -17.24 20.47 -36.20
C THR B 138 -16.64 20.87 -37.55
N ALA B 139 -16.26 22.13 -37.70
CA ALA B 139 -15.68 22.60 -38.95
C ALA B 139 -14.50 21.73 -39.35
N SER B 140 -14.50 21.30 -40.61
CA SER B 140 -13.52 20.36 -41.13
C SER B 140 -13.07 20.84 -42.50
N LYS B 141 -12.09 20.15 -43.07
CA LYS B 141 -11.56 20.57 -44.36
C LYS B 141 -12.64 20.58 -45.43
N ALA B 142 -13.61 19.66 -45.35
CA ALA B 142 -14.73 19.62 -46.28
C ALA B 142 -15.57 20.88 -46.23
N ASP B 143 -15.52 21.63 -45.13
CA ASP B 143 -16.31 22.84 -44.97
C ASP B 143 -15.60 24.08 -45.49
N ILE B 144 -14.40 23.95 -46.04
CA ILE B 144 -13.70 25.09 -46.60
C ILE B 144 -14.28 25.35 -47.98
N ALA B 145 -14.83 26.55 -48.17
CA ALA B 145 -15.32 26.96 -49.48
C ALA B 145 -14.16 27.36 -50.38
N GLU B 146 -13.25 28.19 -49.87
CA GLU B 146 -12.11 28.63 -50.65
C GLU B 146 -10.93 28.83 -49.72
N ASN B 147 -9.78 28.27 -50.09
CA ASN B 147 -8.56 28.54 -49.35
C ASN B 147 -7.96 29.80 -49.95
N LEU B 148 -8.41 30.95 -49.44
CA LEU B 148 -8.15 32.21 -50.11
C LEU B 148 -6.65 32.47 -50.27
N LYS B 149 -5.86 32.20 -49.23
CA LYS B 149 -4.43 32.47 -49.28
C LYS B 149 -3.62 31.19 -49.47
N ASN B 150 -4.26 30.12 -49.90
CA ASN B 150 -3.62 28.82 -50.09
C ASN B 150 -2.74 28.49 -48.90
N ILE B 151 -3.28 28.74 -47.70
CA ILE B 151 -2.62 28.32 -46.46
C ILE B 151 -2.35 26.83 -46.52
N LYS B 152 -1.14 26.44 -46.12
CA LYS B 152 -0.81 25.03 -45.91
C LYS B 152 -0.93 24.80 -44.41
N ILE B 153 -1.94 24.02 -44.03
CA ILE B 153 -2.20 23.72 -42.62
C ILE B 153 -1.44 22.45 -42.28
N VAL B 154 -0.55 22.56 -41.32
CA VAL B 154 0.32 21.47 -40.88
C VAL B 154 -0.27 20.91 -39.59
N GLU B 155 -0.84 19.71 -39.67
CA GLU B 155 -1.53 19.11 -38.53
C GLU B 155 -0.57 18.27 -37.73
N LEU B 156 -0.55 18.53 -36.42
CA LEU B 156 0.37 17.90 -35.47
C LEU B 156 -0.39 17.51 -34.21
N GLU B 157 0.16 16.55 -33.46
CA GLU B 157 -0.33 16.34 -32.11
C GLU B 157 -0.25 17.65 -31.33
N ALA B 158 -1.31 17.96 -30.58
CA ALA B 158 -1.38 19.25 -29.90
C ALA B 158 -0.13 19.57 -29.08
N ALA B 159 0.45 18.56 -28.40
CA ALA B 159 1.61 18.88 -27.56
C ALA B 159 2.81 19.36 -28.36
N GLN B 160 2.89 19.03 -29.64
CA GLN B 160 4.01 19.41 -30.50
C GLN B 160 3.93 20.83 -31.01
N LEU B 161 2.85 21.55 -30.71
CA LEU B 161 2.63 22.81 -31.41
C LEU B 161 3.58 23.92 -30.92
N PRO B 162 3.93 24.03 -29.64
CA PRO B 162 4.94 25.04 -29.28
C PRO B 162 6.26 24.86 -30.04
N ARG B 163 6.78 23.63 -30.13
CA ARG B 163 8.02 23.39 -30.87
C ARG B 163 7.87 23.61 -32.37
N SER B 164 6.65 23.51 -32.91
CA SER B 164 6.45 23.67 -34.35
C SER B 164 6.78 25.07 -34.84
N ARG B 165 6.89 26.04 -33.94
CA ARG B 165 7.14 27.42 -34.34
C ARG B 165 8.46 27.58 -35.08
N ALA B 166 9.40 26.66 -34.91
CA ALA B 166 10.63 26.71 -35.68
C ALA B 166 10.42 26.35 -37.14
N ASP B 167 9.33 25.65 -37.45
CA ASP B 167 9.16 24.97 -38.73
C ASP B 167 8.07 25.57 -39.59
N VAL B 168 7.17 26.36 -39.02
CA VAL B 168 6.02 26.90 -39.74
C VAL B 168 6.00 28.42 -39.57
N ASP B 169 5.23 29.08 -40.44
CA ASP B 169 5.18 30.53 -40.38
C ASP B 169 4.40 31.00 -39.16
N PHE B 170 3.32 30.32 -38.82
CA PHE B 170 2.48 30.66 -37.67
C PHE B 170 2.02 29.38 -37.01
N ALA B 171 1.84 29.42 -35.68
CA ALA B 171 1.42 28.25 -34.91
C ALA B 171 0.20 28.57 -34.06
N VAL B 172 -0.86 27.76 -34.19
CA VAL B 172 -2.02 27.89 -33.31
C VAL B 172 -1.88 26.89 -32.18
N VAL B 173 -1.71 27.40 -30.97
CA VAL B 173 -1.23 26.62 -29.83
C VAL B 173 -2.27 26.65 -28.73
N ASN B 174 -2.64 25.46 -28.23
CA ASN B 174 -3.58 25.37 -27.12
C ASN B 174 -2.96 26.01 -25.87
N GLY B 175 -3.81 26.67 -25.10
CA GLY B 175 -3.33 27.46 -23.97
C GLY B 175 -2.49 26.67 -22.98
N ASN B 176 -2.91 25.45 -22.65
CA ASN B 176 -2.22 24.72 -21.60
C ASN B 176 -0.78 24.41 -22.01
N TYR B 177 -0.59 24.08 -23.27
CA TYR B 177 0.75 23.81 -23.79
C TYR B 177 1.54 25.09 -23.98
N ALA B 178 0.89 26.18 -24.43
CA ALA B 178 1.58 27.46 -24.52
C ALA B 178 2.18 27.83 -23.17
N ILE B 179 1.36 27.84 -22.12
CA ILE B 179 1.80 28.29 -20.81
C ILE B 179 2.96 27.43 -20.32
N SER B 180 2.84 26.11 -20.42
CA SER B 180 3.87 25.24 -19.89
C SER B 180 5.15 25.25 -20.72
N SER B 181 5.12 25.77 -21.95
CA SER B 181 6.32 25.89 -22.75
C SER B 181 6.96 27.28 -22.62
N GLY B 182 6.46 28.10 -21.70
CA GLY B 182 7.03 29.42 -21.48
C GLY B 182 6.50 30.48 -22.40
N MET B 183 5.47 30.17 -23.19
CA MET B 183 4.85 31.19 -24.01
C MET B 183 3.92 32.05 -23.15
N LYS B 184 3.77 33.31 -23.54
CA LYS B 184 2.87 34.22 -22.85
C LYS B 184 1.67 34.47 -23.75
N LEU B 185 0.49 34.56 -23.13
CA LEU B 185 -0.73 34.73 -23.92
C LEU B 185 -0.68 36.05 -24.67
N THR B 186 0.01 37.04 -24.12
CA THR B 186 0.16 38.33 -24.81
C THR B 186 1.01 38.23 -26.07
N GLU B 187 1.75 37.14 -26.27
CA GLU B 187 2.51 36.93 -27.49
C GLU B 187 1.65 36.58 -28.69
N ALA B 188 0.38 36.22 -28.48
CA ALA B 188 -0.44 35.80 -29.61
C ALA B 188 -0.71 36.99 -30.54
N LEU B 189 -0.67 36.72 -31.83
CA LEU B 189 -1.06 37.71 -32.82
C LEU B 189 -2.57 37.82 -32.93
N PHE B 190 -3.29 36.76 -32.59
CA PHE B 190 -4.74 36.73 -32.68
C PHE B 190 -5.22 35.67 -31.69
N GLN B 191 -6.14 36.05 -30.80
CA GLN B 191 -6.70 35.12 -29.83
C GLN B 191 -8.13 34.77 -30.21
N GLU B 192 -8.48 33.53 -30.05
CA GLU B 192 -9.84 33.09 -30.32
C GLU B 192 -10.86 33.90 -29.54
N PRO B 193 -11.85 34.52 -30.20
CA PRO B 193 -12.85 35.28 -29.43
C PRO B 193 -13.80 34.42 -28.61
N SER B 194 -14.06 33.20 -29.05
CA SER B 194 -15.10 32.35 -28.49
C SER B 194 -14.93 32.10 -27.00
N PHE B 195 -16.05 31.85 -26.32
CA PHE B 195 -16.05 31.30 -24.97
C PHE B 195 -16.58 29.87 -24.94
N ALA B 196 -16.79 29.25 -26.10
CA ALA B 196 -17.34 27.92 -26.15
C ALA B 196 -16.34 26.86 -25.72
N TYR B 197 -15.08 27.21 -25.54
CA TYR B 197 -14.04 26.24 -25.25
C TYR B 197 -13.43 26.44 -23.88
N VAL B 198 -14.11 27.16 -22.99
CA VAL B 198 -13.72 27.18 -21.59
C VAL B 198 -13.86 25.75 -21.06
N ASN B 199 -12.83 25.28 -20.36
CA ASN B 199 -12.73 23.86 -20.04
C ASN B 199 -13.66 23.46 -18.89
N TRP B 200 -13.94 22.15 -18.85
CA TRP B 200 -14.85 21.50 -17.92
C TRP B 200 -14.12 20.38 -17.21
N SER B 201 -14.48 20.17 -15.95
CA SER B 201 -14.16 18.92 -15.31
C SER B 201 -15.09 17.83 -15.83
N ALA B 202 -14.65 16.58 -15.73
CA ALA B 202 -15.48 15.45 -16.12
C ALA B 202 -15.35 14.34 -15.09
N VAL B 203 -16.45 13.59 -14.93
CA VAL B 203 -16.52 12.43 -14.03
C VAL B 203 -17.25 11.29 -14.72
N LYS B 204 -17.11 10.08 -14.18
CA LYS B 204 -18.02 9.02 -14.57
C LYS B 204 -19.45 9.39 -14.17
N THR B 205 -20.39 9.14 -15.07
CA THR B 205 -21.77 9.52 -14.85
C THR B 205 -22.31 8.96 -13.55
N ALA B 206 -21.91 7.73 -13.19
CA ALA B 206 -22.34 7.13 -11.92
C ALA B 206 -22.01 7.99 -10.71
N ASP B 207 -21.01 8.86 -10.80
CA ASP B 207 -20.57 9.66 -9.66
C ASP B 207 -21.20 11.06 -9.62
N LYS B 208 -22.09 11.40 -10.56
CA LYS B 208 -22.53 12.78 -10.74
C LYS B 208 -23.21 13.35 -9.50
N ASP B 209 -23.88 12.51 -8.71
CA ASP B 209 -24.65 12.97 -7.56
C ASP B 209 -23.94 12.73 -6.23
N SER B 210 -22.66 12.38 -6.27
CA SER B 210 -21.92 12.04 -5.06
C SER B 210 -21.67 13.27 -4.19
N GLN B 211 -21.49 13.04 -2.89
CA GLN B 211 -21.14 14.13 -2.00
C GLN B 211 -19.72 14.62 -2.28
N TRP B 212 -18.79 13.72 -2.59
CA TRP B 212 -17.44 14.19 -2.83
C TRP B 212 -17.41 15.16 -4.00
N LEU B 213 -18.21 14.90 -5.04
CA LEU B 213 -18.19 15.78 -6.19
C LEU B 213 -18.81 17.14 -5.86
N LYS B 214 -19.84 17.15 -5.00
CA LYS B 214 -20.39 18.40 -4.51
C LYS B 214 -19.31 19.22 -3.80
N ASP B 215 -18.48 18.56 -3.02
CA ASP B 215 -17.42 19.27 -2.31
C ASP B 215 -16.34 19.76 -3.26
N VAL B 216 -16.00 18.98 -4.29
CA VAL B 216 -15.05 19.45 -5.29
C VAL B 216 -15.62 20.65 -6.05
N THR B 217 -16.90 20.57 -6.41
CA THR B 217 -17.53 21.66 -7.14
C THR B 217 -17.49 22.96 -6.33
N GLU B 218 -17.79 22.86 -5.03
CA GLU B 218 -17.70 24.04 -4.17
C GLU B 218 -16.29 24.62 -4.15
N ALA B 219 -15.27 23.77 -4.04
CA ALA B 219 -13.89 24.26 -3.97
C ALA B 219 -13.50 25.05 -5.21
N TYR B 220 -14.01 24.65 -6.39
CA TYR B 220 -13.68 25.33 -7.63
C TYR B 220 -14.54 26.56 -7.87
N ASN B 221 -15.49 26.84 -6.99
CA ASN B 221 -16.35 28.00 -7.16
C ASN B 221 -16.39 28.90 -5.94
N SER B 222 -15.45 28.74 -5.02
CA SER B 222 -15.43 29.55 -3.83
C SER B 222 -14.84 30.92 -4.11
N ASP B 223 -15.16 31.88 -3.22
CA ASP B 223 -14.53 33.19 -3.30
C ASP B 223 -13.01 33.09 -3.22
N ALA B 224 -12.51 32.16 -2.40
CA ALA B 224 -11.06 32.02 -2.26
C ALA B 224 -10.43 31.53 -3.56
N PHE B 225 -11.08 30.57 -4.23
CA PHE B 225 -10.49 30.07 -5.48
C PHE B 225 -10.54 31.14 -6.56
N LYS B 226 -11.64 31.90 -6.62
CA LYS B 226 -11.73 32.96 -7.63
C LYS B 226 -10.65 34.02 -7.42
N ALA B 227 -10.41 34.41 -6.17
CA ALA B 227 -9.36 35.37 -5.87
C ALA B 227 -7.99 34.85 -6.30
N TYR B 228 -7.71 33.58 -5.97
CA TYR B 228 -6.44 32.96 -6.36
C TYR B 228 -6.30 32.93 -7.88
N ALA B 229 -7.35 32.47 -8.56
CA ALA B 229 -7.26 32.29 -10.01
C ALA B 229 -7.06 33.61 -10.74
N HIS B 230 -7.72 34.67 -10.27
CA HIS B 230 -7.69 35.93 -11.03
C HIS B 230 -6.27 36.46 -11.21
N LYS B 231 -5.36 36.15 -10.28
CA LYS B 231 -3.98 36.60 -10.42
C LYS B 231 -2.99 35.49 -10.74
N ARG B 232 -3.24 34.26 -10.32
CA ARG B 232 -2.37 33.18 -10.75
C ARG B 232 -2.46 32.96 -12.24
N PHE B 233 -3.65 33.10 -12.80
CA PHE B 233 -3.94 32.79 -14.21
C PHE B 233 -4.48 34.03 -14.91
N GLU B 234 -3.61 35.02 -15.04
CA GLU B 234 -4.02 36.25 -15.70
C GLU B 234 -4.22 35.99 -17.18
N GLY B 235 -5.28 36.59 -17.71
CA GLY B 235 -5.61 36.43 -19.10
C GLY B 235 -6.43 35.21 -19.40
N TYR B 236 -6.77 34.40 -18.39
CA TYR B 236 -7.57 33.20 -18.63
C TYR B 236 -9.05 33.56 -18.75
N LYS B 237 -9.79 32.72 -19.48
CA LYS B 237 -11.23 32.87 -19.62
C LYS B 237 -11.96 32.14 -18.49
N SER B 238 -12.91 32.81 -17.88
CA SER B 238 -13.59 32.30 -16.70
C SER B 238 -14.81 31.44 -17.04
N PRO B 239 -15.16 30.55 -16.12
CA PRO B 239 -16.43 29.83 -16.21
C PRO B 239 -17.60 30.77 -16.47
N ALA B 240 -18.52 30.34 -17.34
CA ALA B 240 -19.68 31.16 -17.65
C ALA B 240 -20.50 31.45 -16.40
N ALA B 241 -20.56 30.49 -15.47
CA ALA B 241 -21.40 30.64 -14.29
C ALA B 241 -20.87 31.71 -13.34
N TRP B 242 -19.60 32.10 -13.47
CA TRP B 242 -19.08 33.16 -12.61
C TRP B 242 -19.64 34.52 -13.03
N ASN B 243 -20.14 34.62 -14.26
CA ASN B 243 -20.91 35.77 -14.73
C ASN B 243 -20.18 37.07 -14.46
N GLU B 244 -18.92 37.11 -14.83
CA GLU B 244 -18.11 38.30 -14.58
C GLU B 244 -17.73 38.97 -15.90
N LYS C 4 -19.12 -0.56 3.62
CA LYS C 4 -18.83 -1.85 4.24
C LYS C 4 -18.08 -2.75 3.25
N GLU C 5 -16.84 -3.07 3.58
CA GLU C 5 -16.03 -3.98 2.76
C GLU C 5 -16.02 -5.34 3.44
N ILE C 6 -16.42 -6.37 2.70
CA ILE C 6 -16.41 -7.73 3.21
C ILE C 6 -15.19 -8.44 2.62
N VAL C 7 -14.32 -8.95 3.48
CA VAL C 7 -13.10 -9.64 3.05
C VAL C 7 -13.30 -11.14 3.25
N PHE C 8 -13.31 -11.86 2.14
CA PHE C 8 -13.45 -13.31 2.06
C PHE C 8 -12.09 -13.96 1.98
N GLY C 9 -11.94 -15.09 2.67
CA GLY C 9 -10.80 -15.97 2.48
C GLY C 9 -11.29 -17.35 2.06
N THR C 10 -10.71 -17.91 1.01
CA THR C 10 -11.06 -19.24 0.51
C THR C 10 -9.78 -19.95 0.14
N THR C 11 -9.87 -21.27 -0.08
CA THR C 11 -8.80 -21.95 -0.78
C THR C 11 -8.81 -21.56 -2.26
N VAL C 12 -7.70 -21.86 -2.94
CA VAL C 12 -7.60 -21.61 -4.36
C VAL C 12 -8.65 -22.41 -5.10
N GLY C 13 -9.17 -21.84 -6.19
CA GLY C 13 -10.05 -22.58 -7.08
C GLY C 13 -11.53 -22.39 -6.82
N ASP C 14 -12.25 -23.51 -6.60
CA ASP C 14 -13.70 -23.50 -6.73
C ASP C 14 -14.37 -22.53 -5.77
N PHE C 15 -13.96 -22.50 -4.50
CA PHE C 15 -14.64 -21.61 -3.55
C PHE C 15 -14.36 -20.14 -3.87
N GLY C 16 -13.18 -19.83 -4.43
CA GLY C 16 -12.90 -18.46 -4.82
C GLY C 16 -13.66 -18.06 -6.07
N ASP C 17 -13.88 -19.00 -6.99
CA ASP C 17 -14.68 -18.71 -8.17
C ASP C 17 -16.12 -18.41 -7.80
N MET C 18 -16.69 -19.11 -6.80
CA MET C 18 -18.04 -18.78 -6.34
C MET C 18 -18.14 -17.30 -5.98
N VAL C 19 -17.14 -16.79 -5.28
CA VAL C 19 -17.14 -15.38 -4.88
C VAL C 19 -17.06 -14.48 -6.12
N LYS C 20 -16.04 -14.69 -6.95
CA LYS C 20 -15.77 -13.75 -8.03
C LYS C 20 -16.84 -13.82 -9.11
N GLU C 21 -17.41 -15.01 -9.36
CA GLU C 21 -18.32 -15.21 -10.48
C GLU C 21 -19.78 -14.96 -10.13
N GLN C 22 -20.14 -14.92 -8.86
CA GLN C 22 -21.54 -14.84 -8.50
C GLN C 22 -21.79 -14.02 -7.23
N ILE C 23 -21.14 -14.38 -6.11
CA ILE C 23 -21.47 -13.76 -4.84
C ILE C 23 -21.10 -12.29 -4.84
N GLN C 24 -19.93 -11.95 -5.39
CA GLN C 24 -19.47 -10.57 -5.32
C GLN C 24 -20.47 -9.62 -5.96
N ALA C 25 -20.96 -9.94 -7.17
CA ALA C 25 -21.91 -9.07 -7.83
C ALA C 25 -23.20 -8.94 -7.03
N GLU C 26 -23.67 -10.05 -6.43
CA GLU C 26 -24.86 -10.00 -5.58
C GLU C 26 -24.66 -9.04 -4.42
N LEU C 27 -23.46 -9.02 -3.84
CA LEU C 27 -23.24 -8.16 -2.68
C LEU C 27 -22.98 -6.72 -3.10
N GLU C 28 -22.39 -6.50 -4.28
CA GLU C 28 -22.20 -5.14 -4.76
C GLU C 28 -23.53 -4.47 -5.07
N LYS C 29 -24.54 -5.25 -5.48
CA LYS C 29 -25.88 -4.69 -5.67
C LYS C 29 -26.42 -4.06 -4.39
N LYS C 30 -26.04 -4.58 -3.23
CA LYS C 30 -26.48 -4.08 -1.94
C LYS C 30 -25.54 -3.04 -1.35
N GLY C 31 -24.55 -2.60 -2.11
CA GLY C 31 -23.69 -1.51 -1.69
C GLY C 31 -22.39 -1.92 -1.05
N TYR C 32 -22.11 -3.21 -0.95
CA TYR C 32 -20.87 -3.65 -0.36
C TYR C 32 -19.75 -3.64 -1.40
N THR C 33 -18.52 -3.51 -0.92
CA THR C 33 -17.36 -3.88 -1.71
C THR C 33 -16.84 -5.19 -1.15
N VAL C 34 -16.17 -5.93 -2.01
CA VAL C 34 -15.76 -7.29 -1.70
C VAL C 34 -14.30 -7.47 -2.04
N LYS C 35 -13.56 -8.10 -1.14
CA LYS C 35 -12.19 -8.49 -1.37
C LYS C 35 -12.08 -9.99 -1.16
N LEU C 36 -11.28 -10.63 -1.99
CA LEU C 36 -11.04 -12.07 -1.88
C LEU C 36 -9.56 -12.35 -1.69
N VAL C 37 -9.24 -13.13 -0.66
CA VAL C 37 -7.90 -13.63 -0.43
C VAL C 37 -7.95 -15.14 -0.59
N GLU C 38 -7.11 -15.69 -1.46
CA GLU C 38 -7.02 -17.13 -1.64
C GLU C 38 -5.78 -17.68 -0.96
N PHE C 39 -5.97 -18.85 -0.34
CA PHE C 39 -4.94 -19.53 0.42
C PHE C 39 -4.67 -20.88 -0.20
N THR C 40 -3.39 -21.26 -0.24
CA THR C 40 -3.05 -22.58 -0.74
C THR C 40 -3.36 -23.66 0.28
N ASP C 41 -3.14 -23.38 1.55
CA ASP C 41 -3.19 -24.37 2.60
C ASP C 41 -4.44 -24.21 3.46
N TYR C 42 -4.70 -25.23 4.25
CA TYR C 42 -5.85 -25.29 5.15
C TYR C 42 -5.60 -24.65 6.50
N VAL C 43 -4.39 -24.17 6.79
CA VAL C 43 -4.05 -23.75 8.15
C VAL C 43 -4.16 -22.23 8.34
N ARG C 44 -3.70 -21.46 7.39
CA ARG C 44 -3.77 -20.00 7.54
C ARG C 44 -5.20 -19.47 7.64
N PRO C 45 -6.20 -19.95 6.90
CA PRO C 45 -7.46 -19.17 6.81
C PRO C 45 -8.15 -18.91 8.14
N ASN C 46 -8.23 -19.90 9.05
CA ASN C 46 -8.90 -19.66 10.32
C ASN C 46 -8.11 -18.71 11.20
N LEU C 47 -6.78 -18.71 11.06
CA LEU C 47 -5.99 -17.82 11.89
C LEU C 47 -6.10 -16.39 11.39
N ALA C 48 -6.11 -16.21 10.06
CA ALA C 48 -6.36 -14.89 9.50
C ALA C 48 -7.74 -14.37 9.88
N LEU C 49 -8.74 -15.25 9.85
CA LEU C 49 -10.07 -14.86 10.27
C LEU C 49 -10.08 -14.40 11.72
N ALA C 50 -9.52 -15.22 12.60
CA ALA C 50 -9.58 -14.92 14.03
C ALA C 50 -8.78 -13.68 14.38
N GLU C 51 -7.74 -13.37 13.60
CA GLU C 51 -6.88 -12.23 13.88
C GLU C 51 -7.36 -10.96 13.19
N GLY C 52 -8.52 -11.00 12.54
CA GLY C 52 -9.16 -9.82 11.99
C GLY C 52 -8.82 -9.50 10.56
N GLU C 53 -8.03 -10.33 9.88
CA GLU C 53 -7.66 -10.03 8.50
C GLU C 53 -8.71 -10.45 7.48
N LEU C 54 -9.59 -11.37 7.86
CA LEU C 54 -10.73 -11.75 7.05
C LEU C 54 -12.00 -11.55 7.86
N ASP C 55 -13.10 -11.29 7.15
CA ASP C 55 -14.42 -11.28 7.79
C ASP C 55 -15.08 -12.65 7.76
N ILE C 56 -14.83 -13.42 6.73
CA ILE C 56 -15.46 -14.72 6.57
C ILE C 56 -14.51 -15.59 5.78
N ASN C 57 -14.48 -16.90 6.09
CA ASN C 57 -13.75 -17.81 5.23
C ASN C 57 -14.69 -18.95 4.79
N VAL C 58 -14.35 -19.50 3.63
CA VAL C 58 -15.11 -20.59 3.03
C VAL C 58 -14.11 -21.62 2.54
N PHE C 59 -13.86 -22.67 3.32
CA PHE C 59 -12.88 -23.65 2.84
C PHE C 59 -12.92 -25.00 3.56
N GLN C 60 -13.70 -25.14 4.64
CA GLN C 60 -13.50 -26.26 5.58
C GLN C 60 -14.83 -26.92 5.96
N HIS C 61 -14.74 -28.16 6.45
CA HIS C 61 -15.89 -28.84 7.04
C HIS C 61 -15.90 -28.68 8.56
N LYS C 62 -17.02 -29.05 9.17
CA LYS C 62 -17.19 -28.77 10.58
C LYS C 62 -16.25 -29.60 11.45
N PRO C 63 -15.99 -30.88 11.16
CA PRO C 63 -14.98 -31.58 11.99
C PRO C 63 -13.62 -30.91 11.96
N TYR C 64 -13.19 -30.39 10.81
CA TYR C 64 -11.93 -29.65 10.76
C TYR C 64 -12.02 -28.40 11.62
N LEU C 65 -13.09 -27.62 11.44
CA LEU C 65 -13.25 -26.38 12.20
C LEU C 65 -13.24 -26.64 13.70
N ASP C 66 -13.99 -27.65 14.14
CA ASP C 66 -14.09 -27.93 15.58
C ASP C 66 -12.72 -28.29 16.15
N ASP C 67 -11.95 -29.10 15.42
CA ASP C 67 -10.63 -29.49 15.89
C ASP C 67 -9.69 -28.29 15.89
N PHE C 68 -9.70 -27.52 14.80
CA PHE C 68 -8.76 -26.42 14.64
C PHE C 68 -9.02 -25.33 15.67
N LYS C 69 -10.28 -24.96 15.88
CA LYS C 69 -10.54 -23.85 16.79
C LYS C 69 -10.29 -24.26 18.23
N LYS C 70 -10.39 -25.55 18.56
CA LYS C 70 -10.02 -26.01 19.90
C LYS C 70 -8.51 -25.99 20.07
N GLU C 71 -7.78 -26.57 19.11
CA GLU C 71 -6.33 -26.63 19.22
C GLU C 71 -5.70 -25.25 19.25
N HIS C 72 -6.25 -24.31 18.49
CA HIS C 72 -5.66 -23.00 18.36
C HIS C 72 -6.39 -21.90 19.12
N ASN C 73 -7.36 -22.28 19.96
CA ASN C 73 -8.08 -21.37 20.84
C ASN C 73 -8.63 -20.16 20.10
N LEU C 74 -9.48 -20.45 19.12
CA LEU C 74 -10.07 -19.43 18.24
C LEU C 74 -11.55 -19.30 18.50
N ASP C 75 -12.01 -18.06 18.57
CA ASP C 75 -13.41 -17.74 18.85
C ASP C 75 -14.14 -17.51 17.53
N ILE C 76 -14.31 -18.62 16.82
CA ILE C 76 -14.91 -18.62 15.48
C ILE C 76 -15.99 -19.70 15.44
N THR C 77 -16.87 -19.58 14.44
CA THR C 77 -18.01 -20.48 14.37
C THR C 77 -18.50 -20.59 12.94
N GLU C 78 -19.16 -21.71 12.65
CA GLU C 78 -19.71 -21.93 11.32
C GLU C 78 -21.01 -21.18 11.14
N VAL C 79 -21.35 -20.89 9.89
CA VAL C 79 -22.57 -20.12 9.58
C VAL C 79 -23.51 -20.86 8.63
N PHE C 80 -23.09 -21.06 7.38
CA PHE C 80 -23.92 -21.71 6.38
C PHE C 80 -23.07 -22.65 5.54
N GLN C 81 -23.71 -23.61 4.93
CA GLN C 81 -23.00 -24.55 4.07
C GLN C 81 -22.94 -24.05 2.63
N VAL C 82 -21.98 -24.61 1.90
CA VAL C 82 -21.70 -24.28 0.51
C VAL C 82 -21.57 -25.55 -0.31
N PRO C 83 -21.82 -25.49 -1.62
CA PRO C 83 -21.58 -26.65 -2.48
C PRO C 83 -20.13 -27.11 -2.36
N THR C 84 -19.92 -28.41 -2.19
CA THR C 84 -18.63 -28.95 -1.78
C THR C 84 -18.21 -30.08 -2.69
N ALA C 85 -17.00 -30.00 -3.21
CA ALA C 85 -16.44 -31.11 -3.95
C ALA C 85 -16.21 -32.31 -3.03
N PRO C 86 -16.78 -33.47 -3.31
CA PRO C 86 -16.68 -34.60 -2.39
C PRO C 86 -15.32 -35.28 -2.39
N LEU C 87 -15.08 -36.02 -1.32
CA LEU C 87 -13.84 -36.79 -1.16
C LEU C 87 -13.91 -38.06 -1.99
N GLY C 88 -12.82 -38.35 -2.67
CA GLY C 88 -12.77 -39.54 -3.52
C GLY C 88 -11.44 -40.26 -3.36
N LEU C 89 -11.51 -41.58 -3.57
CA LEU C 89 -10.34 -42.40 -3.79
C LEU C 89 -10.14 -42.49 -5.30
N TYR C 90 -8.96 -42.12 -5.76
CA TYR C 90 -8.67 -42.00 -7.17
C TYR C 90 -7.57 -42.96 -7.58
N PRO C 91 -7.57 -43.37 -8.84
CA PRO C 91 -6.48 -44.23 -9.33
C PRO C 91 -5.13 -43.53 -9.24
N GLY C 92 -4.13 -44.27 -8.76
CA GLY C 92 -2.75 -43.88 -8.85
C GLY C 92 -2.03 -44.81 -9.80
N LYS C 93 -1.06 -45.55 -9.29
CA LYS C 93 -0.42 -46.58 -10.11
C LYS C 93 -1.41 -47.69 -10.46
N LEU C 94 -2.40 -47.94 -9.61
CA LEU C 94 -3.44 -48.92 -9.90
C LEU C 94 -4.72 -48.21 -10.29
N LYS C 95 -5.49 -48.83 -11.20
CA LYS C 95 -6.57 -48.14 -11.89
C LYS C 95 -7.96 -48.58 -11.48
N SER C 96 -8.09 -49.63 -10.68
CA SER C 96 -9.42 -50.09 -10.28
C SER C 96 -9.35 -50.67 -8.87
N LEU C 97 -10.49 -50.66 -8.19
CA LEU C 97 -10.53 -51.17 -6.83
C LEU C 97 -10.17 -52.64 -6.77
N GLU C 98 -10.56 -53.41 -7.80
CA GLU C 98 -10.29 -54.83 -7.81
C GLU C 98 -8.82 -55.16 -7.96
N GLU C 99 -8.00 -54.19 -8.35
CA GLU C 99 -6.56 -54.41 -8.48
C GLU C 99 -5.81 -54.28 -7.16
N VAL C 100 -6.49 -53.91 -6.07
CA VAL C 100 -5.80 -53.75 -4.80
C VAL C 100 -5.13 -55.07 -4.42
N LYS C 101 -3.92 -54.98 -3.88
CA LYS C 101 -3.15 -56.13 -3.44
C LYS C 101 -2.81 -55.99 -1.97
N ASP C 102 -2.41 -57.10 -1.36
CA ASP C 102 -1.78 -57.02 -0.05
C ASP C 102 -0.59 -56.06 -0.13
N GLY C 103 -0.56 -55.09 0.78
CA GLY C 103 0.53 -54.13 0.77
C GLY C 103 0.33 -52.94 -0.16
N SER C 104 -0.82 -52.81 -0.81
CA SER C 104 -1.02 -51.64 -1.66
C SER C 104 -0.85 -50.36 -0.85
N THR C 105 -0.39 -49.31 -1.53
CA THR C 105 -0.17 -48.01 -0.91
C THR C 105 -1.34 -47.08 -1.22
N VAL C 106 -1.80 -46.38 -0.19
CA VAL C 106 -2.86 -45.38 -0.33
C VAL C 106 -2.37 -44.10 0.30
N SER C 107 -2.41 -43.00 -0.45
CA SER C 107 -2.01 -41.73 0.13
C SER C 107 -3.19 -41.07 0.82
N ALA C 108 -2.88 -40.31 1.89
CA ALA C 108 -3.90 -39.75 2.76
C ALA C 108 -3.39 -38.40 3.29
N PRO C 109 -4.30 -37.48 3.60
CA PRO C 109 -3.87 -36.24 4.23
C PRO C 109 -3.47 -36.49 5.68
N ASN C 110 -2.58 -35.65 6.18
CA ASN C 110 -1.92 -35.90 7.45
C ASN C 110 -2.53 -35.11 8.61
N ASP C 111 -3.63 -34.38 8.38
CA ASP C 111 -4.27 -33.71 9.51
C ASP C 111 -5.38 -34.60 10.09
N PRO C 112 -5.69 -34.50 11.38
CA PRO C 112 -6.51 -35.56 12.01
C PRO C 112 -7.92 -35.70 11.48
N SER C 113 -8.64 -34.59 11.23
CA SER C 113 -10.04 -34.76 10.83
C SER C 113 -10.17 -35.30 9.42
N ASN C 114 -9.22 -34.98 8.54
CA ASN C 114 -9.28 -35.52 7.19
C ASN C 114 -8.68 -36.92 7.12
N PHE C 115 -7.65 -37.22 7.95
CA PHE C 115 -7.15 -38.59 8.02
C PHE C 115 -8.24 -39.56 8.46
N ALA C 116 -9.09 -39.13 9.40
CA ALA C 116 -10.17 -40.01 9.86
C ALA C 116 -11.04 -40.45 8.69
N ARG C 117 -11.29 -39.54 7.76
CA ARG C 117 -12.15 -39.85 6.61
C ARG C 117 -11.55 -40.93 5.73
N VAL C 118 -10.22 -40.98 5.64
CA VAL C 118 -9.57 -42.02 4.86
C VAL C 118 -9.74 -43.38 5.54
N LEU C 119 -9.54 -43.42 6.85
CA LEU C 119 -9.73 -44.70 7.56
C LEU C 119 -11.15 -45.22 7.40
N VAL C 120 -12.15 -44.32 7.51
CA VAL C 120 -13.53 -44.73 7.34
C VAL C 120 -13.77 -45.25 5.92
N MET C 121 -13.17 -44.58 4.93
CA MET C 121 -13.32 -45.01 3.54
C MET C 121 -12.70 -46.40 3.34
N LEU C 122 -11.52 -46.63 3.89
CA LEU C 122 -10.87 -47.93 3.73
C LEU C 122 -11.68 -49.02 4.42
N ASP C 123 -12.34 -48.69 5.53
CA ASP C 123 -13.22 -49.64 6.20
C ASP C 123 -14.44 -49.95 5.35
N GLU C 124 -15.02 -48.93 4.71
CA GLU C 124 -16.15 -49.14 3.81
C GLU C 124 -15.75 -50.02 2.62
N LEU C 125 -14.53 -49.88 2.14
CA LEU C 125 -14.03 -50.69 1.04
C LEU C 125 -13.67 -52.10 1.45
N GLY C 126 -13.61 -52.38 2.76
CA GLY C 126 -13.16 -53.68 3.24
C GLY C 126 -11.67 -53.91 3.21
N TRP C 127 -10.86 -52.85 3.08
CA TRP C 127 -9.41 -52.97 3.04
C TRP C 127 -8.78 -52.95 4.43
N ILE C 128 -9.48 -52.35 5.39
CA ILE C 128 -9.13 -52.41 6.81
C ILE C 128 -10.44 -52.60 7.56
N LYS C 129 -10.32 -52.90 8.86
CA LYS C 129 -11.48 -53.03 9.73
C LYS C 129 -11.28 -52.16 10.95
N LEU C 130 -12.17 -51.19 11.14
CA LEU C 130 -12.16 -50.39 12.34
C LEU C 130 -12.86 -51.14 13.47
N LYS C 131 -12.42 -50.84 14.70
CA LYS C 131 -13.08 -51.39 15.87
C LYS C 131 -14.54 -50.94 15.95
N ASP C 132 -15.40 -51.84 16.43
CA ASP C 132 -16.80 -51.50 16.63
C ASP C 132 -16.94 -50.30 17.56
N GLY C 133 -17.86 -49.40 17.21
CA GLY C 133 -18.31 -48.36 18.12
C GLY C 133 -17.44 -47.12 18.24
N ILE C 134 -16.26 -47.08 17.62
CA ILE C 134 -15.47 -45.85 17.65
C ILE C 134 -16.17 -44.77 16.82
N ASN C 135 -15.92 -43.53 17.16
CA ASN C 135 -16.53 -42.43 16.44
C ASN C 135 -15.83 -42.23 15.10
N PRO C 136 -16.52 -42.37 13.96
CA PRO C 136 -15.81 -42.20 12.69
C PRO C 136 -15.22 -40.81 12.51
N LEU C 137 -15.81 -39.80 13.13
CA LEU C 137 -15.30 -38.44 12.94
C LEU C 137 -13.92 -38.26 13.54
N THR C 138 -13.50 -39.14 14.45
CA THR C 138 -12.18 -39.04 15.05
C THR C 138 -11.35 -40.32 14.86
N ALA C 139 -11.74 -41.17 13.90
CA ALA C 139 -11.01 -42.39 13.63
C ALA C 139 -9.52 -42.13 13.46
N SER C 140 -8.73 -42.91 14.18
CA SER C 140 -7.28 -42.77 14.20
C SER C 140 -6.67 -44.16 14.05
N LYS C 141 -5.35 -44.20 13.86
CA LYS C 141 -4.66 -45.47 13.68
C LYS C 141 -4.98 -46.44 14.82
N ALA C 142 -5.09 -45.91 16.04
CA ALA C 142 -5.40 -46.75 17.20
C ALA C 142 -6.75 -47.44 17.08
N ASP C 143 -7.66 -46.92 16.27
CA ASP C 143 -8.99 -47.49 16.11
C ASP C 143 -9.05 -48.61 15.09
N ILE C 144 -7.94 -48.93 14.43
CA ILE C 144 -7.91 -50.01 13.45
C ILE C 144 -7.88 -51.33 14.21
N ALA C 145 -8.91 -52.14 14.03
CA ALA C 145 -8.92 -53.49 14.61
C ALA C 145 -8.05 -54.47 13.82
N GLU C 146 -8.12 -54.43 12.49
CA GLU C 146 -7.30 -55.30 11.67
C GLU C 146 -7.03 -54.62 10.33
N ASN C 147 -5.77 -54.60 9.93
CA ASN C 147 -5.41 -54.07 8.61
C ASN C 147 -5.49 -55.22 7.64
N LEU C 148 -6.69 -55.43 7.09
CA LEU C 148 -7.03 -56.68 6.41
C LEU C 148 -6.13 -56.90 5.19
N LYS C 149 -5.91 -55.86 4.38
CA LYS C 149 -5.07 -56.00 3.21
C LYS C 149 -3.67 -55.43 3.43
N ASN C 150 -3.28 -55.20 4.68
CA ASN C 150 -1.98 -54.65 5.01
C ASN C 150 -1.70 -53.42 4.15
N ILE C 151 -2.71 -52.57 4.03
CA ILE C 151 -2.56 -51.30 3.35
C ILE C 151 -1.45 -50.49 4.00
N LYS C 152 -0.59 -49.91 3.17
CA LYS C 152 0.42 -48.95 3.61
C LYS C 152 -0.13 -47.55 3.33
N ILE C 153 -0.46 -46.83 4.40
CA ILE C 153 -1.04 -45.50 4.28
C ILE C 153 0.10 -44.49 4.30
N VAL C 154 0.20 -43.72 3.22
CA VAL C 154 1.27 -42.75 3.02
C VAL C 154 0.66 -41.38 3.32
N GLU C 155 1.07 -40.80 4.45
CA GLU C 155 0.50 -39.55 4.94
C GLU C 155 1.29 -38.37 4.38
N LEU C 156 0.56 -37.42 3.80
CA LEU C 156 1.14 -36.26 3.13
C LEU C 156 0.37 -35.01 3.52
N GLU C 157 0.99 -33.85 3.35
CA GLU C 157 0.23 -32.62 3.46
C GLU C 157 -0.86 -32.63 2.38
N ALA C 158 -2.06 -32.17 2.75
CA ALA C 158 -3.23 -32.31 1.87
C ALA C 158 -2.97 -31.84 0.44
N ALA C 159 -2.24 -30.74 0.25
CA ALA C 159 -2.09 -30.22 -1.10
C ALA C 159 -1.22 -31.10 -1.98
N GLN C 160 -0.47 -32.04 -1.38
CA GLN C 160 0.38 -32.98 -2.13
C GLN C 160 -0.41 -34.12 -2.75
N LEU C 161 -1.66 -34.29 -2.39
CA LEU C 161 -2.29 -35.57 -2.72
C LEU C 161 -2.54 -35.74 -4.22
N PRO C 162 -2.88 -34.70 -5.00
CA PRO C 162 -3.00 -34.94 -6.44
C PRO C 162 -1.72 -35.47 -7.07
N ARG C 163 -0.58 -34.85 -6.78
CA ARG C 163 0.67 -35.31 -7.37
C ARG C 163 1.10 -36.67 -6.83
N SER C 164 0.55 -37.09 -5.70
CA SER C 164 0.98 -38.36 -5.10
C SER C 164 0.59 -39.55 -5.95
N ARG C 165 -0.35 -39.38 -6.88
CA ARG C 165 -0.81 -40.49 -7.69
C ARG C 165 0.32 -41.12 -8.48
N ALA C 166 1.41 -40.39 -8.70
CA ALA C 166 2.57 -40.95 -9.38
C ALA C 166 3.34 -41.95 -8.52
N ASP C 167 3.12 -41.94 -7.20
CA ASP C 167 3.98 -42.64 -6.27
C ASP C 167 3.27 -43.71 -5.47
N VAL C 168 1.93 -43.73 -5.46
CA VAL C 168 1.15 -44.67 -4.66
C VAL C 168 0.15 -45.36 -5.56
N ASP C 169 -0.40 -46.48 -5.07
CA ASP C 169 -1.36 -47.23 -5.87
C ASP C 169 -2.69 -46.49 -6.00
N PHE C 170 -3.13 -45.83 -4.93
CA PHE C 170 -4.39 -45.10 -4.92
C PHE C 170 -4.19 -43.86 -4.07
N ALA C 171 -4.89 -42.77 -4.42
CA ALA C 171 -4.79 -41.52 -3.67
C ALA C 171 -6.17 -41.06 -3.21
N VAL C 172 -6.31 -40.77 -1.92
CA VAL C 172 -7.55 -40.17 -1.42
C VAL C 172 -7.36 -38.67 -1.37
N VAL C 173 -8.09 -37.95 -2.20
CA VAL C 173 -7.78 -36.56 -2.51
C VAL C 173 -8.97 -35.70 -2.14
N ASN C 174 -8.72 -34.63 -1.38
CA ASN C 174 -9.77 -33.67 -1.05
C ASN C 174 -10.26 -32.98 -2.33
N GLY C 175 -11.57 -32.73 -2.37
CA GLY C 175 -12.17 -32.26 -3.62
C GLY C 175 -11.60 -30.95 -4.13
N ASN C 176 -11.32 -29.99 -3.23
CA ASN C 176 -10.83 -28.68 -3.71
C ASN C 176 -9.50 -28.83 -4.41
N TYR C 177 -8.62 -29.71 -3.88
CA TYR C 177 -7.34 -29.91 -4.52
C TYR C 177 -7.47 -30.77 -5.77
N ALA C 178 -8.36 -31.75 -5.77
CA ALA C 178 -8.59 -32.54 -6.96
C ALA C 178 -8.99 -31.64 -8.12
N ILE C 179 -10.00 -30.82 -7.90
CA ILE C 179 -10.54 -29.94 -8.94
C ILE C 179 -9.47 -28.99 -9.46
N SER C 180 -8.72 -28.34 -8.55
CA SER C 180 -7.73 -27.37 -9.01
C SER C 180 -6.53 -28.01 -9.68
N SER C 181 -6.32 -29.32 -9.50
CA SER C 181 -5.26 -30.01 -10.23
C SER C 181 -5.74 -30.61 -11.54
N GLY C 182 -6.98 -30.35 -11.94
CA GLY C 182 -7.53 -30.89 -13.16
C GLY C 182 -8.09 -32.28 -13.05
N MET C 183 -8.16 -32.84 -11.85
CA MET C 183 -8.84 -34.12 -11.69
C MET C 183 -10.35 -33.92 -11.79
N LYS C 184 -11.04 -34.95 -12.26
CA LYS C 184 -12.49 -34.90 -12.37
C LYS C 184 -13.11 -35.81 -11.33
N LEU C 185 -14.24 -35.36 -10.76
CA LEU C 185 -14.91 -36.17 -9.75
C LEU C 185 -15.33 -37.52 -10.32
N THR C 186 -15.66 -37.57 -11.62
CA THR C 186 -16.07 -38.82 -12.27
C THR C 186 -14.93 -39.83 -12.37
N GLU C 187 -13.68 -39.43 -12.10
CA GLU C 187 -12.55 -40.34 -12.12
C GLU C 187 -12.38 -41.10 -10.81
N ALA C 188 -13.12 -40.73 -9.77
CA ALA C 188 -12.99 -41.41 -8.50
C ALA C 188 -13.48 -42.84 -8.61
N LEU C 189 -12.74 -43.76 -8.00
CA LEU C 189 -13.17 -45.15 -7.88
C LEU C 189 -14.19 -45.35 -6.76
N PHE C 190 -14.18 -44.47 -5.77
CA PHE C 190 -15.08 -44.52 -4.62
C PHE C 190 -15.19 -43.11 -4.08
N GLN C 191 -16.41 -42.70 -3.74
CA GLN C 191 -16.70 -41.39 -3.20
C GLN C 191 -17.34 -41.53 -1.82
N GLU C 192 -16.92 -40.67 -0.90
CA GLU C 192 -17.46 -40.68 0.46
C GLU C 192 -18.98 -40.51 0.45
N PRO C 193 -19.73 -41.44 1.07
CA PRO C 193 -21.21 -41.31 1.04
C PRO C 193 -21.79 -40.40 2.11
N SER C 194 -21.03 -40.12 3.17
CA SER C 194 -21.49 -39.23 4.25
C SER C 194 -21.77 -37.83 3.73
N PHE C 195 -22.69 -37.12 4.37
CA PHE C 195 -22.85 -35.69 4.16
C PHE C 195 -22.30 -34.87 5.33
N ALA C 196 -21.55 -35.51 6.25
CA ALA C 196 -21.05 -34.85 7.44
C ALA C 196 -19.98 -33.82 7.11
N TYR C 197 -19.38 -33.90 5.91
CA TYR C 197 -18.24 -33.05 5.57
C TYR C 197 -18.57 -32.01 4.51
N VAL C 198 -19.85 -31.73 4.27
CA VAL C 198 -20.18 -30.58 3.41
C VAL C 198 -19.64 -29.33 4.09
N ASN C 199 -18.98 -28.47 3.31
CA ASN C 199 -18.20 -27.39 3.90
C ASN C 199 -19.11 -26.26 4.39
N TRP C 200 -18.56 -25.50 5.34
CA TRP C 200 -19.24 -24.39 6.01
C TRP C 200 -18.41 -23.13 5.87
N SER C 201 -19.08 -22.01 5.76
CA SER C 201 -18.41 -20.74 6.00
C SER C 201 -18.19 -20.56 7.50
N ALA C 202 -17.21 -19.72 7.84
CA ALA C 202 -16.90 -19.47 9.25
C ALA C 202 -16.62 -17.98 9.44
N VAL C 203 -17.01 -17.47 10.62
CA VAL C 203 -16.82 -16.08 11.02
C VAL C 203 -16.37 -16.04 12.47
N LYS C 204 -15.84 -14.89 12.88
CA LYS C 204 -15.65 -14.64 14.30
C LYS C 204 -17.03 -14.60 14.96
N THR C 205 -17.11 -15.18 16.15
CA THR C 205 -18.40 -15.30 16.83
C THR C 205 -19.05 -13.93 17.03
N ALA C 206 -18.24 -12.89 17.27
CA ALA C 206 -18.77 -11.55 17.48
C ALA C 206 -19.59 -11.04 16.30
N ASP C 207 -19.38 -11.59 15.11
CA ASP C 207 -20.01 -11.12 13.89
C ASP C 207 -21.27 -11.89 13.51
N LYS C 208 -21.66 -12.89 14.32
CA LYS C 208 -22.70 -13.83 13.92
C LYS C 208 -24.03 -13.16 13.62
N ASP C 209 -24.36 -12.07 14.32
CA ASP C 209 -25.65 -11.39 14.14
C ASP C 209 -25.56 -10.14 13.26
N SER C 210 -24.48 -9.97 12.53
CA SER C 210 -24.27 -8.76 11.75
C SER C 210 -25.17 -8.71 10.51
N GLN C 211 -25.48 -7.49 10.08
CA GLN C 211 -26.26 -7.37 8.86
C GLN C 211 -25.46 -7.84 7.64
N TRP C 212 -24.16 -7.52 7.59
CA TRP C 212 -23.38 -7.96 6.45
C TRP C 212 -23.42 -9.48 6.32
N LEU C 213 -23.33 -10.21 7.44
CA LEU C 213 -23.35 -11.67 7.36
C LEU C 213 -24.71 -12.18 6.91
N LYS C 214 -25.79 -11.52 7.34
CA LYS C 214 -27.12 -11.86 6.83
C LYS C 214 -27.18 -11.74 5.32
N ASP C 215 -26.60 -10.66 4.78
CA ASP C 215 -26.62 -10.46 3.33
C ASP C 215 -25.73 -11.48 2.61
N VAL C 216 -24.58 -11.85 3.20
CA VAL C 216 -23.76 -12.90 2.59
C VAL C 216 -24.50 -14.23 2.61
N THR C 217 -25.13 -14.56 3.74
CA THR C 217 -25.89 -15.80 3.85
C THR C 217 -26.97 -15.87 2.79
N GLU C 218 -27.71 -14.77 2.62
CA GLU C 218 -28.75 -14.73 1.59
C GLU C 218 -28.15 -14.91 0.20
N ALA C 219 -26.98 -14.31 -0.06
CA ALA C 219 -26.36 -14.45 -1.37
C ALA C 219 -26.03 -15.92 -1.69
N TYR C 220 -25.57 -16.66 -0.69
CA TYR C 220 -25.24 -18.07 -0.90
C TYR C 220 -26.45 -18.99 -0.88
N ASN C 221 -27.67 -18.45 -0.73
CA ASN C 221 -28.86 -19.28 -0.71
C ASN C 221 -29.92 -18.78 -1.69
N SER C 222 -29.52 -17.89 -2.59
CA SER C 222 -30.44 -17.30 -3.56
C SER C 222 -30.72 -18.27 -4.71
N ASP C 223 -31.87 -18.08 -5.36
CA ASP C 223 -32.17 -18.92 -6.51
C ASP C 223 -31.09 -18.78 -7.58
N ALA C 224 -30.58 -17.56 -7.76
CA ALA C 224 -29.56 -17.33 -8.78
C ALA C 224 -28.27 -18.08 -8.44
N PHE C 225 -27.84 -18.03 -7.17
CA PHE C 225 -26.64 -18.76 -6.82
C PHE C 225 -26.83 -20.26 -7.02
N LYS C 226 -27.98 -20.79 -6.61
CA LYS C 226 -28.20 -22.23 -6.76
C LYS C 226 -28.18 -22.65 -8.22
N ALA C 227 -28.79 -21.83 -9.09
CA ALA C 227 -28.81 -22.16 -10.51
C ALA C 227 -27.41 -22.16 -11.10
N TYR C 228 -26.59 -21.17 -10.73
CA TYR C 228 -25.20 -21.12 -11.14
C TYR C 228 -24.44 -22.33 -10.62
N ALA C 229 -24.62 -22.64 -9.33
CA ALA C 229 -23.80 -23.67 -8.70
C ALA C 229 -24.11 -25.05 -9.27
N HIS C 230 -25.38 -25.31 -9.54
CA HIS C 230 -25.77 -26.62 -10.07
C HIS C 230 -25.15 -26.84 -11.44
N LYS C 231 -24.95 -25.77 -12.21
CA LYS C 231 -24.31 -25.87 -13.52
C LYS C 231 -22.78 -25.83 -13.41
N ARG C 232 -22.22 -24.90 -12.62
CA ARG C 232 -20.77 -24.71 -12.54
C ARG C 232 -20.07 -25.84 -11.80
N PHE C 233 -20.74 -26.42 -10.81
CA PHE C 233 -20.10 -27.36 -9.90
C PHE C 233 -20.85 -28.68 -9.92
N GLU C 234 -20.87 -29.31 -11.10
CA GLU C 234 -21.63 -30.54 -11.26
C GLU C 234 -21.00 -31.64 -10.43
N GLY C 235 -21.83 -32.40 -9.73
CA GLY C 235 -21.33 -33.46 -8.91
C GLY C 235 -20.97 -33.06 -7.50
N TYR C 236 -21.08 -31.77 -7.15
CA TYR C 236 -20.79 -31.36 -5.79
C TYR C 236 -21.94 -31.74 -4.87
N LYS C 237 -21.61 -31.92 -3.59
CA LYS C 237 -22.62 -32.07 -2.56
C LYS C 237 -23.20 -30.71 -2.16
N SER C 238 -24.53 -30.61 -2.20
CA SER C 238 -25.18 -29.35 -1.88
C SER C 238 -25.40 -29.18 -0.38
N PRO C 239 -25.45 -27.93 0.09
CA PRO C 239 -25.90 -27.67 1.47
C PRO C 239 -27.15 -28.46 1.82
N ALA C 240 -27.16 -29.03 3.02
CA ALA C 240 -28.34 -29.79 3.44
C ALA C 240 -29.60 -28.94 3.35
N ALA C 241 -29.51 -27.67 3.72
CA ALA C 241 -30.68 -26.82 3.76
C ALA C 241 -31.28 -26.60 2.39
N TRP C 242 -30.51 -26.80 1.32
CA TRP C 242 -31.09 -26.62 -0.01
C TRP C 242 -32.09 -27.71 -0.29
N ASN C 243 -32.06 -28.78 0.50
CA ASN C 243 -33.26 -29.55 0.75
C ASN C 243 -33.51 -30.55 -0.37
N GLU C 244 -33.01 -30.25 -1.56
CA GLU C 244 -33.12 -31.18 -2.69
C GLU C 244 -32.52 -32.54 -2.32
N LYS D 4 16.76 -3.15 -2.18
CA LYS D 4 16.36 -4.47 -1.74
C LYS D 4 15.60 -4.33 -0.42
N GLU D 5 14.35 -4.78 -0.39
CA GLU D 5 13.52 -4.71 0.80
C GLU D 5 13.52 -6.09 1.46
N ILE D 6 13.91 -6.15 2.72
CA ILE D 6 13.90 -7.39 3.49
C ILE D 6 12.70 -7.36 4.42
N VAL D 7 11.81 -8.34 4.29
CA VAL D 7 10.62 -8.44 5.11
C VAL D 7 10.86 -9.51 6.18
N PHE D 8 10.86 -9.05 7.44
CA PHE D 8 11.02 -9.90 8.63
C PHE D 8 9.65 -10.24 9.20
N GLY D 9 9.50 -11.48 9.66
CA GLY D 9 8.39 -11.83 10.52
C GLY D 9 8.90 -12.32 11.87
N THR D 10 8.32 -11.83 12.97
CA THR D 10 8.69 -12.25 14.31
C THR D 10 7.41 -12.42 15.13
N THR D 11 7.53 -13.04 16.30
CA THR D 11 6.47 -12.91 17.27
C THR D 11 6.47 -11.48 17.86
N VAL D 12 5.37 -11.14 18.54
CA VAL D 12 5.27 -9.88 19.23
C VAL D 12 6.34 -9.79 20.31
N GLY D 13 6.90 -8.61 20.51
CA GLY D 13 7.74 -8.35 21.67
C GLY D 13 9.22 -8.45 21.33
N ASP D 14 9.94 -9.28 22.09
CA ASP D 14 11.40 -9.15 22.13
C ASP D 14 12.03 -9.32 20.76
N PHE D 15 11.60 -10.30 19.96
CA PHE D 15 12.28 -10.52 18.69
C PHE D 15 12.01 -9.38 17.72
N GLY D 16 10.85 -8.75 17.82
CA GLY D 16 10.57 -7.60 16.99
C GLY D 16 11.35 -6.37 17.43
N ASP D 17 11.53 -6.19 18.74
CA ASP D 17 12.34 -5.08 19.23
C ASP D 17 13.77 -5.18 18.74
N MET D 18 14.32 -6.40 18.67
CA MET D 18 15.66 -6.57 18.10
C MET D 18 15.76 -5.97 16.72
N VAL D 19 14.75 -6.20 15.89
CA VAL D 19 14.77 -5.69 14.53
C VAL D 19 14.68 -4.17 14.55
N LYS D 20 13.69 -3.63 15.25
CA LYS D 20 13.43 -2.19 15.16
C LYS D 20 14.51 -1.38 15.86
N GLU D 21 15.12 -1.91 16.92
CA GLU D 21 16.04 -1.14 17.74
C GLU D 21 17.50 -1.27 17.34
N GLN D 22 17.86 -2.29 16.56
CA GLN D 22 19.26 -2.56 16.28
C GLN D 22 19.48 -3.04 14.83
N ILE D 23 18.80 -4.11 14.42
CA ILE D 23 19.13 -4.73 13.15
C ILE D 23 18.75 -3.82 12.00
N GLN D 24 17.58 -3.18 12.10
CA GLN D 24 17.09 -2.37 11.00
C GLN D 24 18.10 -1.29 10.61
N ALA D 25 18.61 -0.56 11.60
CA ALA D 25 19.56 0.50 11.29
C ALA D 25 20.84 -0.07 10.67
N GLU D 26 21.31 -1.23 11.18
CA GLU D 26 22.52 -1.84 10.63
C GLU D 26 22.32 -2.19 9.16
N LEU D 27 21.12 -2.68 8.79
CA LEU D 27 20.87 -3.05 7.40
C LEU D 27 20.62 -1.82 6.53
N GLU D 28 20.01 -0.77 7.07
CA GLU D 28 19.80 0.45 6.29
C GLU D 28 21.13 1.10 5.92
N LYS D 29 22.16 0.95 6.76
CA LYS D 29 23.47 1.49 6.42
C LYS D 29 24.03 0.85 5.15
N LYS D 30 23.66 -0.40 4.89
CA LYS D 30 24.13 -1.11 3.71
C LYS D 30 23.20 -0.95 2.52
N GLY D 31 22.21 -0.05 2.61
CA GLY D 31 21.35 0.26 1.50
C GLY D 31 20.02 -0.47 1.47
N TYR D 32 19.74 -1.34 2.43
CA TYR D 32 18.48 -2.08 2.42
C TYR D 32 17.36 -1.24 3.03
N THR D 33 16.13 -1.54 2.64
CA THR D 33 14.98 -1.18 3.45
C THR D 33 14.47 -2.43 4.18
N VAL D 34 13.77 -2.20 5.28
CA VAL D 34 13.39 -3.26 6.21
C VAL D 34 11.90 -3.10 6.53
N LYS D 35 11.17 -4.20 6.49
CA LYS D 35 9.78 -4.23 6.93
C LYS D 35 9.66 -5.30 8.00
N LEU D 36 8.85 -5.04 9.03
CA LEU D 36 8.62 -6.00 10.10
C LEU D 36 7.14 -6.33 10.19
N VAL D 37 6.82 -7.62 10.20
CA VAL D 37 5.48 -8.12 10.45
C VAL D 37 5.54 -8.92 11.74
N GLU D 38 4.71 -8.58 12.72
CA GLU D 38 4.66 -9.33 13.97
C GLU D 38 3.42 -10.21 14.00
N PHE D 39 3.59 -11.39 14.59
CA PHE D 39 2.56 -12.42 14.63
C PHE D 39 2.28 -12.79 16.07
N THR D 40 1.02 -13.02 16.39
CA THR D 40 0.68 -13.39 17.74
C THR D 40 0.94 -14.88 17.99
N ASP D 41 0.82 -15.70 16.95
CA ASP D 41 0.85 -17.15 17.09
C ASP D 41 2.08 -17.73 16.41
N TYR D 42 2.41 -18.97 16.78
CA TYR D 42 3.54 -19.70 16.25
C TYR D 42 3.30 -20.38 14.91
N VAL D 43 2.11 -20.31 14.33
CA VAL D 43 1.76 -21.15 13.20
C VAL D 43 1.84 -20.40 11.87
N ARG D 44 1.34 -19.18 11.82
CA ARG D 44 1.41 -18.43 10.57
C ARG D 44 2.82 -18.13 10.07
N PRO D 45 3.83 -17.83 10.92
CA PRO D 45 5.09 -17.28 10.36
C PRO D 45 5.80 -18.18 9.34
N ASN D 46 5.87 -19.49 9.56
CA ASN D 46 6.55 -20.34 8.57
C ASN D 46 5.74 -20.47 7.29
N LEU D 47 4.42 -20.41 7.40
CA LEU D 47 3.60 -20.52 6.19
C LEU D 47 3.71 -19.25 5.36
N ALA D 48 3.73 -18.10 6.04
CA ALA D 48 3.95 -16.84 5.33
C ALA D 48 5.32 -16.81 4.68
N LEU D 49 6.33 -17.28 5.40
CA LEU D 49 7.67 -17.36 4.84
C LEU D 49 7.67 -18.23 3.58
N ALA D 50 7.12 -19.45 3.67
CA ALA D 50 7.19 -20.38 2.54
C ALA D 50 6.39 -19.87 1.34
N GLU D 51 5.36 -19.09 1.57
CA GLU D 51 4.51 -18.58 0.49
C GLU D 51 5.01 -17.25 -0.06
N GLY D 52 6.18 -16.81 0.37
CA GLY D 52 6.80 -15.62 -0.18
C GLY D 52 6.45 -14.30 0.49
N GLU D 53 5.60 -14.31 1.52
CA GLU D 53 5.17 -13.08 2.16
C GLU D 53 6.21 -12.52 3.11
N LEU D 54 7.12 -13.36 3.59
CA LEU D 54 8.25 -12.93 4.38
C LEU D 54 9.51 -13.42 3.69
N ASP D 55 10.60 -12.68 3.88
CA ASP D 55 11.93 -13.17 3.50
C ASP D 55 12.62 -13.97 4.58
N ILE D 56 12.37 -13.66 5.85
CA ILE D 56 13.04 -14.31 6.97
C ILE D 56 12.12 -14.21 8.17
N ASN D 57 12.09 -15.24 9.01
CA ASN D 57 11.37 -15.10 10.28
C ASN D 57 12.30 -15.42 11.43
N VAL D 58 11.95 -14.87 12.59
CA VAL D 58 12.74 -15.04 13.81
C VAL D 58 11.76 -15.27 14.93
N PHE D 59 11.50 -16.54 15.27
CA PHE D 59 10.52 -16.78 16.34
C PHE D 59 10.55 -18.17 16.95
N GLN D 60 11.35 -19.10 16.46
CA GLN D 60 11.15 -20.52 16.75
C GLN D 60 12.48 -21.19 17.03
N HIS D 61 12.40 -22.33 17.72
CA HIS D 61 13.57 -23.19 17.87
C HIS D 61 13.58 -24.27 16.79
N LYS D 62 14.71 -24.95 16.70
CA LYS D 62 14.88 -25.87 15.59
C LYS D 62 14.02 -27.11 15.72
N PRO D 63 13.80 -27.69 16.92
CA PRO D 63 12.83 -28.80 16.98
C PRO D 63 11.45 -28.39 16.48
N TYR D 64 10.99 -27.16 16.78
CA TYR D 64 9.71 -26.72 16.25
C TYR D 64 9.74 -26.63 14.73
N LEU D 65 10.81 -26.04 14.20
CA LEU D 65 10.95 -25.86 12.75
C LEU D 65 11.01 -27.19 12.03
N ASP D 66 11.85 -28.11 12.52
CA ASP D 66 11.97 -29.40 11.85
C ASP D 66 10.62 -30.10 11.79
N ASP D 67 9.86 -30.09 12.89
CA ASP D 67 8.55 -30.73 12.90
C ASP D 67 7.59 -30.01 11.98
N PHE D 68 7.57 -28.68 12.07
CA PHE D 68 6.59 -27.90 11.32
C PHE D 68 6.82 -28.02 9.82
N LYS D 69 8.07 -27.90 9.38
CA LYS D 69 8.29 -27.91 7.93
C LYS D 69 8.06 -29.29 7.35
N LYS D 70 8.28 -30.34 8.14
CA LYS D 70 7.98 -31.69 7.64
C LYS D 70 6.48 -31.89 7.53
N GLU D 71 5.74 -31.52 8.58
CA GLU D 71 4.30 -31.74 8.61
C GLU D 71 3.60 -30.92 7.54
N HIS D 72 4.05 -29.69 7.28
CA HIS D 72 3.40 -28.80 6.33
C HIS D 72 4.13 -28.71 5.00
N ASN D 73 5.11 -29.58 4.80
CA ASN D 73 5.86 -29.72 3.56
C ASN D 73 6.36 -28.38 3.03
N LEU D 74 7.22 -27.77 3.83
CA LEU D 74 7.77 -26.44 3.55
C LEU D 74 9.26 -26.54 3.27
N ASP D 75 9.70 -25.89 2.21
CA ASP D 75 11.10 -25.88 1.78
C ASP D 75 11.81 -24.69 2.44
N ILE D 76 11.99 -24.80 3.76
CA ILE D 76 12.58 -23.74 4.57
C ILE D 76 13.68 -24.34 5.42
N THR D 77 14.55 -23.47 5.94
CA THR D 77 15.73 -23.92 6.66
C THR D 77 16.19 -22.85 7.64
N GLU D 78 16.81 -23.31 8.73
CA GLU D 78 17.36 -22.40 9.72
C GLU D 78 18.65 -21.77 9.21
N VAL D 79 19.00 -20.61 9.77
CA VAL D 79 20.21 -19.91 9.34
C VAL D 79 21.15 -19.61 10.51
N PHE D 80 20.72 -18.77 11.46
CA PHE D 80 21.56 -18.40 12.58
C PHE D 80 20.71 -18.31 13.84
N GLN D 81 21.37 -18.44 14.99
CA GLN D 81 20.65 -18.34 16.26
C GLN D 81 20.59 -16.89 16.75
N VAL D 82 19.63 -16.64 17.64
CA VAL D 82 19.39 -15.34 18.25
C VAL D 82 19.25 -15.48 19.77
N PRO D 83 19.59 -14.45 20.55
CA PRO D 83 19.31 -14.50 21.99
C PRO D 83 17.85 -14.80 22.28
N THR D 84 17.61 -15.72 23.22
CA THR D 84 16.31 -16.35 23.39
C THR D 84 15.88 -16.34 24.85
N ALA D 85 14.66 -15.91 25.11
CA ALA D 85 14.12 -16.01 26.46
C ALA D 85 13.89 -17.47 26.80
N PRO D 86 14.42 -17.96 27.91
CA PRO D 86 14.33 -19.39 28.22
C PRO D 86 12.96 -19.78 28.75
N LEU D 87 12.72 -21.10 28.71
CA LEU D 87 11.50 -21.69 29.23
C LEU D 87 11.56 -21.80 30.75
N GLY D 88 10.45 -21.52 31.41
CA GLY D 88 10.39 -21.63 32.85
C GLY D 88 9.07 -22.20 33.32
N LEU D 89 9.13 -22.85 34.50
CA LEU D 89 7.94 -23.22 35.25
C LEU D 89 7.75 -22.13 36.29
N TYR D 90 6.58 -21.49 36.26
CA TYR D 90 6.30 -20.31 37.03
C TYR D 90 5.22 -20.61 38.06
N PRO D 91 5.20 -19.89 39.18
CA PRO D 91 4.12 -20.09 40.15
C PRO D 91 2.76 -19.75 39.56
N GLY D 92 1.78 -20.59 39.86
CA GLY D 92 0.40 -20.30 39.55
C GLY D 92 -0.36 -20.13 40.84
N LYS D 93 -1.34 -21.00 41.08
CA LYS D 93 -2.01 -20.96 42.37
C LYS D 93 -1.05 -21.37 43.50
N LEU D 94 -0.02 -22.16 43.19
CA LEU D 94 1.00 -22.55 44.15
C LEU D 94 2.29 -21.78 43.86
N LYS D 95 3.01 -21.42 44.93
CA LYS D 95 4.06 -20.44 44.82
C LYS D 95 5.47 -21.01 44.99
N SER D 96 5.59 -22.30 45.31
CA SER D 96 6.90 -22.92 45.44
C SER D 96 6.84 -24.38 45.02
N LEU D 97 8.00 -24.91 44.59
CA LEU D 97 8.05 -26.29 44.14
C LEU D 97 7.70 -27.27 45.25
N GLU D 98 8.03 -26.95 46.51
CA GLU D 98 7.78 -27.90 47.58
C GLU D 98 6.30 -28.10 47.85
N GLU D 99 5.47 -27.17 47.38
CA GLU D 99 4.03 -27.26 47.62
C GLU D 99 3.34 -28.21 46.66
N VAL D 100 4.05 -28.72 45.65
CA VAL D 100 3.40 -29.65 44.73
C VAL D 100 2.76 -30.77 45.54
N LYS D 101 1.56 -31.16 45.12
CA LYS D 101 0.78 -32.22 45.75
C LYS D 101 0.44 -33.28 44.71
N ASP D 102 0.01 -34.43 45.19
CA ASP D 102 -0.59 -35.41 44.30
C ASP D 102 -1.76 -34.76 43.57
N GLY D 103 -1.76 -34.84 42.25
CA GLY D 103 -2.81 -34.24 41.45
C GLY D 103 -2.64 -32.76 41.11
N SER D 104 -1.50 -32.15 41.43
CA SER D 104 -1.30 -30.75 41.10
C SER D 104 -1.42 -30.55 39.60
N THR D 105 -1.92 -29.38 39.22
CA THR D 105 -2.10 -29.05 37.80
C THR D 105 -0.91 -28.24 37.29
N VAL D 106 -0.45 -28.58 36.09
CA VAL D 106 0.63 -27.87 35.42
C VAL D 106 0.16 -27.58 34.01
N SER D 107 0.13 -26.30 33.63
CA SER D 107 -0.24 -25.98 32.26
C SER D 107 0.97 -26.06 31.35
N ALA D 108 0.70 -26.44 30.10
CA ALA D 108 1.72 -26.73 29.11
C ALA D 108 1.23 -26.32 27.72
N PRO D 109 2.14 -25.91 26.85
CA PRO D 109 1.73 -25.69 25.44
C PRO D 109 1.38 -27.00 24.78
N ASN D 110 0.49 -26.92 23.80
CA ASN D 110 -0.14 -28.11 23.23
C ASN D 110 0.45 -28.54 21.89
N ASP D 111 1.49 -27.90 21.44
CA ASP D 111 2.14 -28.31 20.21
C ASP D 111 3.28 -29.26 20.54
N PRO D 112 3.60 -30.23 19.67
CA PRO D 112 4.38 -31.38 20.15
C PRO D 112 5.79 -31.04 20.61
N SER D 113 6.51 -30.17 19.89
CA SER D 113 7.89 -29.90 20.26
C SER D 113 7.98 -29.12 21.56
N ASN D 114 7.03 -28.22 21.83
CA ASN D 114 7.09 -27.52 23.11
C ASN D 114 6.50 -28.35 24.25
N PHE D 115 5.50 -29.19 23.97
CA PHE D 115 5.02 -30.11 24.99
C PHE D 115 6.14 -31.03 25.48
N ALA D 116 6.97 -31.51 24.56
CA ALA D 116 8.10 -32.38 24.94
C ALA D 116 8.97 -31.74 26.01
N ARG D 117 9.21 -30.44 25.88
CA ARG D 117 10.03 -29.71 26.84
C ARG D 117 9.42 -29.78 28.23
N VAL D 118 8.11 -29.74 28.32
CA VAL D 118 7.46 -29.77 29.63
C VAL D 118 7.65 -31.13 30.27
N LEU D 119 7.46 -32.20 29.49
CA LEU D 119 7.68 -33.54 30.03
C LEU D 119 9.10 -33.72 30.52
N VAL D 120 10.08 -33.20 29.79
CA VAL D 120 11.46 -33.31 30.24
C VAL D 120 11.67 -32.54 31.54
N MET D 121 11.09 -31.35 31.64
CA MET D 121 11.21 -30.56 32.87
C MET D 121 10.57 -31.28 34.05
N LEU D 122 9.36 -31.83 33.85
CA LEU D 122 8.68 -32.54 34.92
C LEU D 122 9.48 -33.75 35.36
N ASP D 123 10.19 -34.39 34.43
CA ASP D 123 11.03 -35.52 34.82
C ASP D 123 12.25 -35.05 35.60
N GLU D 124 12.84 -33.91 35.23
CA GLU D 124 13.96 -33.33 35.99
C GLU D 124 13.54 -33.00 37.42
N LEU D 125 12.29 -32.56 37.58
CA LEU D 125 11.74 -32.21 38.90
C LEU D 125 11.40 -33.43 39.73
N GLY D 126 11.38 -34.61 39.12
CA GLY D 126 10.94 -35.81 39.79
C GLY D 126 9.45 -35.95 39.93
N TRP D 127 8.66 -35.18 39.18
CA TRP D 127 7.21 -35.24 39.30
C TRP D 127 6.61 -36.30 38.40
N ILE D 128 7.29 -36.63 37.30
CA ILE D 128 6.99 -37.78 36.48
C ILE D 128 8.32 -38.48 36.20
N LYS D 129 8.22 -39.68 35.65
CA LYS D 129 9.39 -40.43 35.19
C LYS D 129 9.17 -40.84 33.74
N LEU D 130 10.07 -40.40 32.86
CA LEU D 130 10.06 -40.80 31.47
C LEU D 130 10.76 -42.15 31.27
N LYS D 131 10.36 -42.84 30.22
CA LYS D 131 10.98 -44.10 29.84
C LYS D 131 12.43 -43.90 29.44
N ASP D 132 13.20 -44.97 29.59
CA ASP D 132 14.61 -44.99 29.21
C ASP D 132 14.79 -44.87 27.70
N GLY D 133 15.87 -44.19 27.30
CA GLY D 133 16.32 -44.23 25.93
C GLY D 133 15.42 -43.51 24.93
N ILE D 134 14.53 -42.64 25.39
CA ILE D 134 13.69 -41.89 24.46
C ILE D 134 14.44 -40.72 23.84
N ASN D 135 13.87 -40.19 22.78
CA ASN D 135 14.35 -38.96 22.15
C ASN D 135 13.75 -37.80 22.93
N PRO D 136 14.56 -37.00 23.63
CA PRO D 136 13.97 -35.94 24.46
C PRO D 136 13.23 -34.91 23.64
N LEU D 137 13.64 -34.70 22.40
CA LEU D 137 13.00 -33.68 21.58
C LEU D 137 11.59 -34.05 21.15
N THR D 138 11.21 -35.33 21.20
CA THR D 138 9.88 -35.74 20.80
C THR D 138 9.12 -36.40 21.94
N ALA D 139 9.53 -36.17 23.17
CA ALA D 139 8.90 -36.76 24.32
C ALA D 139 7.41 -36.49 24.31
N SER D 140 6.62 -37.55 24.51
CA SER D 140 5.17 -37.48 24.42
C SER D 140 4.57 -38.27 25.58
N LYS D 141 3.25 -38.21 25.71
CA LYS D 141 2.60 -38.90 26.83
C LYS D 141 2.90 -40.38 26.81
N ALA D 142 3.02 -40.97 25.62
CA ALA D 142 3.34 -42.39 25.50
C ALA D 142 4.70 -42.74 26.12
N ASP D 143 5.59 -41.74 26.26
CA ASP D 143 6.92 -41.94 26.80
C ASP D 143 6.96 -41.84 28.33
N ILE D 144 5.85 -41.53 28.98
CA ILE D 144 5.81 -41.46 30.43
C ILE D 144 5.76 -42.89 30.98
N ALA D 145 6.78 -43.23 31.76
CA ALA D 145 6.83 -44.52 32.44
C ALA D 145 5.93 -44.54 33.66
N GLU D 146 5.98 -43.49 34.47
CA GLU D 146 5.13 -43.39 35.66
C GLU D 146 4.85 -41.92 35.93
N ASN D 147 3.60 -41.60 36.17
CA ASN D 147 3.22 -40.26 36.60
C ASN D 147 3.32 -40.23 38.12
N LEU D 148 4.54 -39.99 38.61
CA LEU D 148 4.84 -40.21 40.03
C LEU D 148 3.90 -39.42 40.94
N LYS D 149 3.68 -38.14 40.65
CA LYS D 149 2.86 -37.28 41.49
C LYS D 149 1.45 -37.09 40.92
N ASN D 150 1.06 -37.95 39.98
CA ASN D 150 -0.24 -37.86 39.33
C ASN D 150 -0.54 -36.44 38.89
N ILE D 151 0.49 -35.82 38.30
CA ILE D 151 0.35 -34.47 37.75
C ILE D 151 -0.75 -34.46 36.70
N LYS D 152 -1.58 -33.43 36.74
CA LYS D 152 -2.58 -33.22 35.71
C LYS D 152 -2.06 -32.14 34.78
N ILE D 153 -1.65 -32.53 33.57
CA ILE D 153 -1.08 -31.60 32.62
C ILE D 153 -2.22 -31.01 31.82
N VAL D 154 -2.35 -29.69 31.88
CA VAL D 154 -3.42 -28.94 31.24
C VAL D 154 -2.83 -28.31 29.98
N GLU D 155 -3.19 -28.84 28.82
CA GLU D 155 -2.62 -28.43 27.55
C GLU D 155 -3.42 -27.26 26.99
N LEU D 156 -2.70 -26.22 26.60
CA LEU D 156 -3.32 -24.98 26.11
C LEU D 156 -2.56 -24.51 24.88
N GLU D 157 -3.19 -23.64 24.09
CA GLU D 157 -2.43 -22.96 23.05
C GLU D 157 -1.37 -22.08 23.73
N ALA D 158 -0.17 -22.05 23.14
CA ALA D 158 0.98 -21.45 23.82
C ALA D 158 0.73 -20.04 24.33
N ALA D 159 -0.03 -19.23 23.60
CA ALA D 159 -0.22 -17.84 24.02
C ALA D 159 -1.09 -17.72 25.29
N GLN D 160 -1.85 -18.76 25.62
CA GLN D 160 -2.69 -18.77 26.83
C GLN D 160 -1.92 -19.00 28.11
N LEU D 161 -0.65 -19.37 28.04
CA LEU D 161 0.03 -19.85 29.23
C LEU D 161 0.25 -18.76 30.31
N PRO D 162 0.58 -17.51 29.99
CA PRO D 162 0.66 -16.50 31.07
C PRO D 162 -0.65 -16.38 31.84
N ARG D 163 -1.78 -16.26 31.14
CA ARG D 163 -3.08 -16.13 31.78
C ARG D 163 -3.42 -17.36 32.61
N SER D 164 -2.90 -18.53 32.24
CA SER D 164 -3.33 -19.78 32.86
C SER D 164 -2.93 -19.86 34.33
N ARG D 165 -2.02 -19.01 34.79
CA ARG D 165 -1.56 -19.04 36.17
C ARG D 165 -2.70 -18.85 37.16
N ALA D 166 -3.79 -18.24 36.71
CA ALA D 166 -4.96 -18.10 37.56
C ALA D 166 -5.71 -19.41 37.75
N ASP D 167 -5.48 -20.40 36.89
CA ASP D 167 -6.31 -21.58 36.82
C ASP D 167 -5.59 -22.87 37.20
N VAL D 168 -4.27 -22.85 37.30
CA VAL D 168 -3.48 -24.05 37.54
C VAL D 168 -2.46 -23.76 38.64
N ASP D 169 -1.95 -24.83 39.24
CA ASP D 169 -0.98 -24.67 40.32
C ASP D 169 0.34 -24.09 39.84
N PHE D 170 0.80 -24.54 38.67
CA PHE D 170 2.06 -24.11 38.08
C PHE D 170 1.88 -23.98 36.57
N ALA D 171 2.59 -23.03 35.96
CA ALA D 171 2.48 -22.83 34.51
C ALA D 171 3.85 -22.87 33.87
N VAL D 172 3.99 -23.65 32.80
CA VAL D 172 5.24 -23.68 32.04
C VAL D 172 5.05 -22.80 30.82
N VAL D 173 5.75 -21.67 30.80
CA VAL D 173 5.44 -20.55 29.90
C VAL D 173 6.62 -20.30 28.98
N ASN D 174 6.36 -20.23 27.66
CA ASN D 174 7.42 -19.91 26.71
C ASN D 174 7.91 -18.49 26.96
N GLY D 175 9.23 -18.30 26.79
CA GLY D 175 9.87 -17.04 27.13
C GLY D 175 9.27 -15.83 26.44
N ASN D 176 8.99 -15.93 25.13
CA ASN D 176 8.50 -14.74 24.42
C ASN D 176 7.17 -14.28 24.99
N TYR D 177 6.29 -15.23 25.35
CA TYR D 177 5.00 -14.86 25.90
C TYR D 177 5.11 -14.42 27.35
N ALA D 178 6.03 -15.01 28.11
CA ALA D 178 6.26 -14.53 29.46
C ALA D 178 6.70 -13.07 29.44
N ILE D 179 7.69 -12.74 28.62
CA ILE D 179 8.23 -11.39 28.58
C ILE D 179 7.14 -10.41 28.16
N SER D 180 6.37 -10.74 27.13
CA SER D 180 5.37 -9.78 26.63
C SER D 180 4.17 -9.64 27.55
N SER D 181 3.97 -10.57 28.48
CA SER D 181 2.92 -10.43 29.49
C SER D 181 3.44 -9.75 30.77
N GLY D 182 4.68 -9.28 30.78
CA GLY D 182 5.23 -8.62 31.94
C GLY D 182 5.78 -9.55 32.99
N MET D 183 5.84 -10.86 32.71
CA MET D 183 6.54 -11.77 33.60
C MET D 183 8.04 -11.56 33.52
N LYS D 184 8.74 -11.81 34.64
CA LYS D 184 10.18 -11.70 34.67
C LYS D 184 10.77 -13.10 34.76
N LEU D 185 11.89 -13.29 34.06
CA LEU D 185 12.52 -14.60 34.03
C LEU D 185 12.91 -15.04 35.42
N THR D 186 13.25 -14.10 36.30
CA THR D 186 13.63 -14.43 37.67
C THR D 186 12.46 -14.92 38.52
N GLU D 187 11.23 -14.78 38.03
CA GLU D 187 10.06 -15.32 38.73
C GLU D 187 9.95 -16.83 38.59
N ALA D 188 10.67 -17.44 37.68
CA ALA D 188 10.52 -18.87 37.45
C ALA D 188 11.00 -19.64 38.67
N LEU D 189 10.27 -20.69 39.02
CA LEU D 189 10.68 -21.65 40.06
C LEU D 189 11.73 -22.61 39.54
N PHE D 190 11.69 -22.90 38.25
CA PHE D 190 12.63 -23.82 37.62
C PHE D 190 12.77 -23.41 36.17
N GLN D 191 13.99 -23.18 35.71
CA GLN D 191 14.25 -22.87 34.32
C GLN D 191 14.80 -24.11 33.61
N GLU D 192 14.38 -24.31 32.37
CA GLU D 192 14.92 -25.36 31.54
C GLU D 192 16.43 -25.27 31.43
N PRO D 193 17.20 -26.32 31.79
CA PRO D 193 18.66 -26.24 31.65
C PRO D 193 19.14 -26.26 30.20
N SER D 194 18.41 -26.90 29.31
CA SER D 194 18.84 -27.14 27.94
C SER D 194 19.20 -25.87 27.18
N PHE D 195 20.11 -26.01 26.21
CA PHE D 195 20.37 -25.00 25.19
C PHE D 195 19.88 -25.43 23.82
N ALA D 196 19.16 -26.53 23.74
CA ALA D 196 18.73 -27.05 22.45
C ALA D 196 17.62 -26.24 21.83
N TYR D 197 17.03 -25.32 22.59
CA TYR D 197 15.87 -24.55 22.14
C TYR D 197 16.20 -23.08 21.97
N VAL D 198 17.48 -22.72 21.90
CA VAL D 198 17.82 -21.35 21.51
C VAL D 198 17.32 -21.14 20.09
N ASN D 199 16.66 -20.00 19.86
CA ASN D 199 15.90 -19.86 18.64
C ASN D 199 16.79 -19.54 17.45
N TRP D 200 16.23 -19.82 16.28
CA TRP D 200 16.87 -19.66 14.98
C TRP D 200 16.01 -18.78 14.09
N SER D 201 16.68 -18.04 13.22
CA SER D 201 16.03 -17.46 12.05
C SER D 201 15.84 -18.54 10.99
N ALA D 202 14.83 -18.34 10.13
CA ALA D 202 14.54 -19.28 9.06
C ALA D 202 14.25 -18.53 7.77
N VAL D 203 14.64 -19.17 6.65
CA VAL D 203 14.43 -18.64 5.30
C VAL D 203 13.97 -19.76 4.38
N LYS D 204 13.42 -19.37 3.22
CA LYS D 204 13.28 -20.32 2.13
C LYS D 204 14.65 -20.82 1.69
N THR D 205 14.75 -22.13 1.46
CA THR D 205 16.03 -22.74 1.10
C THR D 205 16.64 -22.07 -0.11
N ALA D 206 15.81 -21.61 -1.06
CA ALA D 206 16.29 -20.94 -2.26
C ALA D 206 17.08 -19.68 -1.95
N ASP D 207 16.91 -19.08 -0.78
CA ASP D 207 17.56 -17.82 -0.42
C ASP D 207 18.81 -18.02 0.44
N LYS D 208 19.22 -19.28 0.67
CA LYS D 208 20.28 -19.58 1.62
C LYS D 208 21.60 -18.91 1.27
N ASP D 209 21.90 -18.77 -0.02
CA ASP D 209 23.20 -18.24 -0.44
C ASP D 209 23.14 -16.78 -0.84
N SER D 210 22.06 -16.07 -0.50
CA SER D 210 21.85 -14.71 -0.98
C SER D 210 22.77 -13.72 -0.27
N GLN D 211 23.08 -12.63 -0.97
CA GLN D 211 23.86 -11.58 -0.33
C GLN D 211 23.06 -10.93 0.78
N TRP D 212 21.75 -10.75 0.60
CA TRP D 212 20.98 -10.05 1.64
C TRP D 212 21.00 -10.87 2.93
N LEU D 213 20.91 -12.19 2.82
CA LEU D 213 20.94 -13.01 4.03
C LEU D 213 22.32 -13.00 4.69
N LYS D 214 23.37 -12.95 3.88
CA LYS D 214 24.72 -12.78 4.45
C LYS D 214 24.78 -11.51 5.29
N ASP D 215 24.21 -10.42 4.77
CA ASP D 215 24.24 -9.15 5.50
C ASP D 215 23.36 -9.20 6.75
N VAL D 216 22.20 -9.89 6.68
CA VAL D 216 21.39 -10.05 7.88
C VAL D 216 22.14 -10.88 8.91
N THR D 217 22.77 -11.96 8.47
CA THR D 217 23.53 -12.80 9.39
C THR D 217 24.63 -12.00 10.07
N GLU D 218 25.37 -11.19 9.30
CA GLU D 218 26.39 -10.34 9.91
C GLU D 218 25.80 -9.40 10.95
N ALA D 219 24.62 -8.82 10.67
CA ALA D 219 24.00 -7.88 11.61
C ALA D 219 23.66 -8.54 12.95
N TYR D 220 23.24 -9.79 12.93
CA TYR D 220 22.88 -10.49 14.16
C TYR D 220 24.10 -11.07 14.89
N ASN D 221 25.30 -10.89 14.34
CA ASN D 221 26.50 -11.42 14.98
C ASN D 221 27.55 -10.36 15.20
N SER D 222 27.20 -9.10 15.03
CA SER D 222 28.16 -8.02 15.15
C SER D 222 28.45 -7.73 16.61
N ASP D 223 29.62 -7.13 16.86
CA ASP D 223 29.92 -6.71 18.22
C ASP D 223 28.86 -5.76 18.76
N ALA D 224 28.34 -4.88 17.90
CA ALA D 224 27.32 -3.94 18.34
C ALA D 224 26.04 -4.65 18.75
N PHE D 225 25.63 -5.66 17.99
CA PHE D 225 24.41 -6.38 18.36
C PHE D 225 24.61 -7.15 19.66
N LYS D 226 25.75 -7.82 19.80
CA LYS D 226 26.02 -8.57 21.02
C LYS D 226 25.96 -7.66 22.24
N ALA D 227 26.55 -6.46 22.13
CA ALA D 227 26.55 -5.54 23.27
C ALA D 227 25.14 -5.08 23.62
N TYR D 228 24.34 -4.74 22.59
CA TYR D 228 22.95 -4.39 22.82
C TYR D 228 22.18 -5.55 23.43
N ALA D 229 22.36 -6.76 22.89
CA ALA D 229 21.57 -7.89 23.37
C ALA D 229 21.86 -8.18 24.84
N HIS D 230 23.14 -8.09 25.23
CA HIS D 230 23.50 -8.37 26.62
C HIS D 230 22.88 -7.36 27.59
N LYS D 231 22.62 -6.14 27.13
CA LYS D 231 21.98 -5.13 27.98
C LYS D 231 20.46 -5.20 27.91
N ARG D 232 19.89 -5.32 26.71
CA ARG D 232 18.45 -5.27 26.54
C ARG D 232 17.77 -6.55 26.99
N PHE D 233 18.45 -7.68 26.89
CA PHE D 233 17.82 -8.99 27.07
C PHE D 233 18.61 -9.79 28.10
N GLU D 234 18.61 -9.29 29.33
CA GLU D 234 19.31 -9.97 30.42
C GLU D 234 18.63 -11.28 30.75
N GLY D 235 19.45 -12.30 30.98
CA GLY D 235 18.96 -13.62 31.29
C GLY D 235 18.63 -14.47 30.10
N TYR D 236 18.77 -13.94 28.88
CA TYR D 236 18.51 -14.72 27.69
C TYR D 236 19.67 -15.67 27.41
N LYS D 237 19.35 -16.76 26.73
CA LYS D 237 20.35 -17.72 26.28
C LYS D 237 20.91 -17.31 24.93
N SER D 238 22.25 -17.29 24.80
CA SER D 238 22.91 -16.80 23.60
C SER D 238 23.10 -17.90 22.55
N PRO D 239 23.18 -17.48 21.29
CA PRO D 239 23.61 -18.39 20.21
C PRO D 239 24.85 -19.18 20.62
N ALA D 240 24.84 -20.48 20.27
CA ALA D 240 26.00 -21.33 20.56
C ALA D 240 27.26 -20.79 19.89
N ALA D 241 27.13 -20.27 18.67
CA ALA D 241 28.28 -19.76 17.94
C ALA D 241 28.95 -18.57 18.61
N TRP D 242 28.24 -17.83 19.48
CA TRP D 242 28.88 -16.74 20.21
C TRP D 242 29.90 -17.28 21.20
N ASN D 243 29.76 -18.53 21.60
CA ASN D 243 30.81 -19.24 22.36
C ASN D 243 31.23 -18.44 23.58
N GLU D 244 30.24 -17.96 24.31
CA GLU D 244 30.52 -17.09 25.45
C GLU D 244 30.18 -17.84 26.74
N LYS E 4 16.38 3.23 -13.44
CA LYS E 4 16.32 3.98 -12.18
C LYS E 4 15.15 4.99 -12.18
N GLU E 5 14.33 4.94 -11.13
CA GLU E 5 13.21 5.85 -10.94
C GLU E 5 13.67 6.93 -9.96
N ILE E 6 13.79 8.15 -10.44
CA ILE E 6 14.29 9.25 -9.60
C ILE E 6 13.07 9.92 -8.97
N VAL E 7 13.05 9.97 -7.64
CA VAL E 7 11.94 10.57 -6.91
C VAL E 7 12.36 11.96 -6.44
N PHE E 8 11.70 12.96 -7.00
CA PHE E 8 11.86 14.38 -6.62
C PHE E 8 10.84 14.76 -5.55
N GLY E 9 11.27 15.59 -4.60
CA GLY E 9 10.33 16.29 -3.76
C GLY E 9 10.51 17.79 -3.88
N THR E 10 9.43 18.54 -4.09
CA THR E 10 9.48 20.00 -4.20
C THR E 10 8.35 20.61 -3.38
N THR E 11 8.42 21.91 -3.13
CA THR E 11 7.20 22.61 -2.71
C THR E 11 6.24 22.68 -3.90
N VAL E 12 4.95 22.89 -3.60
CA VAL E 12 3.98 23.04 -4.68
C VAL E 12 4.32 24.27 -5.52
N GLY E 13 3.89 24.24 -6.77
CA GLY E 13 4.04 25.39 -7.64
C GLY E 13 5.33 25.35 -8.45
N ASP E 14 6.11 26.44 -8.40
CA ASP E 14 7.14 26.67 -9.41
C ASP E 14 8.15 25.54 -9.48
N PHE E 15 8.70 25.09 -8.35
CA PHE E 15 9.74 24.06 -8.42
C PHE E 15 9.18 22.74 -8.96
N GLY E 16 7.92 22.45 -8.66
CA GLY E 16 7.29 21.27 -9.23
C GLY E 16 7.06 21.39 -10.72
N ASP E 17 6.64 22.57 -11.17
CA ASP E 17 6.46 22.76 -12.60
C ASP E 17 7.77 22.58 -13.36
N MET E 18 8.88 23.04 -12.80
CA MET E 18 10.16 22.80 -13.47
C MET E 18 10.36 21.34 -13.77
N VAL E 19 10.05 20.48 -12.81
CA VAL E 19 10.22 19.04 -12.99
C VAL E 19 9.27 18.53 -14.08
N LYS E 20 7.97 18.85 -13.95
CA LYS E 20 6.99 18.24 -14.86
C LYS E 20 7.15 18.79 -16.27
N GLU E 21 7.51 20.07 -16.41
CA GLU E 21 7.46 20.73 -17.71
C GLU E 21 8.77 20.64 -18.48
N GLN E 22 9.88 20.32 -17.83
CA GLN E 22 11.16 20.37 -18.52
C GLN E 22 12.08 19.23 -18.10
N ILE E 23 12.34 19.11 -16.80
CA ILE E 23 13.32 18.14 -16.32
C ILE E 23 12.88 16.71 -16.60
N GLN E 24 11.62 16.38 -16.34
CA GLN E 24 11.16 14.99 -16.46
C GLN E 24 11.42 14.45 -17.86
N ALA E 25 11.05 15.20 -18.88
CA ALA E 25 11.26 14.73 -20.26
C ALA E 25 12.75 14.61 -20.59
N GLU E 26 13.57 15.54 -20.08
CA GLU E 26 15.02 15.46 -20.31
C GLU E 26 15.59 14.18 -19.73
N LEU E 27 15.08 13.76 -18.57
CA LEU E 27 15.57 12.54 -17.92
C LEU E 27 14.95 11.29 -18.53
N GLU E 28 13.68 11.35 -18.96
CA GLU E 28 13.07 10.20 -19.61
C GLU E 28 13.76 9.87 -20.92
N LYS E 29 14.33 10.87 -21.59
CA LYS E 29 15.07 10.58 -22.82
C LYS E 29 16.36 9.79 -22.55
N LYS E 30 16.91 9.87 -21.35
CA LYS E 30 18.05 9.06 -20.98
C LYS E 30 17.67 7.72 -20.36
N GLY E 31 16.38 7.39 -20.31
CA GLY E 31 15.92 6.11 -19.85
C GLY E 31 15.41 6.07 -18.41
N TYR E 32 15.52 7.17 -17.68
CA TYR E 32 15.00 7.20 -16.33
C TYR E 32 13.49 7.27 -16.34
N THR E 33 12.89 6.89 -15.22
CA THR E 33 11.54 7.30 -14.89
C THR E 33 11.63 8.30 -13.75
N VAL E 34 10.57 9.10 -13.60
CA VAL E 34 10.57 10.23 -12.68
C VAL E 34 9.27 10.22 -11.92
N LYS E 35 9.37 10.44 -10.61
CA LYS E 35 8.22 10.63 -9.74
C LYS E 35 8.40 11.96 -9.03
N LEU E 36 7.31 12.69 -8.85
CA LEU E 36 7.34 13.98 -8.16
C LEU E 36 6.39 13.92 -6.97
N VAL E 37 6.90 14.31 -5.81
CA VAL E 37 6.12 14.48 -4.59
C VAL E 37 6.18 15.94 -4.21
N GLU E 38 5.02 16.57 -4.05
CA GLU E 38 4.96 17.99 -3.70
C GLU E 38 4.53 18.14 -2.25
N PHE E 39 5.09 19.16 -1.61
CA PHE E 39 4.88 19.46 -0.21
C PHE E 39 4.41 20.91 -0.08
N THR E 40 3.63 21.20 0.96
CA THR E 40 3.25 22.57 1.20
C THR E 40 3.96 23.16 2.42
N ASP E 41 4.92 22.44 2.99
CA ASP E 41 5.64 22.90 4.15
C ASP E 41 7.14 22.70 3.97
N TYR E 42 7.92 23.38 4.82
CA TYR E 42 9.37 23.36 4.69
C TYR E 42 10.06 22.29 5.54
N VAL E 43 9.34 21.54 6.37
CA VAL E 43 9.95 20.62 7.32
C VAL E 43 9.95 19.18 6.81
N ARG E 44 8.86 18.75 6.21
CA ARG E 44 8.79 17.37 5.71
C ARG E 44 9.84 17.05 4.64
N PRO E 45 10.20 17.94 3.70
CA PRO E 45 11.00 17.47 2.55
C PRO E 45 12.39 16.94 2.89
N ASN E 46 13.14 17.58 3.80
CA ASN E 46 14.44 17.03 4.14
C ASN E 46 14.31 15.73 4.91
N LEU E 47 13.26 15.60 5.72
CA LEU E 47 13.04 14.35 6.44
C LEU E 47 12.72 13.21 5.46
N ALA E 48 11.92 13.50 4.44
CA ALA E 48 11.59 12.48 3.45
C ALA E 48 12.82 12.10 2.64
N LEU E 49 13.67 13.08 2.36
CA LEU E 49 14.93 12.80 1.66
C LEU E 49 15.81 11.89 2.49
N ALA E 50 16.02 12.26 3.76
CA ALA E 50 16.90 11.48 4.61
C ALA E 50 16.39 10.07 4.86
N GLU E 51 15.07 9.89 4.91
CA GLU E 51 14.50 8.58 5.17
C GLU E 51 14.52 7.69 3.94
N GLY E 52 14.71 8.26 2.77
CA GLY E 52 14.76 7.49 1.53
C GLY E 52 13.55 7.62 0.64
N GLU E 53 12.47 8.26 1.11
CA GLU E 53 11.28 8.45 0.28
C GLU E 53 11.62 9.27 -0.95
N LEU E 54 12.52 10.25 -0.83
CA LEU E 54 12.95 11.05 -1.96
C LEU E 54 14.41 10.75 -2.27
N ASP E 55 14.76 10.83 -3.54
CA ASP E 55 16.17 10.83 -3.94
C ASP E 55 16.75 12.23 -3.96
N ILE E 56 15.94 13.25 -4.20
CA ILE E 56 16.43 14.61 -4.30
C ILE E 56 15.28 15.54 -3.95
N ASN E 57 15.57 16.66 -3.30
CA ASN E 57 14.54 17.67 -3.11
C ASN E 57 15.04 19.02 -3.61
N VAL E 58 14.06 19.87 -3.92
CA VAL E 58 14.28 21.20 -4.48
C VAL E 58 13.28 22.13 -3.83
N PHE E 59 13.69 22.83 -2.76
CA PHE E 59 12.75 23.73 -2.10
C PHE E 59 13.37 24.78 -1.17
N GLN E 60 14.69 24.75 -0.92
CA GLN E 60 15.27 25.50 0.20
C GLN E 60 16.54 26.21 -0.22
N HIS E 61 16.92 27.21 0.56
CA HIS E 61 18.24 27.84 0.39
C HIS E 61 19.23 27.20 1.36
N LYS E 62 20.51 27.55 1.16
CA LYS E 62 21.54 26.86 1.91
C LYS E 62 21.54 27.23 3.39
N PRO E 63 21.29 28.49 3.77
CA PRO E 63 21.19 28.76 5.23
C PRO E 63 20.12 27.92 5.91
N TYR E 64 18.98 27.70 5.24
CA TYR E 64 17.94 26.83 5.80
C TYR E 64 18.46 25.40 5.93
N LEU E 65 19.06 24.89 4.85
CA LEU E 65 19.56 23.51 4.83
C LEU E 65 20.59 23.31 5.92
N ASP E 66 21.54 24.25 6.04
CA ASP E 66 22.61 24.10 7.00
C ASP E 66 22.06 24.03 8.41
N ASP E 67 21.12 24.92 8.73
CA ASP E 67 20.50 24.87 10.05
C ASP E 67 19.71 23.59 10.25
N PHE E 68 18.90 23.21 9.25
CA PHE E 68 18.02 22.07 9.40
C PHE E 68 18.80 20.77 9.61
N LYS E 69 19.83 20.55 8.80
CA LYS E 69 20.53 19.28 8.87
C LYS E 69 21.35 19.19 10.15
N LYS E 70 21.76 20.33 10.71
CA LYS E 70 22.49 20.31 11.96
C LYS E 70 21.55 20.00 13.13
N GLU E 71 20.42 20.70 13.18
CA GLU E 71 19.45 20.50 14.26
C GLU E 71 18.88 19.08 14.27
N HIS E 72 18.65 18.50 13.10
CA HIS E 72 18.05 17.16 13.04
C HIS E 72 19.04 16.06 12.70
N ASN E 73 20.33 16.37 12.67
CA ASN E 73 21.44 15.44 12.40
C ASN E 73 21.13 14.55 11.20
N LEU E 74 21.02 15.22 10.05
CA LEU E 74 20.72 14.57 8.79
C LEU E 74 21.94 14.64 7.88
N ASP E 75 22.27 13.50 7.26
CA ASP E 75 23.43 13.41 6.38
C ASP E 75 22.98 13.71 4.95
N ILE E 76 22.75 14.99 4.69
CA ILE E 76 22.29 15.49 3.40
C ILE E 76 23.14 16.70 3.03
N THR E 77 23.12 17.05 1.74
CA THR E 77 24.03 18.06 1.23
C THR E 77 23.43 18.70 -0.03
N GLU E 78 23.80 19.95 -0.27
CA GLU E 78 23.35 20.67 -1.43
C GLU E 78 24.12 20.23 -2.67
N VAL E 79 23.49 20.37 -3.84
CA VAL E 79 24.13 19.96 -5.08
C VAL E 79 24.25 21.09 -6.09
N PHE E 80 23.12 21.60 -6.60
CA PHE E 80 23.11 22.66 -7.61
C PHE E 80 21.99 23.64 -7.28
N GLN E 81 22.13 24.86 -7.76
CA GLN E 81 21.11 25.88 -7.60
C GLN E 81 20.06 25.86 -8.71
N VAL E 82 18.91 26.45 -8.41
CA VAL E 82 17.78 26.51 -9.33
C VAL E 82 17.24 27.94 -9.35
N PRO E 83 16.60 28.37 -10.43
CA PRO E 83 15.95 29.67 -10.43
C PRO E 83 14.96 29.81 -9.30
N THR E 84 15.01 30.96 -8.62
CA THR E 84 14.35 31.12 -7.34
C THR E 84 13.52 32.40 -7.29
N ALA E 85 12.29 32.26 -6.81
CA ALA E 85 11.41 33.41 -6.61
C ALA E 85 11.92 34.22 -5.42
N PRO E 86 12.10 35.52 -5.55
CA PRO E 86 12.68 36.30 -4.46
C PRO E 86 11.72 36.56 -3.31
N LEU E 87 12.32 36.91 -2.18
CA LEU E 87 11.58 37.34 -0.99
C LEU E 87 11.08 38.76 -1.18
N GLY E 88 9.85 39.01 -0.75
CA GLY E 88 9.26 40.32 -0.88
C GLY E 88 8.49 40.74 0.35
N LEU E 89 8.45 42.06 0.59
CA LEU E 89 7.51 42.68 1.52
C LEU E 89 6.35 43.18 0.69
N TYR E 90 5.14 42.74 1.03
CA TYR E 90 3.95 42.96 0.24
C TYR E 90 2.94 43.78 1.04
N PRO E 91 2.04 44.46 0.35
CA PRO E 91 0.98 45.18 1.08
C PRO E 91 0.06 44.21 1.81
N GLY E 92 -0.26 44.57 3.04
CA GLY E 92 -1.34 43.96 3.80
C GLY E 92 -2.45 44.98 3.94
N LYS E 93 -2.75 45.37 5.18
CA LYS E 93 -3.76 46.40 5.41
C LYS E 93 -3.28 47.76 4.92
N LEU E 94 -1.97 47.98 4.87
CA LEU E 94 -1.39 49.19 4.30
C LEU E 94 -0.80 48.88 2.93
N LYS E 95 -0.84 49.87 2.02
CA LYS E 95 -0.64 49.63 0.60
C LYS E 95 0.65 50.21 0.05
N SER E 96 1.42 50.95 0.86
CA SER E 96 2.63 51.58 0.38
C SER E 96 3.58 51.75 1.56
N LEU E 97 4.87 51.80 1.25
CA LEU E 97 5.87 51.90 2.30
C LEU E 97 5.74 53.20 3.07
N GLU E 98 5.31 54.27 2.40
CA GLU E 98 5.22 55.57 3.05
C GLU E 98 4.15 55.58 4.14
N GLU E 99 3.20 54.65 4.08
CA GLU E 99 2.13 54.59 5.05
C GLU E 99 2.55 53.95 6.36
N VAL E 100 3.77 53.40 6.46
CA VAL E 100 4.19 52.79 7.71
C VAL E 100 4.07 53.81 8.83
N LYS E 101 3.65 53.33 10.00
CA LYS E 101 3.45 54.17 11.17
C LYS E 101 4.20 53.55 12.33
N ASP E 102 4.40 54.36 13.36
CA ASP E 102 4.85 53.80 14.63
C ASP E 102 3.88 52.69 15.03
N GLY E 103 4.43 51.52 15.35
CA GLY E 103 3.63 50.39 15.75
C GLY E 103 3.09 49.52 14.62
N SER E 104 3.39 49.82 13.37
CA SER E 104 2.87 49.03 12.26
C SER E 104 3.25 47.56 12.46
N THR E 105 2.36 46.67 12.03
CA THR E 105 2.59 45.23 12.12
C THR E 105 3.18 44.71 10.82
N VAL E 106 4.17 43.82 10.94
CA VAL E 106 4.80 43.16 9.81
C VAL E 106 4.83 41.67 10.12
N SER E 107 4.22 40.85 9.28
CA SER E 107 4.32 39.41 9.50
C SER E 107 5.60 38.86 8.89
N ALA E 108 6.11 37.78 9.50
CA ALA E 108 7.41 37.21 9.16
C ALA E 108 7.38 35.72 9.43
N PRO E 109 8.18 34.94 8.71
CA PRO E 109 8.28 33.50 9.00
C PRO E 109 8.97 33.28 10.33
N ASN E 110 8.64 32.16 10.97
CA ASN E 110 9.06 31.91 12.34
C ASN E 110 10.26 30.99 12.44
N ASP E 111 10.87 30.65 11.33
CA ASP E 111 12.04 29.80 11.36
C ASP E 111 13.29 30.68 11.27
N PRO E 112 14.39 30.31 11.92
CA PRO E 112 15.46 31.31 12.16
C PRO E 112 16.15 31.82 10.91
N SER E 113 16.41 30.98 9.90
CA SER E 113 17.18 31.47 8.76
C SER E 113 16.33 32.37 7.87
N ASN E 114 15.02 32.14 7.81
CA ASN E 114 14.15 33.04 7.07
C ASN E 114 13.78 34.26 7.88
N PHE E 115 13.66 34.14 9.20
CA PHE E 115 13.42 35.32 10.02
C PHE E 115 14.57 36.31 9.92
N ALA E 116 15.81 35.82 9.85
CA ALA E 116 16.96 36.71 9.69
C ALA E 116 16.79 37.61 8.48
N ARG E 117 16.28 37.07 7.37
CA ARG E 117 16.10 37.85 6.16
C ARG E 117 15.13 39.02 6.36
N VAL E 118 14.10 38.83 7.18
CA VAL E 118 13.15 39.88 7.48
C VAL E 118 13.84 41.01 8.22
N LEU E 119 14.65 40.68 9.21
CA LEU E 119 15.31 41.73 9.97
C LEU E 119 16.25 42.52 9.07
N VAL E 120 16.96 41.83 8.18
CA VAL E 120 17.85 42.56 7.28
C VAL E 120 17.04 43.47 6.36
N MET E 121 15.90 42.99 5.87
CA MET E 121 15.04 43.82 5.02
C MET E 121 14.53 45.05 5.77
N LEU E 122 14.04 44.85 7.01
CA LEU E 122 13.55 45.97 7.79
C LEU E 122 14.65 46.98 8.10
N ASP E 123 15.89 46.51 8.27
CA ASP E 123 17.02 47.42 8.45
C ASP E 123 17.33 48.20 7.16
N GLU E 124 17.29 47.54 6.00
CA GLU E 124 17.48 48.22 4.72
C GLU E 124 16.41 49.29 4.48
N LEU E 125 15.20 49.07 4.98
CA LEU E 125 14.09 50.00 4.83
C LEU E 125 14.15 51.15 5.83
N GLY E 126 14.99 51.06 6.84
CA GLY E 126 15.06 52.06 7.88
C GLY E 126 14.00 51.93 8.93
N TRP E 127 13.26 50.82 8.98
CA TRP E 127 12.20 50.65 9.97
C TRP E 127 12.74 50.14 11.30
N ILE E 128 13.84 49.40 11.28
CA ILE E 128 14.59 49.03 12.46
C ILE E 128 16.06 49.32 12.15
N LYS E 129 16.89 49.23 13.19
CA LYS E 129 18.33 49.38 13.05
C LYS E 129 19.00 48.18 13.71
N LEU E 130 19.68 47.35 12.92
CA LEU E 130 20.49 46.28 13.47
C LEU E 130 21.80 46.83 14.01
N LYS E 131 22.34 46.11 15.02
CA LYS E 131 23.66 46.42 15.56
C LYS E 131 24.71 46.31 14.46
N ASP E 132 25.72 47.17 14.54
CA ASP E 132 26.78 47.17 13.54
C ASP E 132 27.52 45.83 13.52
N GLY E 133 27.76 45.32 12.30
CA GLY E 133 28.69 44.22 12.13
C GLY E 133 28.13 42.83 12.39
N ILE E 134 26.84 42.70 12.71
CA ILE E 134 26.30 41.38 12.99
C ILE E 134 26.16 40.58 11.70
N ASN E 135 26.22 39.25 11.83
CA ASN E 135 26.12 38.34 10.70
C ASN E 135 24.72 38.39 10.12
N PRO E 136 24.52 38.85 8.88
CA PRO E 136 23.15 38.94 8.37
C PRO E 136 22.48 37.59 8.25
N LEU E 137 23.25 36.53 8.07
CA LEU E 137 22.68 35.17 7.92
C LEU E 137 21.98 34.68 9.17
N THR E 138 22.37 35.20 10.35
CA THR E 138 21.83 34.73 11.62
C THR E 138 21.17 35.85 12.41
N ALA E 139 20.80 36.94 11.75
CA ALA E 139 20.18 38.07 12.43
C ALA E 139 18.98 37.59 13.24
N SER E 140 18.93 38.01 14.50
CA SER E 140 17.88 37.66 15.44
C SER E 140 17.43 38.90 16.21
N LYS E 141 16.40 38.72 17.04
CA LYS E 141 15.86 39.86 17.77
C LYS E 141 16.93 40.51 18.65
N ALA E 142 17.85 39.70 19.18
CA ALA E 142 18.91 40.22 20.03
C ALA E 142 19.90 41.11 19.27
N ASP E 143 19.96 41.00 17.94
CA ASP E 143 20.81 41.85 17.13
C ASP E 143 20.20 43.20 16.81
N ILE E 144 18.97 43.49 17.24
CA ILE E 144 18.33 44.77 16.97
C ILE E 144 18.89 45.79 17.96
N ALA E 145 19.47 46.86 17.43
CA ALA E 145 19.96 47.95 18.29
C ALA E 145 18.83 48.89 18.68
N GLU E 146 17.98 49.25 17.71
CA GLU E 146 16.88 50.15 18.00
C GLU E 146 15.75 49.80 17.05
N ASN E 147 14.55 49.61 17.60
CA ASN E 147 13.34 49.43 16.80
C ASN E 147 12.81 50.81 16.43
N LEU E 148 13.38 51.38 15.37
CA LEU E 148 13.19 52.79 15.06
C LEU E 148 11.71 53.15 14.97
N LYS E 149 10.91 52.31 14.30
CA LYS E 149 9.50 52.60 14.09
C LYS E 149 8.59 51.78 15.00
N ASN E 150 9.16 51.18 16.05
CA ASN E 150 8.45 50.28 16.95
C ASN E 150 7.61 49.27 16.18
N ILE E 151 8.21 48.71 15.14
CA ILE E 151 7.53 47.66 14.37
C ILE E 151 7.17 46.53 15.31
N LYS E 152 5.93 46.03 15.15
CA LYS E 152 5.51 44.80 15.79
C LYS E 152 5.60 43.67 14.77
N ILE E 153 6.57 42.79 14.97
CA ILE E 153 6.81 41.67 14.07
C ILE E 153 5.95 40.50 14.53
N VAL E 154 5.07 40.04 13.65
CA VAL E 154 4.13 38.96 13.92
C VAL E 154 4.70 37.69 13.27
N GLU E 155 5.21 36.76 14.07
CA GLU E 155 5.87 35.57 13.53
C GLU E 155 4.84 34.46 13.30
N LEU E 156 4.88 33.88 12.10
CA LEU E 156 3.94 32.84 11.71
C LEU E 156 4.69 31.71 11.01
N GLU E 157 4.06 30.55 10.92
CA GLU E 157 4.60 29.52 10.06
C GLU E 157 4.58 30.02 8.61
N ALA E 158 5.63 29.72 7.85
CA ALA E 158 5.83 30.39 6.57
C ALA E 158 4.63 30.28 5.64
N ALA E 159 3.93 29.14 5.63
CA ALA E 159 2.82 29.00 4.69
C ALA E 159 1.64 29.89 5.04
N GLN E 160 1.59 30.41 6.26
CA GLN E 160 0.50 31.31 6.66
C GLN E 160 0.68 32.73 6.16
N LEU E 161 1.82 33.05 5.57
CA LEU E 161 2.12 34.48 5.37
C LEU E 161 1.25 35.12 4.29
N PRO E 162 0.90 34.46 3.18
CA PRO E 162 -0.04 35.11 2.26
C PRO E 162 -1.37 35.49 2.91
N ARG E 163 -1.97 34.59 3.68
CA ARG E 163 -3.25 34.88 4.32
C ARG E 163 -3.13 35.98 5.35
N SER E 164 -1.94 36.16 5.93
CA SER E 164 -1.75 37.12 7.01
C SER E 164 -1.97 38.55 6.56
N ARG E 165 -2.01 38.78 5.24
CA ARG E 165 -2.19 40.14 4.72
C ARG E 165 -3.50 40.76 5.16
N ALA E 166 -4.47 39.93 5.57
CA ALA E 166 -5.73 40.45 6.09
C ALA E 166 -5.59 40.99 7.51
N ASP E 167 -4.53 40.61 8.22
CA ASP E 167 -4.40 40.84 9.64
C ASP E 167 -3.26 41.77 10.03
N VAL E 168 -2.30 42.03 9.14
CA VAL E 168 -1.15 42.86 9.44
C VAL E 168 -1.03 43.95 8.38
N ASP E 169 -0.25 44.97 8.70
CA ASP E 169 -0.09 46.09 7.79
C ASP E 169 0.73 45.70 6.55
N PHE E 170 1.76 44.87 6.75
CA PHE E 170 2.64 44.43 5.68
C PHE E 170 3.04 43.00 5.97
N ALA E 171 3.21 42.20 4.92
CA ALA E 171 3.59 40.78 5.06
C ALA E 171 4.85 40.52 4.25
N VAL E 172 5.81 39.83 4.89
CA VAL E 172 7.02 39.38 4.20
C VAL E 172 6.80 37.93 3.83
N VAL E 173 6.70 37.64 2.54
CA VAL E 173 6.25 36.35 2.03
C VAL E 173 7.34 35.72 1.19
N ASN E 174 7.65 34.45 1.46
CA ASN E 174 8.60 33.69 0.67
C ASN E 174 8.06 33.52 -0.75
N GLY E 175 8.95 33.62 -1.73
CA GLY E 175 8.56 33.60 -3.13
C GLY E 175 7.69 32.42 -3.51
N ASN E 176 8.06 31.20 -3.09
CA ASN E 176 7.27 30.04 -3.51
C ASN E 176 5.83 30.15 -3.03
N TYR E 177 5.64 30.68 -1.81
CA TYR E 177 4.29 30.82 -1.27
C TYR E 177 3.57 32.01 -1.87
N ALA E 178 4.29 33.08 -2.22
CA ALA E 178 3.64 34.18 -2.92
C ALA E 178 3.09 33.70 -4.25
N ILE E 179 3.91 32.99 -5.02
CA ILE E 179 3.47 32.50 -6.33
C ILE E 179 2.25 31.59 -6.19
N SER E 180 2.33 30.58 -5.30
CA SER E 180 1.28 29.58 -5.20
C SER E 180 0.03 30.09 -4.52
N SER E 181 0.04 31.29 -3.96
CA SER E 181 -1.19 31.86 -3.41
C SER E 181 -1.81 32.86 -4.37
N GLY E 182 -1.24 33.00 -5.56
CA GLY E 182 -1.78 33.94 -6.54
C GLY E 182 -1.31 35.36 -6.33
N MET E 183 -0.19 35.55 -5.64
CA MET E 183 0.44 36.85 -5.55
C MET E 183 1.41 37.04 -6.70
N LYS E 184 1.68 38.30 -7.03
CA LYS E 184 2.65 38.59 -8.09
C LYS E 184 3.87 39.24 -7.49
N LEU E 185 5.04 38.82 -7.96
CA LEU E 185 6.29 39.33 -7.42
C LEU E 185 6.42 40.83 -7.66
N THR E 186 5.93 41.30 -8.81
CA THR E 186 5.99 42.72 -9.14
C THR E 186 5.11 43.59 -8.25
N GLU E 187 4.22 43.00 -7.46
CA GLU E 187 3.42 43.79 -6.54
C GLU E 187 4.06 43.93 -5.17
N ALA E 188 5.22 43.32 -4.95
CA ALA E 188 5.97 43.57 -3.72
C ALA E 188 6.36 45.04 -3.64
N LEU E 189 6.26 45.58 -2.43
CA LEU E 189 6.76 46.93 -2.14
C LEU E 189 8.27 46.97 -2.03
N PHE E 190 8.90 45.84 -1.74
CA PHE E 190 10.35 45.77 -1.58
C PHE E 190 10.74 44.32 -1.80
N GLN E 191 11.76 44.10 -2.62
CA GLN E 191 12.28 42.77 -2.88
C GLN E 191 13.70 42.67 -2.32
N GLU E 192 13.98 41.57 -1.63
CA GLU E 192 15.32 41.30 -1.12
C GLU E 192 16.34 41.30 -2.26
N PRO E 193 17.40 42.10 -2.19
CA PRO E 193 18.37 42.12 -3.29
C PRO E 193 19.44 41.04 -3.24
N SER E 194 19.74 40.50 -2.07
CA SER E 194 20.79 39.51 -1.94
C SER E 194 20.56 38.33 -2.88
N PHE E 195 21.67 37.70 -3.31
CA PHE E 195 21.63 36.40 -4.00
C PHE E 195 22.02 35.25 -3.10
N ALA E 196 22.21 35.50 -1.81
CA ALA E 196 22.65 34.43 -0.91
C ALA E 196 21.60 33.35 -0.71
N TYR E 197 20.35 33.60 -1.08
CA TYR E 197 19.25 32.69 -0.80
C TYR E 197 18.69 32.05 -2.06
N VAL E 198 19.42 32.09 -3.17
CA VAL E 198 19.03 31.29 -4.32
C VAL E 198 19.02 29.83 -3.91
N ASN E 199 17.96 29.11 -4.28
CA ASN E 199 17.72 27.80 -3.69
C ASN E 199 18.60 26.73 -4.32
N TRP E 200 18.79 25.66 -3.56
CA TRP E 200 19.61 24.51 -3.92
C TRP E 200 18.79 23.23 -3.90
N SER E 201 19.12 22.31 -4.79
CA SER E 201 18.71 20.94 -4.60
C SER E 201 19.55 20.28 -3.51
N ALA E 202 18.99 19.25 -2.88
CA ALA E 202 19.69 18.52 -1.84
C ALA E 202 19.47 17.02 -2.03
N VAL E 203 20.49 16.25 -1.65
CA VAL E 203 20.50 14.79 -1.72
C VAL E 203 21.11 14.23 -0.44
N LYS E 204 20.89 12.94 -0.22
CA LYS E 204 21.68 12.21 0.75
C LYS E 204 23.14 12.18 0.31
N THR E 205 24.04 12.39 1.27
CA THR E 205 25.45 12.52 0.93
C THR E 205 25.98 11.28 0.20
N ALA E 206 25.44 10.11 0.54
CA ALA E 206 25.86 8.88 -0.12
C ALA E 206 25.59 8.88 -1.62
N ASP E 207 24.70 9.75 -2.12
CA ASP E 207 24.34 9.76 -3.53
C ASP E 207 25.10 10.81 -4.32
N LYS E 208 25.98 11.57 -3.68
CA LYS E 208 26.57 12.75 -4.31
C LYS E 208 27.33 12.42 -5.58
N ASP E 209 27.93 11.23 -5.68
CA ASP E 209 28.72 10.90 -6.86
C ASP E 209 27.99 9.97 -7.83
N SER E 210 26.69 9.82 -7.66
CA SER E 210 25.91 8.90 -8.49
C SER E 210 25.79 9.42 -9.92
N GLN E 211 25.58 8.47 -10.84
CA GLN E 211 25.36 8.85 -12.23
C GLN E 211 24.01 9.53 -12.41
N TRP E 212 22.99 9.06 -11.69
CA TRP E 212 21.68 9.69 -11.87
C TRP E 212 21.72 11.15 -11.46
N LEU E 213 22.46 11.47 -10.40
CA LEU E 213 22.54 12.87 -9.98
C LEU E 213 23.34 13.71 -10.97
N LYS E 214 24.37 13.13 -11.58
CA LYS E 214 25.04 13.84 -12.66
C LYS E 214 24.07 14.16 -13.79
N ASP E 215 23.19 13.22 -14.15
CA ASP E 215 22.24 13.49 -15.22
C ASP E 215 21.20 14.52 -14.79
N VAL E 216 20.78 14.50 -13.53
CA VAL E 216 19.84 15.51 -13.04
C VAL E 216 20.51 16.87 -13.05
N THR E 217 21.76 16.95 -12.59
CA THR E 217 22.48 18.22 -12.59
C THR E 217 22.59 18.78 -14.00
N GLU E 218 22.94 17.91 -14.97
CA GLU E 218 23.01 18.36 -16.36
C GLU E 218 21.67 18.88 -16.84
N ALA E 219 20.58 18.21 -16.48
CA ALA E 219 19.25 18.64 -16.92
C ALA E 219 18.93 20.04 -16.42
N TYR E 220 19.35 20.38 -15.19
CA TYR E 220 19.06 21.69 -14.62
C TYR E 220 20.03 22.77 -15.08
N ASN E 221 20.98 22.44 -15.95
CA ASN E 221 21.98 23.40 -16.42
C ASN E 221 22.07 23.40 -17.93
N SER E 222 21.13 22.76 -18.61
CA SER E 222 21.15 22.68 -20.05
C SER E 222 20.69 24.00 -20.64
N ASP E 223 21.15 24.27 -21.87
CA ASP E 223 20.66 25.44 -22.59
C ASP E 223 19.13 25.44 -22.69
N ALA E 224 18.53 24.26 -22.89
CA ALA E 224 17.09 24.21 -23.02
C ALA E 224 16.40 24.58 -21.71
N PHE E 225 16.93 24.13 -20.58
CA PHE E 225 16.31 24.49 -19.31
C PHE E 225 16.45 25.97 -19.02
N LYS E 226 17.63 26.52 -19.29
CA LYS E 226 17.83 27.96 -19.10
C LYS E 226 16.84 28.77 -19.94
N ALA E 227 16.64 28.38 -21.20
CA ALA E 227 15.71 29.12 -22.05
C ALA E 227 14.29 29.02 -21.54
N TYR E 228 13.88 27.83 -21.12
CA TYR E 228 12.55 27.67 -20.52
C TYR E 228 12.41 28.51 -19.25
N ALA E 229 13.41 28.46 -18.37
CA ALA E 229 13.27 29.14 -17.08
C ALA E 229 13.15 30.65 -17.28
N HIS E 230 13.92 31.20 -18.22
CA HIS E 230 13.88 32.64 -18.42
C HIS E 230 12.55 33.12 -18.98
N LYS E 231 11.78 32.23 -19.59
CA LYS E 231 10.43 32.57 -20.03
C LYS E 231 9.37 32.27 -18.98
N ARG E 232 9.43 31.08 -18.37
CA ARG E 232 8.38 30.66 -17.46
C ARG E 232 8.47 31.39 -16.13
N PHE E 233 9.68 31.78 -15.71
CA PHE E 233 9.93 32.29 -14.36
C PHE E 233 10.63 33.64 -14.44
N GLU E 234 9.94 34.59 -15.03
CA GLU E 234 10.47 35.94 -15.14
C GLU E 234 10.61 36.57 -13.77
N GLY E 235 11.72 37.28 -13.58
CA GLY E 235 12.00 37.94 -12.33
C GLY E 235 12.64 37.07 -11.28
N TYR E 236 12.92 35.82 -11.60
CA TYR E 236 13.56 34.92 -10.65
C TYR E 236 15.06 35.16 -10.63
N LYS E 237 15.67 34.84 -9.50
CA LYS E 237 17.11 34.91 -9.38
C LYS E 237 17.75 33.63 -9.90
N SER E 238 18.75 33.76 -10.74
CA SER E 238 19.36 32.61 -11.41
C SER E 238 20.47 32.00 -10.57
N PRO E 239 20.70 30.70 -10.77
CA PRO E 239 21.90 30.06 -10.20
C PRO E 239 23.17 30.83 -10.50
N ALA E 240 24.04 30.90 -9.50
CA ALA E 240 25.33 31.58 -9.66
C ALA E 240 26.13 30.97 -10.80
N ALA E 241 26.03 29.65 -10.96
CA ALA E 241 26.80 28.96 -11.99
C ALA E 241 26.42 29.38 -13.39
N TRP E 242 25.25 29.99 -13.59
CA TRP E 242 24.86 30.44 -14.91
C TRP E 242 25.57 31.73 -15.32
N ASN E 243 26.26 32.37 -14.37
CA ASN E 243 27.17 33.47 -14.66
C ASN E 243 26.49 34.59 -15.45
N GLU E 244 25.29 34.98 -15.01
CA GLU E 244 24.56 35.98 -15.75
C GLU E 244 24.24 37.17 -14.84
N LYS F 4 -13.26 -0.26 11.20
CA LYS F 4 -12.35 0.86 11.05
C LYS F 4 -10.92 0.44 11.41
N GLU F 5 -9.97 0.84 10.59
CA GLU F 5 -8.55 0.62 10.87
C GLU F 5 -8.00 1.86 11.57
N ILE F 6 -7.36 1.65 12.70
CA ILE F 6 -6.73 2.74 13.45
C ILE F 6 -5.24 2.64 13.23
N VAL F 7 -4.63 3.72 12.73
CA VAL F 7 -3.19 3.74 12.48
C VAL F 7 -2.51 4.50 13.61
N PHE F 8 -1.72 3.78 14.39
CA PHE F 8 -0.91 4.34 15.47
C PHE F 8 0.49 4.69 14.96
N GLY F 9 1.04 5.81 15.46
CA GLY F 9 2.45 6.09 15.28
C GLY F 9 3.10 6.23 16.64
N THR F 10 4.21 5.54 16.87
CA THR F 10 4.95 5.63 18.14
C THR F 10 6.44 5.72 17.85
N THR F 11 7.21 6.12 18.85
CA THR F 11 8.65 5.86 18.76
C THR F 11 8.90 4.35 18.90
N VAL F 12 10.09 3.92 18.47
CA VAL F 12 10.46 2.52 18.62
C VAL F 12 10.51 2.13 20.09
N GLY F 13 10.24 0.87 20.35
CA GLY F 13 10.40 0.34 21.69
C GLY F 13 9.13 0.35 22.51
N ASP F 14 9.21 0.95 23.69
CA ASP F 14 8.21 0.73 24.71
C ASP F 14 6.81 1.14 24.25
N PHE F 15 6.65 2.32 23.67
CA PHE F 15 5.29 2.72 23.32
C PHE F 15 4.70 1.82 22.24
N GLY F 16 5.54 1.31 21.34
CA GLY F 16 5.05 0.41 20.32
C GLY F 16 4.69 -0.94 20.90
N ASP F 17 5.47 -1.40 21.88
CA ASP F 17 5.15 -2.67 22.52
C ASP F 17 3.82 -2.60 23.25
N MET F 18 3.49 -1.45 23.84
CA MET F 18 2.17 -1.30 24.46
C MET F 18 1.07 -1.59 23.46
N VAL F 19 1.21 -1.09 22.23
CA VAL F 19 0.22 -1.31 21.19
C VAL F 19 0.15 -2.79 20.84
N LYS F 20 1.29 -3.40 20.50
CA LYS F 20 1.28 -4.77 19.97
C LYS F 20 0.91 -5.79 21.05
N GLU F 21 1.31 -5.56 22.29
CA GLU F 21 1.17 -6.55 23.35
C GLU F 21 -0.13 -6.45 24.12
N GLN F 22 -0.85 -5.33 24.02
CA GLN F 22 -2.02 -5.17 24.87
C GLN F 22 -3.12 -4.40 24.17
N ILE F 23 -2.82 -3.19 23.68
CA ILE F 23 -3.89 -2.34 23.14
C ILE F 23 -4.53 -2.94 21.90
N GLN F 24 -3.72 -3.47 20.99
CA GLN F 24 -4.25 -3.98 19.72
C GLN F 24 -5.34 -5.04 19.96
N ALA F 25 -5.07 -6.01 20.83
CA ALA F 25 -6.06 -7.07 21.07
C ALA F 25 -7.34 -6.51 21.67
N GLU F 26 -7.21 -5.54 22.60
CA GLU F 26 -8.39 -4.88 23.19
C GLU F 26 -9.24 -4.24 22.10
N LEU F 27 -8.61 -3.58 21.13
CA LEU F 27 -9.38 -2.92 20.07
C LEU F 27 -9.93 -3.90 19.05
N GLU F 28 -9.22 -5.01 18.82
CA GLU F 28 -9.72 -6.00 17.87
C GLU F 28 -11.00 -6.64 18.39
N LYS F 29 -11.16 -6.75 19.70
CA LYS F 29 -12.39 -7.31 20.25
C LYS F 29 -13.59 -6.42 20.00
N LYS F 30 -13.37 -5.14 19.74
CA LYS F 30 -14.45 -4.23 19.38
C LYS F 30 -14.62 -4.12 17.87
N GLY F 31 -13.82 -4.83 17.08
CA GLY F 31 -13.98 -4.88 15.64
C GLY F 31 -13.01 -4.05 14.84
N TYR F 32 -12.13 -3.28 15.49
CA TYR F 32 -11.16 -2.49 14.76
C TYR F 32 -10.02 -3.38 14.29
N THR F 33 -9.33 -2.94 13.24
CA THR F 33 -7.99 -3.42 12.99
C THR F 33 -7.02 -2.30 13.31
N VAL F 34 -5.78 -2.68 13.55
CA VAL F 34 -4.77 -1.78 14.07
C VAL F 34 -3.53 -1.89 13.21
N LYS F 35 -2.94 -0.74 12.87
CA LYS F 35 -1.67 -0.69 12.16
C LYS F 35 -0.74 0.14 13.03
N LEU F 36 0.52 -0.29 13.16
CA LEU F 36 1.53 0.45 13.94
C LEU F 36 2.66 0.88 13.03
N VAL F 37 2.97 2.18 13.06
CA VAL F 37 4.11 2.78 12.38
C VAL F 37 5.06 3.30 13.45
N GLU F 38 6.33 2.86 13.41
CA GLU F 38 7.29 3.26 14.43
C GLU F 38 8.28 4.25 13.83
N PHE F 39 8.66 5.23 14.64
CA PHE F 39 9.55 6.30 14.21
C PHE F 39 10.78 6.31 15.13
N THR F 40 11.91 6.74 14.58
CA THR F 40 13.12 6.85 15.37
C THR F 40 13.35 8.26 15.88
N ASP F 41 12.61 9.24 15.40
CA ASP F 41 12.84 10.63 15.74
C ASP F 41 11.56 11.26 16.29
N TYR F 42 11.71 12.46 16.85
CA TYR F 42 10.62 13.17 17.47
C TYR F 42 9.88 14.13 16.53
N VAL F 43 10.36 14.37 15.31
CA VAL F 43 9.79 15.39 14.44
C VAL F 43 8.78 14.81 13.46
N ARG F 44 9.09 13.66 12.89
CA ARG F 44 8.17 13.07 11.92
C ARG F 44 6.78 12.74 12.48
N PRO F 45 6.60 12.25 13.73
CA PRO F 45 5.27 11.69 14.09
C PRO F 45 4.12 12.69 14.07
N ASN F 46 4.30 13.91 14.58
CA ASN F 46 3.21 14.87 14.51
C ASN F 46 2.92 15.31 13.09
N LEU F 47 3.94 15.30 12.23
CA LEU F 47 3.70 15.68 10.84
C LEU F 47 2.90 14.60 10.13
N ALA F 48 3.22 13.34 10.41
CA ALA F 48 2.47 12.24 9.85
C ALA F 48 1.05 12.22 10.36
N LEU F 49 0.85 12.57 11.63
CA LEU F 49 -0.49 12.66 12.18
C LEU F 49 -1.29 13.74 11.45
N ALA F 50 -0.71 14.92 11.34
CA ALA F 50 -1.44 16.04 10.74
C ALA F 50 -1.73 15.81 9.27
N GLU F 51 -0.86 15.11 8.57
CA GLU F 51 -1.09 14.83 7.16
C GLU F 51 -2.12 13.72 6.93
N GLY F 52 -2.50 12.95 7.95
CA GLY F 52 -3.44 11.87 7.82
C GLY F 52 -2.82 10.49 7.72
N GLU F 53 -1.49 10.39 7.64
CA GLU F 53 -0.86 9.07 7.63
C GLU F 53 -1.15 8.30 8.90
N LEU F 54 -1.27 9.00 10.04
CA LEU F 54 -1.60 8.40 11.31
C LEU F 54 -2.92 8.96 11.80
N ASP F 55 -3.66 8.11 12.51
CA ASP F 55 -4.84 8.53 13.25
C ASP F 55 -4.49 9.01 14.66
N ILE F 56 -3.43 8.47 15.25
CA ILE F 56 -3.08 8.83 16.61
C ILE F 56 -1.59 8.57 16.77
N ASN F 57 -0.90 9.42 17.54
CA ASN F 57 0.47 9.07 17.90
C ASN F 57 0.64 9.10 19.41
N VAL F 58 1.65 8.36 19.84
CA VAL F 58 1.99 8.19 21.24
C VAL F 58 3.51 8.27 21.35
N PHE F 59 4.05 9.44 21.67
CA PHE F 59 5.49 9.54 21.74
C PHE F 59 6.01 10.77 22.49
N GLN F 60 5.15 11.73 22.88
CA GLN F 60 5.62 13.04 23.32
C GLN F 60 4.93 13.49 24.59
N HIS F 61 5.56 14.45 25.28
CA HIS F 61 4.91 15.14 26.40
C HIS F 61 4.23 16.42 25.91
N LYS F 62 3.42 17.00 26.76
CA LYS F 62 2.60 18.13 26.33
C LYS F 62 3.44 19.40 26.09
N PRO F 63 4.47 19.71 26.89
CA PRO F 63 5.31 20.87 26.51
C PRO F 63 5.90 20.73 25.12
N TYR F 64 6.30 19.53 24.73
CA TYR F 64 6.80 19.32 23.38
C TYR F 64 5.70 19.57 22.35
N LEU F 65 4.52 18.98 22.60
CA LEU F 65 3.40 19.10 21.67
C LEU F 65 2.95 20.55 21.53
N ASP F 66 2.81 21.25 22.66
CA ASP F 66 2.35 22.64 22.62
C ASP F 66 3.28 23.49 21.78
N ASP F 67 4.59 23.30 21.96
CA ASP F 67 5.57 24.04 21.17
C ASP F 67 5.53 23.63 19.70
N PHE F 68 5.47 22.32 19.45
CA PHE F 68 5.58 21.82 18.09
C PHE F 68 4.39 22.24 17.25
N LYS F 69 3.18 22.10 17.79
CA LYS F 69 1.98 22.41 17.03
C LYS F 69 1.87 23.90 16.78
N LYS F 70 2.43 24.72 17.67
CA LYS F 70 2.39 26.17 17.44
C LYS F 70 3.39 26.57 16.38
N GLU F 71 4.63 26.06 16.49
CA GLU F 71 5.68 26.43 15.55
C GLU F 71 5.35 25.98 14.14
N HIS F 72 4.68 24.83 14.00
CA HIS F 72 4.39 24.27 12.69
C HIS F 72 2.93 24.41 12.30
N ASN F 73 2.14 25.13 13.10
CA ASN F 73 0.73 25.43 12.83
C ASN F 73 -0.06 24.17 12.46
N LEU F 74 -0.02 23.21 13.38
CA LEU F 74 -0.71 21.94 13.21
C LEU F 74 -1.96 21.87 14.09
N ASP F 75 -3.06 21.40 13.48
CA ASP F 75 -4.34 21.31 14.19
C ASP F 75 -4.48 19.93 14.83
N ILE F 76 -3.71 19.77 15.91
CA ILE F 76 -3.61 18.53 16.67
C ILE F 76 -3.73 18.85 18.15
N THR F 77 -4.05 17.83 18.95
CA THR F 77 -4.35 18.04 20.35
C THR F 77 -4.08 16.75 21.12
N GLU F 78 -3.75 16.90 22.41
CA GLU F 78 -3.53 15.76 23.29
C GLU F 78 -4.86 15.15 23.71
N VAL F 79 -4.82 13.86 24.07
CA VAL F 79 -6.03 13.15 24.47
C VAL F 79 -5.90 12.55 25.86
N PHE F 80 -4.99 11.58 26.03
CA PHE F 80 -4.82 10.90 27.31
C PHE F 80 -3.34 10.61 27.52
N GLN F 81 -2.98 10.39 28.77
CA GLN F 81 -1.59 10.08 29.14
C GLN F 81 -1.34 8.58 29.11
N VAL F 82 -0.05 8.23 28.99
CA VAL F 82 0.40 6.85 28.93
C VAL F 82 1.56 6.68 29.93
N PRO F 83 1.77 5.49 30.47
CA PRO F 83 2.98 5.23 31.27
C PRO F 83 4.24 5.58 30.50
N THR F 84 5.14 6.32 31.17
CA THR F 84 6.26 6.99 30.51
C THR F 84 7.59 6.68 31.21
N ALA F 85 8.60 6.31 30.43
CA ALA F 85 9.95 6.15 30.97
C ALA F 85 10.50 7.52 31.37
N PRO F 86 10.96 7.67 32.61
CA PRO F 86 11.40 8.97 33.08
C PRO F 86 12.75 9.38 32.52
N LEU F 87 13.03 10.67 32.67
CA LEU F 87 14.27 11.28 32.23
C LEU F 87 15.32 11.07 33.30
N GLY F 88 16.53 10.71 32.88
CA GLY F 88 17.59 10.50 33.83
C GLY F 88 18.90 11.09 33.36
N LEU F 89 19.76 11.39 34.33
CA LEU F 89 21.14 11.74 34.08
C LEU F 89 21.95 10.47 34.34
N TYR F 90 22.68 10.01 33.34
CA TYR F 90 23.34 8.74 33.37
C TYR F 90 24.84 8.94 33.34
N PRO F 91 25.59 7.97 33.87
CA PRO F 91 27.04 8.10 33.81
C PRO F 91 27.54 8.02 32.39
N GLY F 92 28.52 8.86 32.09
CA GLY F 92 29.23 8.77 30.83
C GLY F 92 30.66 8.38 31.14
N LYS F 93 31.59 9.28 30.84
CA LYS F 93 32.98 9.05 31.23
C LYS F 93 33.15 9.10 32.74
N LEU F 94 32.32 9.86 33.43
CA LEU F 94 32.30 9.88 34.88
C LEU F 94 31.14 9.04 35.39
N LYS F 95 31.35 8.39 36.53
CA LYS F 95 30.47 7.33 36.96
C LYS F 95 29.65 7.69 38.20
N SER F 96 29.87 8.86 38.79
CA SER F 96 29.12 9.23 39.97
C SER F 96 28.99 10.74 40.03
N LEU F 97 27.95 11.20 40.74
CA LEU F 97 27.68 12.62 40.83
C LEU F 97 28.81 13.38 41.52
N GLU F 98 29.39 12.83 42.59
CA GLU F 98 30.39 13.69 43.22
C GLU F 98 31.73 13.66 42.50
N GLU F 99 31.84 12.90 41.40
CA GLU F 99 32.99 13.06 40.51
C GLU F 99 32.88 14.30 39.63
N VAL F 100 31.76 15.04 39.66
CA VAL F 100 31.63 16.20 38.78
C VAL F 100 32.72 17.19 39.11
N LYS F 101 33.29 17.80 38.06
CA LYS F 101 34.38 18.75 38.15
C LYS F 101 33.98 20.07 37.52
N ASP F 102 34.71 21.12 37.84
CA ASP F 102 34.58 22.35 37.08
C ASP F 102 34.84 22.06 35.60
N GLY F 103 33.93 22.47 34.74
CA GLY F 103 34.07 22.20 33.32
C GLY F 103 33.57 20.84 32.84
N SER F 104 32.94 20.06 33.69
CA SER F 104 32.43 18.75 33.27
C SER F 104 31.42 18.92 32.15
N THR F 105 31.38 17.93 31.26
CA THR F 105 30.49 17.99 30.10
C THR F 105 29.23 17.19 30.40
N VAL F 106 28.09 17.74 29.99
CA VAL F 106 26.80 17.08 30.14
C VAL F 106 26.11 17.18 28.79
N SER F 107 25.74 16.03 28.22
CA SER F 107 25.02 16.05 26.96
C SER F 107 23.54 16.23 27.22
N ALA F 108 22.87 16.90 26.28
CA ALA F 108 21.47 17.30 26.43
C ALA F 108 20.80 17.31 25.06
N PRO F 109 19.50 17.09 25.01
CA PRO F 109 18.79 17.24 23.73
C PRO F 109 18.74 18.70 23.29
N ASN F 110 18.60 18.89 21.98
CA ASN F 110 18.77 20.22 21.42
C ASN F 110 17.44 20.89 21.10
N ASP F 111 16.33 20.27 21.45
CA ASP F 111 15.03 20.85 21.21
C ASP F 111 14.55 21.58 22.46
N PRO F 112 13.81 22.68 22.34
CA PRO F 112 13.67 23.57 23.49
C PRO F 112 12.95 23.00 24.70
N SER F 113 11.89 22.22 24.50
CA SER F 113 11.14 21.74 25.66
C SER F 113 11.92 20.67 26.41
N ASN F 114 12.71 19.86 25.72
CA ASN F 114 13.50 18.87 26.42
C ASN F 114 14.79 19.48 26.96
N PHE F 115 15.36 20.47 26.28
CA PHE F 115 16.51 21.16 26.84
C PHE F 115 16.18 21.81 28.18
N ALA F 116 14.99 22.39 28.29
CA ALA F 116 14.55 22.99 29.54
C ALA F 116 14.66 22.02 30.69
N ARG F 117 14.28 20.76 30.45
CA ARG F 117 14.32 19.76 31.50
C ARG F 117 15.73 19.56 32.01
N VAL F 118 16.72 19.63 31.13
CA VAL F 118 18.10 19.45 31.56
C VAL F 118 18.53 20.60 32.46
N LEU F 119 18.15 21.84 32.11
CA LEU F 119 18.52 22.97 32.95
C LEU F 119 17.89 22.85 34.33
N VAL F 120 16.64 22.42 34.39
CA VAL F 120 16.01 22.27 35.69
C VAL F 120 16.72 21.20 36.51
N MET F 121 17.08 20.09 35.86
CA MET F 121 17.80 19.01 36.54
C MET F 121 19.14 19.51 37.06
N LEU F 122 19.89 20.24 36.24
CA LEU F 122 21.19 20.73 36.67
C LEU F 122 21.05 21.68 37.84
N ASP F 123 19.95 22.45 37.89
CA ASP F 123 19.72 23.32 39.03
C ASP F 123 19.38 22.50 40.28
N GLU F 124 18.61 21.42 40.13
CA GLU F 124 18.28 20.58 41.28
C GLU F 124 19.52 19.92 41.85
N LEU F 125 20.50 19.64 41.00
CA LEU F 125 21.77 19.06 41.42
C LEU F 125 22.72 20.08 42.02
N GLY F 126 22.44 21.37 41.87
CA GLY F 126 23.35 22.40 42.31
C GLY F 126 24.53 22.64 41.40
N TRP F 127 24.46 22.15 40.16
CA TRP F 127 25.57 22.36 39.22
C TRP F 127 25.46 23.68 38.49
N ILE F 128 24.23 24.20 38.36
CA ILE F 128 23.96 25.56 37.90
C ILE F 128 22.89 26.13 38.83
N LYS F 129 22.68 27.44 38.70
CA LYS F 129 21.63 28.15 39.41
C LYS F 129 20.77 28.90 38.41
N LEU F 130 19.49 28.56 38.34
CA LEU F 130 18.54 29.28 37.51
C LEU F 130 18.03 30.52 38.23
N LYS F 131 17.60 31.50 37.45
CA LYS F 131 16.99 32.72 37.98
C LYS F 131 15.69 32.39 38.69
N ASP F 132 15.30 33.26 39.63
CA ASP F 132 14.05 33.09 40.35
C ASP F 132 12.85 33.39 39.44
N GLY F 133 11.75 32.70 39.72
CA GLY F 133 10.49 33.05 39.11
C GLY F 133 10.37 32.78 37.63
N ILE F 134 11.17 31.88 37.08
CA ILE F 134 11.05 31.57 35.67
C ILE F 134 9.95 30.53 35.44
N ASN F 135 9.58 30.36 34.17
CA ASN F 135 8.73 29.28 33.70
C ASN F 135 9.61 28.06 33.52
N PRO F 136 9.49 27.03 34.37
CA PRO F 136 10.38 25.86 34.22
C PRO F 136 10.22 25.17 32.87
N LEU F 137 9.04 25.23 32.27
CA LEU F 137 8.82 24.51 31.02
C LEU F 137 9.56 25.13 29.86
N THR F 138 9.98 26.41 29.95
CA THR F 138 10.70 27.07 28.87
C THR F 138 12.09 27.50 29.31
N ALA F 139 12.62 26.90 30.37
CA ALA F 139 13.94 27.28 30.85
C ALA F 139 14.94 27.21 29.71
N SER F 140 15.73 28.28 29.58
CA SER F 140 16.69 28.42 28.50
C SER F 140 18.00 28.95 29.07
N LYS F 141 19.02 28.99 28.23
CA LYS F 141 20.32 29.50 28.68
C LYS F 141 20.21 30.91 29.26
N ALA F 142 19.31 31.73 28.73
CA ALA F 142 19.15 33.09 29.25
C ALA F 142 18.66 33.09 30.69
N ASP F 143 18.06 32.00 31.16
CA ASP F 143 17.53 31.91 32.50
C ASP F 143 18.56 31.44 33.52
N ILE F 144 19.79 31.15 33.10
CA ILE F 144 20.83 30.72 34.03
C ILE F 144 21.38 31.96 34.75
N ALA F 145 21.27 31.95 36.07
CA ALA F 145 21.82 33.06 36.86
C ALA F 145 23.30 32.91 37.04
N GLU F 146 23.75 31.69 37.29
CA GLU F 146 25.17 31.42 37.49
C GLU F 146 25.41 29.97 37.09
N ASN F 147 26.42 29.76 36.26
CA ASN F 147 26.87 28.41 35.95
C ASN F 147 27.90 28.02 37.01
N LEU F 148 27.38 27.51 38.13
CA LEU F 148 28.18 27.35 39.34
C LEU F 148 29.40 26.47 39.11
N LYS F 149 29.24 25.38 38.37
CA LYS F 149 30.33 24.44 38.13
C LYS F 149 30.91 24.57 36.73
N ASN F 150 30.57 25.65 36.03
CA ASN F 150 31.03 25.87 34.66
C ASN F 150 30.79 24.63 33.79
N ILE F 151 29.61 24.04 33.96
CA ILE F 151 29.22 22.90 33.15
C ILE F 151 29.25 23.30 31.68
N LYS F 152 29.80 22.42 30.86
CA LYS F 152 29.72 22.56 29.41
C LYS F 152 28.61 21.64 28.92
N ILE F 153 27.51 22.23 28.48
CA ILE F 153 26.36 21.49 28.00
C ILE F 153 26.56 21.23 26.51
N VAL F 154 26.54 19.97 26.13
CA VAL F 154 26.79 19.55 24.77
C VAL F 154 25.45 19.17 24.16
N GLU F 155 24.94 19.99 23.23
CA GLU F 155 23.60 19.80 22.69
C GLU F 155 23.65 18.90 21.48
N LEU F 156 22.77 17.90 21.46
CA LEU F 156 22.71 16.90 20.41
C LEU F 156 21.27 16.64 20.06
N GLU F 157 21.05 16.11 18.85
CA GLU F 157 19.74 15.58 18.54
C GLU F 157 19.44 14.43 19.49
N ALA F 158 18.18 14.35 19.96
CA ALA F 158 17.86 13.51 21.11
C ALA F 158 18.26 12.04 20.89
N ALA F 159 18.12 11.52 19.67
CA ALA F 159 18.43 10.11 19.46
C ALA F 159 19.91 9.80 19.64
N GLN F 160 20.78 10.81 19.59
CA GLN F 160 22.21 10.66 19.76
C GLN F 160 22.63 10.53 21.22
N LEU F 161 21.72 10.70 22.16
CA LEU F 161 22.20 10.85 23.53
C LEU F 161 22.71 9.55 24.17
N PRO F 162 22.12 8.37 23.92
CA PRO F 162 22.76 7.15 24.46
C PRO F 162 24.21 6.99 24.02
N ARG F 163 24.51 7.15 22.73
CA ARG F 163 25.88 6.97 22.27
C ARG F 163 26.81 8.08 22.79
N SER F 164 26.25 9.22 23.19
CA SER F 164 27.07 10.35 23.63
C SER F 164 27.83 10.05 24.91
N ARG F 165 27.44 9.00 25.64
CA ARG F 165 28.10 8.65 26.90
C ARG F 165 29.57 8.34 26.71
N ALA F 166 29.99 8.00 25.50
CA ALA F 166 31.41 7.77 25.26
C ALA F 166 32.20 9.07 25.19
N ASP F 167 31.52 10.21 24.97
CA ASP F 167 32.18 11.47 24.65
C ASP F 167 32.02 12.54 25.72
N VAL F 168 31.11 12.37 26.69
CA VAL F 168 30.84 13.36 27.70
C VAL F 168 30.92 12.70 29.08
N ASP F 169 31.06 13.55 30.11
CA ASP F 169 31.15 13.04 31.48
C ASP F 169 29.82 12.44 31.94
N PHE F 170 28.70 13.10 31.61
CA PHE F 170 27.36 12.64 31.97
C PHE F 170 26.41 12.92 30.81
N ALA F 171 25.40 12.06 30.65
CA ALA F 171 24.45 12.22 29.57
C ALA F 171 23.03 12.23 30.12
N VAL F 172 22.23 13.21 29.70
CA VAL F 172 20.83 13.26 30.11
C VAL F 172 20.03 12.69 28.95
N VAL F 173 19.42 11.52 29.14
CA VAL F 173 18.88 10.70 28.06
C VAL F 173 17.38 10.54 28.26
N ASN F 174 16.61 10.83 27.21
CA ASN F 174 15.17 10.60 27.28
C ASN F 174 14.86 9.12 27.46
N GLY F 175 13.83 8.83 28.23
CA GLY F 175 13.54 7.45 28.61
C GLY F 175 13.36 6.50 27.43
N ASN F 176 12.62 6.91 26.40
CA ASN F 176 12.38 5.99 25.30
C ASN F 176 13.68 5.58 24.62
N TYR F 177 14.62 6.51 24.51
CA TYR F 177 15.88 6.19 23.86
C TYR F 177 16.77 5.39 24.80
N ALA F 178 16.72 5.68 26.10
CA ALA F 178 17.49 4.89 27.06
C ALA F 178 17.08 3.44 26.99
N ILE F 179 15.76 3.19 27.05
CA ILE F 179 15.26 1.82 27.11
C ILE F 179 15.64 1.07 25.83
N SER F 180 15.46 1.70 24.68
CA SER F 180 15.72 1.00 23.43
C SER F 180 17.20 0.84 23.12
N SER F 181 18.09 1.51 23.86
CA SER F 181 19.51 1.31 23.72
C SER F 181 20.04 0.32 24.76
N GLY F 182 19.17 -0.28 25.57
CA GLY F 182 19.58 -1.25 26.56
C GLY F 182 19.98 -0.64 27.88
N MET F 183 19.82 0.67 28.04
CA MET F 183 20.06 1.30 29.33
C MET F 183 18.90 0.98 30.28
N LYS F 184 19.23 0.89 31.56
CA LYS F 184 18.24 0.61 32.59
C LYS F 184 18.00 1.87 33.40
N LEU F 185 16.72 2.13 33.72
CA LEU F 185 16.37 3.30 34.51
C LEU F 185 17.10 3.33 35.84
N THR F 186 17.32 2.15 36.46
CA THR F 186 18.06 2.09 37.72
C THR F 186 19.52 2.50 37.59
N GLU F 187 20.06 2.61 36.37
CA GLU F 187 21.42 3.09 36.14
C GLU F 187 21.57 4.59 36.24
N ALA F 188 20.46 5.34 36.19
CA ALA F 188 20.54 6.78 36.28
C ALA F 188 21.11 7.20 37.62
N LEU F 189 21.98 8.20 37.57
CA LEU F 189 22.50 8.80 38.81
C LEU F 189 21.49 9.73 39.46
N PHE F 190 20.57 10.27 38.66
CA PHE F 190 19.57 11.21 39.14
C PHE F 190 18.41 11.16 38.16
N GLN F 191 17.18 11.04 38.67
CA GLN F 191 15.99 11.00 37.84
C GLN F 191 15.18 12.27 38.03
N GLU F 192 14.66 12.81 36.94
CA GLU F 192 13.77 13.95 36.98
C GLU F 192 12.64 13.74 37.99
N PRO F 193 12.46 14.64 38.97
CA PRO F 193 11.31 14.48 39.89
C PRO F 193 9.96 14.78 39.26
N SER F 194 9.92 15.67 38.28
CA SER F 194 8.68 16.20 37.75
C SER F 194 7.75 15.10 37.23
N PHE F 195 6.44 15.39 37.27
CA PHE F 195 5.46 14.60 36.53
C PHE F 195 4.82 15.38 35.38
N ALA F 196 5.38 16.53 35.03
CA ALA F 196 4.83 17.35 33.97
C ALA F 196 5.13 16.80 32.58
N TYR F 197 5.98 15.78 32.47
CA TYR F 197 6.39 15.24 31.18
C TYR F 197 5.94 13.80 30.96
N VAL F 198 4.96 13.34 31.73
CA VAL F 198 4.28 12.11 31.39
C VAL F 198 3.62 12.28 30.03
N ASN F 199 3.86 11.32 29.13
CA ASN F 199 3.54 11.50 27.73
C ASN F 199 2.05 11.36 27.46
N TRP F 200 1.63 11.97 26.35
CA TRP F 200 0.25 12.06 25.91
C TRP F 200 0.15 11.46 24.52
N SER F 201 -0.99 10.82 24.25
CA SER F 201 -1.39 10.59 22.89
C SER F 201 -1.88 11.88 22.24
N ALA F 202 -1.79 11.93 20.92
CA ALA F 202 -2.27 13.10 20.20
C ALA F 202 -3.02 12.66 18.95
N VAL F 203 -4.01 13.48 18.57
CA VAL F 203 -4.84 13.25 17.40
C VAL F 203 -5.07 14.57 16.68
N LYS F 204 -5.57 14.49 15.46
CA LYS F 204 -6.08 15.68 14.78
C LYS F 204 -7.32 16.16 15.53
N THR F 205 -7.44 17.48 15.67
CA THR F 205 -8.55 18.01 16.46
C THR F 205 -9.90 17.55 15.90
N ALA F 206 -9.98 17.38 14.59
CA ALA F 206 -11.22 16.95 13.96
C ALA F 206 -11.69 15.60 14.46
N ASP F 207 -10.79 14.78 15.01
CA ASP F 207 -11.13 13.43 15.45
C ASP F 207 -11.42 13.35 16.94
N LYS F 208 -11.37 14.47 17.67
CA LYS F 208 -11.42 14.43 19.13
C LYS F 208 -12.69 13.77 19.66
N ASP F 209 -13.80 13.88 18.93
CA ASP F 209 -15.08 13.37 19.45
C ASP F 209 -15.47 12.05 18.80
N SER F 210 -14.54 11.39 18.12
CA SER F 210 -14.87 10.15 17.41
C SER F 210 -15.09 8.98 18.36
N GLN F 211 -15.89 8.02 17.88
CA GLN F 211 -16.09 6.81 18.66
C GLN F 211 -14.81 6.00 18.75
N TRP F 212 -14.04 5.93 17.65
CA TRP F 212 -12.82 5.13 17.70
C TRP F 212 -11.87 5.66 18.75
N LEU F 213 -11.76 6.98 18.88
CA LEU F 213 -10.88 7.54 19.89
C LEU F 213 -11.38 7.26 21.30
N LYS F 214 -12.70 7.25 21.50
CA LYS F 214 -13.24 6.87 22.80
C LYS F 214 -12.83 5.45 23.16
N ASP F 215 -12.88 4.55 22.17
CA ASP F 215 -12.50 3.17 22.40
C ASP F 215 -11.01 3.03 22.66
N VAL F 216 -10.18 3.81 21.93
CA VAL F 216 -8.74 3.80 22.21
C VAL F 216 -8.48 4.31 23.62
N THR F 217 -9.13 5.42 24.00
CA THR F 217 -8.95 5.96 25.33
C THR F 217 -9.31 4.94 26.41
N GLU F 218 -10.43 4.25 26.21
CA GLU F 218 -10.84 3.20 27.15
C GLU F 218 -9.79 2.09 27.22
N ALA F 219 -9.20 1.72 26.09
CA ALA F 219 -8.22 0.64 26.10
C ALA F 219 -6.99 1.01 26.90
N TYR F 220 -6.57 2.28 26.87
CA TYR F 220 -5.42 2.72 27.64
C TYR F 220 -5.75 3.02 29.09
N ASN F 221 -7.00 2.89 29.51
CA ASN F 221 -7.34 3.12 30.91
C ASN F 221 -8.04 1.91 31.54
N SER F 222 -7.99 0.76 30.89
CA SER F 222 -8.62 -0.44 31.41
C SER F 222 -7.81 -1.04 32.54
N ASP F 223 -8.50 -1.79 33.41
CA ASP F 223 -7.80 -2.47 34.49
C ASP F 223 -6.73 -3.41 33.92
N ALA F 224 -7.02 -4.07 32.81
CA ALA F 224 -6.05 -5.00 32.24
C ALA F 224 -4.82 -4.26 31.73
N PHE F 225 -5.00 -3.09 31.12
CA PHE F 225 -3.82 -2.37 30.65
C PHE F 225 -2.98 -1.90 31.84
N LYS F 226 -3.63 -1.43 32.90
CA LYS F 226 -2.88 -0.97 34.05
C LYS F 226 -2.10 -2.12 34.68
N ALA F 227 -2.71 -3.30 34.79
CA ALA F 227 -2.01 -4.44 35.35
C ALA F 227 -0.82 -4.83 34.49
N TYR F 228 -1.00 -4.85 33.17
CA TYR F 228 0.10 -5.10 32.25
C TYR F 228 1.20 -4.06 32.41
N ALA F 229 0.81 -2.78 32.47
CA ALA F 229 1.82 -1.73 32.50
C ALA F 229 2.66 -1.78 33.76
N HIS F 230 2.03 -2.06 34.90
CA HIS F 230 2.77 -2.11 36.16
C HIS F 230 3.78 -3.24 36.18
N LYS F 231 3.55 -4.31 35.40
CA LYS F 231 4.48 -5.42 35.34
C LYS F 231 5.53 -5.24 34.25
N ARG F 232 5.10 -4.83 33.06
CA ARG F 232 6.00 -4.71 31.92
C ARG F 232 6.91 -3.50 32.01
N PHE F 233 6.42 -2.41 32.62
CA PHE F 233 7.13 -1.13 32.60
C PHE F 233 7.34 -0.63 34.02
N GLU F 234 8.09 -1.40 34.78
CA GLU F 234 8.41 -1.01 36.14
C GLU F 234 9.25 0.24 36.15
N GLY F 235 8.95 1.12 37.08
CA GLY F 235 9.68 2.36 37.19
C GLY F 235 9.17 3.47 36.30
N TYR F 236 8.13 3.22 35.50
CA TYR F 236 7.56 4.25 34.65
C TYR F 236 6.63 5.14 35.46
N LYS F 237 6.47 6.38 34.99
CA LYS F 237 5.56 7.30 35.62
C LYS F 237 4.19 7.17 34.97
N SER F 238 3.15 7.09 35.82
CA SER F 238 1.78 6.80 35.42
C SER F 238 1.01 8.07 35.07
N PRO F 239 0.02 7.92 34.18
CA PRO F 239 -0.94 9.01 33.94
C PRO F 239 -1.52 9.56 35.22
N ALA F 240 -1.66 10.89 35.29
CA ALA F 240 -2.25 11.52 36.48
C ALA F 240 -3.64 10.97 36.76
N ALA F 241 -4.42 10.69 35.70
CA ALA F 241 -5.80 10.23 35.85
C ALA F 241 -5.90 8.86 36.50
N TRP F 242 -4.81 8.09 36.53
CA TRP F 242 -4.85 6.80 37.19
C TRP F 242 -4.86 6.96 38.70
N ASN F 243 -4.44 8.13 39.19
CA ASN F 243 -4.66 8.54 40.57
C ASN F 243 -3.91 7.66 41.57
N GLU F 244 -2.83 7.03 41.15
CA GLU F 244 -2.15 6.06 42.01
C GLU F 244 -0.91 6.67 42.66
N MET G . -11.72 -14.85 -24.01
CA MET G . -12.48 -14.13 -25.05
C MET G . -12.62 -15.02 -26.25
O MET G . -13.67 -15.05 -26.91
CB MET G . -11.78 -12.85 -25.43
CG MET G . -12.55 -12.02 -26.43
SD MET G . -11.62 -10.52 -26.88
CE MET G . -11.64 -9.60 -25.35
OXT MET G . -11.66 -15.74 -26.59
HA MET G . -13.36 -13.91 -24.70
HB2 MET G . -11.65 -12.31 -24.64
HB3 MET G . -10.92 -13.07 -25.83
HG2 MET G . -12.70 -12.53 -27.23
HG3 MET G . -13.39 -11.74 -26.04
HE1 MET G . -11.16 -8.77 -25.47
HE2 MET G . -12.56 -9.42 -25.10
HE3 MET G . -11.20 -10.13 -24.66
N MET H . -6.98 23.12 -22.39
CA MET H . -7.17 22.85 -23.81
C MET H . -7.79 24.08 -24.48
O MET H . -7.46 24.38 -25.63
CB MET H . -8.07 21.62 -23.96
CG MET H . -8.26 21.19 -25.38
SD MET H . -9.46 19.82 -25.53
CE MET H . -8.56 18.49 -24.75
OXT MET H . -8.60 24.75 -23.86
HA MET H . -6.32 22.65 -24.22
HB2 MET H . -7.67 20.89 -23.48
HB3 MET H . -8.94 21.83 -23.60
HG2 MET H . -8.58 21.93 -25.90
HG3 MET H . -7.41 20.88 -25.73
HE1 MET H . -9.10 17.69 -24.77
HE2 MET H . -7.73 18.35 -25.24
HE3 MET H . -8.36 18.75 -23.83
N MET I . -12.82 -28.64 0.97
CA MET I . -12.15 -29.66 1.79
C MET I . -12.97 -30.95 1.83
O MET I . -14.20 -30.86 1.82
CB MET I . -11.94 -29.12 3.21
CG MET I . -11.17 -30.03 4.14
SD MET I . -11.12 -29.42 5.81
CE MET I . -10.04 -28.01 5.65
OXT MET I . -12.42 -32.07 1.85
HA MET I . -11.28 -29.85 1.42
HB2 MET I . -11.45 -28.28 3.15
HB3 MET I . -12.81 -28.96 3.61
HG2 MET I . -11.59 -30.91 4.14
HG3 MET I . -10.25 -30.10 3.82
HE1 MET I . -9.94 -27.58 6.52
HE2 MET I . -9.17 -28.31 5.33
HE3 MET I . -10.42 -27.38 5.02
N MET J . 10.47 -18.37 21.51
CA MET J . 9.82 -19.65 21.77
C MET J . 10.66 -20.44 22.75
O MET J . 11.89 -20.36 22.65
CB MET J . 9.66 -20.42 20.47
CG MET J . 8.89 -21.73 20.61
SD MET J . 8.84 -22.67 19.09
CE MET J . 7.76 -21.65 18.08
OXT MET J . 10.12 -21.13 23.64
HA MET J . 8.94 -19.50 22.15
HB2 MET J . 9.17 -19.86 19.84
HB3 MET J . 10.54 -20.62 20.12
HG2 MET J . 9.34 -22.29 21.27
HG3 MET J . 7.99 -21.55 20.88
HE1 MET J . 7.65 -22.07 17.21
HE2 MET J . 6.89 -21.59 18.52
HE3 MET J . 8.14 -20.78 17.98
N MET K . 11.81 28.97 -1.69
CA MET K . 12.00 29.56 -0.35
C MET K . 12.75 30.87 -0.46
O MET K . 13.66 30.98 -1.30
CB MET K . 12.79 28.62 0.55
CG MET K . 12.95 29.06 2.01
SD MET K . 14.00 27.96 2.94
CE MET K . 13.02 26.47 2.98
OXT MET K . 12.48 31.78 0.32
HA MET K . 11.14 29.72 0.06
HB2 MET K . 12.34 27.75 0.56
HB3 MET K . 13.68 28.50 0.18
HG2 MET K . 13.35 29.96 2.02
HG3 MET K . 12.07 29.09 2.44
HE1 MET K . 13.50 25.79 3.48
HE2 MET K . 12.18 26.66 3.41
HE3 MET K . 12.86 26.18 2.07
N MET L . 9.25 9.91 25.55
CA MET L . 10.00 11.18 25.58
C MET L . 10.18 11.64 27.00
O MET L . 11.22 12.22 27.35
CB MET L . 9.28 12.28 24.77
CG MET L . 10.03 13.57 24.63
SD MET L . 9.07 14.85 23.79
CE MET L . 9.03 14.16 22.13
OXT MET L . 9.28 11.44 27.82
HA MET L . 10.88 11.05 25.18
HB2 MET L . 9.10 11.94 23.87
HB3 MET L . 8.43 12.48 25.21
HG2 MET L . 10.26 13.91 25.51
HG3 MET L . 10.84 13.42 24.12
HE1 MET L . 8.53 14.76 21.54
HE2 MET L . 9.94 14.08 21.79
HE3 MET L . 8.60 13.29 22.15
#